data_1KY5
#
_entry.id   1KY5
#
_cell.length_a   91.00
_cell.length_b   223.00
_cell.length_c   91.20
_cell.angle_alpha   90.0
_cell.angle_beta   90.0
_cell.angle_gamma   90.0
#
_symmetry.space_group_name_H-M   'P 21 21 2'
#
loop_
_entity.id
_entity.type
_entity.pdbx_description
1 polymer 'S-adenosylhomocysteine hydrolase'
2 non-polymer '1,4-DIHYDRONICOTINAMIDE ADENINE DINUCLEOTIDE'
3 non-polymer "3'-OXO-ADENOSINE"
4 water water
#
_entity_poly.entity_id   1
_entity_poly.type   'polypeptide(L)'
_entity_poly.pdbx_seq_one_letter_code
;ADKLPYKVADIGLAAWGRKALDIAENEMPGLMRMREMYSASKPLKGARIAGCLHMTVETAVLIETLVALGAEVRWSSCNI
FSTQDHAAAAIAKAGIPVFAWKGETDEEYLWCIEQTLHFKDGPLNMILDDGGDLTNLIHTKHPQLLSGIRGISEETTTGV
HNLYKMMANGILKVPAINVNDSVTKSKFDNLYGCRESLIDGIKRATDVMIAGKVAVVAGYGDVGKGCAQALRGFGARVII
TEIEPINALQAAMEGYEVTTMDEACKEGNIFVTTTGCVDIILGRHFEQMKDDAIVCNIGHFDVEIDVKWLNENAVEKVNI
KPQVDRYLLKNGHRIILLAEGRLVNLGCAMGHPSFVMSNSFTNQVMAQIELWTHPDKYPVGVHFLPKKLDEAVAEAHLGK
LNVKLTKLTEKQAQYLGMPINGPFKPDHYRY
;
_entity_poly.pdbx_strand_id   A,B,C,D
#
loop_
_chem_comp.id
_chem_comp.type
_chem_comp.name
_chem_comp.formula
ADY non-polymer 3'-OXO-ADENOSINE 'C10 H11 N5 O4'
NAI non-polymer '1,4-DIHYDRONICOTINAMIDE ADENINE DINUCLEOTIDE' 'C21 H29 N7 O14 P2'
#
# COMPACT_ATOMS: atom_id res chain seq x y z
N ASP A 2 -37.40 40.74 -18.97
CA ASP A 2 -38.30 39.56 -18.82
C ASP A 2 -37.51 38.38 -18.24
N LYS A 3 -36.73 37.72 -19.10
CA LYS A 3 -35.93 36.60 -18.64
C LYS A 3 -34.66 37.19 -17.98
N LEU A 4 -34.04 36.42 -17.09
CA LEU A 4 -32.83 36.87 -16.41
C LEU A 4 -31.58 36.56 -17.26
N PRO A 5 -30.55 37.41 -17.17
CA PRO A 5 -29.30 37.24 -17.92
C PRO A 5 -28.44 36.13 -17.33
N TYR A 6 -28.54 35.98 -16.02
CA TYR A 6 -27.81 34.96 -15.30
C TYR A 6 -28.23 35.07 -13.83
N LYS A 7 -28.02 33.99 -13.07
CA LYS A 7 -28.37 34.00 -11.66
C LYS A 7 -27.31 33.25 -10.87
N VAL A 8 -26.65 33.98 -9.98
CA VAL A 8 -25.59 33.42 -9.15
C VAL A 8 -25.67 34.03 -7.76
N ALA A 9 -24.86 33.51 -6.85
CA ALA A 9 -24.84 33.96 -5.47
C ALA A 9 -24.31 35.38 -5.27
N ASP A 10 -23.03 35.55 -5.56
CA ASP A 10 -22.38 36.84 -5.38
C ASP A 10 -21.36 37.03 -6.49
N ILE A 11 -21.71 37.83 -7.50
CA ILE A 11 -20.81 38.07 -8.62
C ILE A 11 -19.53 38.78 -8.24
N GLY A 12 -19.45 39.22 -7.00
CA GLY A 12 -18.25 39.89 -6.53
C GLY A 12 -17.17 38.86 -6.21
N LEU A 13 -17.48 37.58 -6.43
CA LEU A 13 -16.55 36.50 -6.18
C LEU A 13 -15.76 36.23 -7.45
N ALA A 14 -16.11 36.96 -8.51
CA ALA A 14 -15.47 36.83 -9.81
C ALA A 14 -13.94 36.85 -9.81
N ALA A 15 -13.36 37.92 -9.27
CA ALA A 15 -11.90 38.05 -9.22
C ALA A 15 -11.20 36.83 -8.65
N TRP A 16 -11.73 36.31 -7.54
CA TRP A 16 -11.15 35.15 -6.91
C TRP A 16 -11.37 33.93 -7.78
N GLY A 17 -12.57 33.81 -8.32
CA GLY A 17 -12.86 32.68 -9.18
C GLY A 17 -11.89 32.63 -10.33
N ARG A 18 -11.73 33.77 -11.02
CA ARG A 18 -10.82 33.89 -12.17
C ARG A 18 -9.42 33.37 -11.89
N LYS A 19 -8.89 33.70 -10.72
CA LYS A 19 -7.56 33.24 -10.35
C LYS A 19 -7.64 31.72 -10.27
N ALA A 20 -8.71 31.24 -9.64
CA ALA A 20 -8.96 29.81 -9.49
C ALA A 20 -8.99 29.15 -10.86
N LEU A 21 -9.76 29.73 -11.77
CA LEU A 21 -9.84 29.17 -13.12
C LEU A 21 -8.45 29.09 -13.74
N ASP A 22 -7.73 30.20 -13.70
CA ASP A 22 -6.38 30.27 -14.28
C ASP A 22 -5.43 29.22 -13.73
N ILE A 23 -5.42 29.04 -12.42
CA ILE A 23 -4.55 28.04 -11.77
C ILE A 23 -4.95 26.65 -12.27
N ALA A 24 -6.26 26.44 -12.42
CA ALA A 24 -6.81 25.18 -12.87
C ALA A 24 -6.50 24.90 -14.34
N GLU A 25 -6.64 25.92 -15.19
CA GLU A 25 -6.33 25.74 -16.61
C GLU A 25 -4.94 25.13 -16.77
N ASN A 26 -4.01 25.52 -15.91
CA ASN A 26 -2.65 24.98 -15.97
C ASN A 26 -2.64 23.50 -15.61
N GLU A 27 -3.72 23.03 -15.00
CA GLU A 27 -3.79 21.62 -14.60
C GLU A 27 -4.57 20.76 -15.59
N MET A 28 -5.35 21.39 -16.46
CA MET A 28 -6.14 20.64 -17.44
C MET A 28 -5.54 20.72 -18.84
N PRO A 29 -4.53 19.88 -19.12
CA PRO A 29 -3.86 19.85 -20.43
C PRO A 29 -4.80 19.58 -21.62
N GLY A 30 -5.56 18.51 -21.53
CA GLY A 30 -6.46 18.18 -22.60
C GLY A 30 -7.40 19.32 -22.95
N LEU A 31 -8.02 19.95 -21.95
CA LEU A 31 -8.94 21.05 -22.22
C LEU A 31 -8.23 22.18 -22.96
N MET A 32 -7.03 22.55 -22.51
CA MET A 32 -6.30 23.63 -23.15
C MET A 32 -5.84 23.22 -24.54
N ARG A 33 -5.58 21.92 -24.72
CA ARG A 33 -5.12 21.41 -26.01
C ARG A 33 -6.27 21.47 -27.01
N MET A 34 -7.49 21.27 -26.53
CA MET A 34 -8.66 21.34 -27.39
C MET A 34 -8.86 22.79 -27.81
N ARG A 35 -8.47 23.72 -26.94
CA ARG A 35 -8.59 25.15 -27.21
C ARG A 35 -7.57 25.61 -28.26
N GLU A 36 -6.33 25.19 -28.06
CA GLU A 36 -5.24 25.56 -28.93
C GLU A 36 -5.33 24.93 -30.30
N MET A 37 -6.28 24.03 -30.48
CA MET A 37 -6.43 23.34 -31.76
C MET A 37 -7.70 23.64 -32.54
N TYR A 38 -8.79 23.96 -31.85
CA TYR A 38 -10.05 24.22 -32.53
C TYR A 38 -10.65 25.61 -32.29
N SER A 39 -9.84 26.55 -31.81
CA SER A 39 -10.32 27.91 -31.51
C SER A 39 -10.59 28.73 -32.77
N ALA A 40 -9.75 28.54 -33.79
CA ALA A 40 -9.91 29.25 -35.05
C ALA A 40 -10.99 28.60 -35.93
N SER A 41 -10.95 27.28 -36.05
CA SER A 41 -11.93 26.55 -36.84
C SER A 41 -13.31 26.66 -36.22
N LYS A 42 -13.36 26.88 -34.91
CA LYS A 42 -14.63 27.02 -34.19
C LYS A 42 -15.61 25.93 -34.65
N PRO A 43 -15.23 24.65 -34.43
CA PRO A 43 -16.08 23.52 -34.84
C PRO A 43 -17.46 23.51 -34.22
N LEU A 44 -17.61 24.21 -33.11
CA LEU A 44 -18.91 24.24 -32.44
C LEU A 44 -19.70 25.49 -32.82
N LYS A 45 -19.36 26.05 -33.97
CA LYS A 45 -20.02 27.23 -34.45
C LYS A 45 -21.46 26.88 -34.81
N GLY A 46 -22.40 27.71 -34.35
CA GLY A 46 -23.80 27.46 -34.63
C GLY A 46 -24.46 26.66 -33.52
N ALA A 47 -23.64 26.07 -32.64
CA ALA A 47 -24.17 25.25 -31.54
C ALA A 47 -24.69 26.08 -30.36
N ARG A 48 -25.80 25.64 -29.78
CA ARG A 48 -26.41 26.30 -28.63
C ARG A 48 -26.56 25.20 -27.59
N ILE A 49 -25.53 25.05 -26.78
CA ILE A 49 -25.49 24.02 -25.77
C ILE A 49 -26.09 24.36 -24.43
N ALA A 50 -26.88 23.42 -23.90
CA ALA A 50 -27.50 23.55 -22.59
C ALA A 50 -26.83 22.45 -21.79
N GLY A 51 -26.17 22.82 -20.69
CA GLY A 51 -25.49 21.83 -19.89
C GLY A 51 -25.96 21.78 -18.45
N CYS A 52 -26.03 20.57 -17.91
CA CYS A 52 -26.44 20.36 -16.53
C CYS A 52 -25.30 19.59 -15.90
N LEU A 53 -24.37 20.34 -15.31
CA LEU A 53 -23.18 19.79 -14.66
C LEU A 53 -22.80 20.69 -13.49
N HIS A 54 -22.27 20.09 -12.42
CA HIS A 54 -21.89 20.84 -11.24
C HIS A 54 -21.06 22.04 -11.63
N MET A 55 -21.58 23.23 -11.37
CA MET A 55 -20.85 24.45 -11.73
C MET A 55 -19.64 24.62 -10.84
N THR A 56 -18.53 24.05 -11.26
CA THR A 56 -17.29 24.12 -10.50
C THR A 56 -16.23 24.88 -11.28
N VAL A 57 -15.07 25.03 -10.69
CA VAL A 57 -13.98 25.70 -11.36
C VAL A 57 -13.66 24.85 -12.58
N GLU A 58 -13.57 23.54 -12.37
CA GLU A 58 -13.27 22.61 -13.46
C GLU A 58 -14.25 22.74 -14.61
N THR A 59 -15.51 22.97 -14.28
CA THR A 59 -16.56 23.11 -15.29
C THR A 59 -16.47 24.44 -16.04
N ALA A 60 -15.96 25.46 -15.35
CA ALA A 60 -15.82 26.77 -15.95
C ALA A 60 -14.82 26.65 -17.08
N VAL A 61 -13.75 25.89 -16.85
CA VAL A 61 -12.72 25.71 -17.85
C VAL A 61 -13.28 24.92 -19.01
N LEU A 62 -14.31 24.13 -18.74
CA LEU A 62 -14.97 23.35 -19.79
C LEU A 62 -15.82 24.32 -20.64
N ILE A 63 -16.75 25.01 -19.97
CA ILE A 63 -17.62 25.98 -20.61
C ILE A 63 -16.85 26.99 -21.47
N GLU A 64 -15.76 27.51 -20.93
CA GLU A 64 -14.95 28.49 -21.63
C GLU A 64 -14.30 27.87 -22.83
N THR A 65 -13.94 26.61 -22.73
CA THR A 65 -13.33 25.92 -23.85
C THR A 65 -14.37 25.72 -24.94
N LEU A 66 -15.61 25.49 -24.52
CA LEU A 66 -16.66 25.27 -25.48
C LEU A 66 -16.97 26.57 -26.21
N VAL A 67 -16.93 27.67 -25.48
CA VAL A 67 -17.20 28.98 -26.06
C VAL A 67 -16.05 29.33 -27.00
N ALA A 68 -14.85 28.90 -26.62
CA ALA A 68 -13.65 29.16 -27.43
C ALA A 68 -13.78 28.48 -28.78
N LEU A 69 -14.43 27.31 -28.81
CA LEU A 69 -14.63 26.55 -30.03
C LEU A 69 -15.83 27.00 -30.84
N GLY A 70 -16.37 28.17 -30.49
CA GLY A 70 -17.49 28.73 -31.22
C GLY A 70 -18.89 28.49 -30.70
N ALA A 71 -19.02 27.68 -29.65
CA ALA A 71 -20.32 27.37 -29.10
C ALA A 71 -20.97 28.53 -28.34
N GLU A 72 -22.27 28.42 -28.13
CA GLU A 72 -23.03 29.39 -27.36
C GLU A 72 -23.47 28.50 -26.20
N VAL A 73 -23.24 28.95 -24.96
CA VAL A 73 -23.56 28.12 -23.80
C VAL A 73 -24.43 28.76 -22.72
N ARG A 74 -25.29 27.95 -22.12
CA ARG A 74 -26.18 28.37 -21.04
C ARG A 74 -26.06 27.24 -20.02
N TRP A 75 -25.58 27.56 -18.83
CA TRP A 75 -25.36 26.52 -17.81
C TRP A 75 -26.22 26.50 -16.56
N SER A 76 -26.15 25.34 -15.91
CA SER A 76 -26.88 25.06 -14.66
C SER A 76 -26.17 23.88 -14.01
N SER A 77 -26.25 23.82 -12.68
CA SER A 77 -25.61 22.75 -11.95
C SER A 77 -26.58 21.57 -11.84
N CYS A 78 -26.04 20.37 -11.76
CA CYS A 78 -26.89 19.20 -11.65
C CYS A 78 -26.94 18.76 -10.20
N ASN A 79 -26.69 19.69 -9.28
CA ASN A 79 -26.70 19.42 -7.84
C ASN A 79 -26.92 20.73 -7.11
N ILE A 80 -27.77 20.69 -6.09
CA ILE A 80 -28.08 21.90 -5.31
C ILE A 80 -26.96 22.33 -4.36
N PHE A 81 -25.98 21.48 -4.11
CA PHE A 81 -24.87 21.80 -3.23
C PHE A 81 -23.50 21.76 -3.91
N SER A 82 -23.43 21.22 -5.12
CA SER A 82 -22.16 21.09 -5.86
C SER A 82 -21.55 22.36 -6.43
N THR A 83 -22.36 23.40 -6.58
CA THR A 83 -21.88 24.65 -7.15
C THR A 83 -20.74 25.28 -6.35
N GLN A 84 -19.83 25.93 -7.06
CA GLN A 84 -18.72 26.62 -6.45
C GLN A 84 -18.93 28.08 -6.84
N ASP A 85 -19.64 28.80 -5.97
CA ASP A 85 -19.99 30.19 -6.20
C ASP A 85 -18.95 31.15 -6.77
N HIS A 86 -17.65 30.96 -6.50
CA HIS A 86 -16.67 31.87 -7.09
C HIS A 86 -16.44 31.55 -8.58
N ALA A 87 -16.56 30.28 -8.94
CA ALA A 87 -16.39 29.84 -10.33
C ALA A 87 -17.62 30.20 -11.15
N ALA A 88 -18.78 30.23 -10.50
CA ALA A 88 -20.03 30.56 -11.17
C ALA A 88 -20.12 32.06 -11.40
N ALA A 89 -19.59 32.84 -10.48
CA ALA A 89 -19.60 34.30 -10.63
C ALA A 89 -18.53 34.74 -11.63
N ALA A 90 -17.67 33.82 -12.02
CA ALA A 90 -16.62 34.11 -12.98
C ALA A 90 -17.17 33.92 -14.37
N ILE A 91 -17.98 32.87 -14.52
CA ILE A 91 -18.59 32.54 -15.81
C ILE A 91 -19.68 33.56 -16.11
N ALA A 92 -20.32 34.06 -15.08
CA ALA A 92 -21.38 35.05 -15.28
C ALA A 92 -20.73 36.35 -15.76
N LYS A 93 -19.69 36.79 -15.05
CA LYS A 93 -18.98 38.01 -15.42
C LYS A 93 -18.40 37.88 -16.82
N ALA A 94 -17.86 36.70 -17.14
CA ALA A 94 -17.30 36.43 -18.46
C ALA A 94 -18.34 36.72 -19.53
N GLY A 95 -19.58 36.89 -19.09
CA GLY A 95 -20.64 37.19 -20.03
C GLY A 95 -21.46 35.97 -20.39
N ILE A 96 -21.21 34.83 -19.75
CA ILE A 96 -21.96 33.61 -20.03
C ILE A 96 -23.13 33.46 -19.06
N PRO A 97 -24.32 33.15 -19.58
CA PRO A 97 -25.48 33.01 -18.71
C PRO A 97 -25.38 31.79 -17.82
N VAL A 98 -25.17 32.02 -16.53
CA VAL A 98 -25.09 30.96 -15.52
C VAL A 98 -26.16 31.14 -14.47
N PHE A 99 -26.95 30.08 -14.25
CA PHE A 99 -28.00 30.11 -13.24
C PHE A 99 -27.67 29.00 -12.24
N ALA A 100 -26.82 29.32 -11.28
CA ALA A 100 -26.42 28.34 -10.28
C ALA A 100 -25.78 28.93 -9.05
N TRP A 101 -26.09 28.33 -7.90
CA TRP A 101 -25.51 28.73 -6.63
C TRP A 101 -25.53 27.53 -5.70
N LYS A 102 -24.78 27.63 -4.61
CA LYS A 102 -24.69 26.54 -3.67
C LYS A 102 -25.82 26.66 -2.69
N GLY A 103 -26.64 25.62 -2.62
CA GLY A 103 -27.75 25.59 -1.69
C GLY A 103 -29.07 26.05 -2.23
N GLU A 104 -29.43 25.61 -3.42
CA GLU A 104 -30.72 26.01 -3.98
C GLU A 104 -31.81 25.08 -3.47
N THR A 105 -33.04 25.58 -3.40
CA THR A 105 -34.14 24.73 -2.97
C THR A 105 -34.45 23.84 -4.19
N ASP A 106 -35.01 22.66 -3.95
CA ASP A 106 -35.30 21.76 -5.05
C ASP A 106 -36.10 22.50 -6.13
N GLU A 107 -36.88 23.47 -5.70
CA GLU A 107 -37.69 24.25 -6.61
C GLU A 107 -36.85 25.18 -7.49
N GLU A 108 -35.81 25.79 -6.92
CA GLU A 108 -34.93 26.68 -7.70
C GLU A 108 -34.10 25.83 -8.63
N TYR A 109 -33.73 24.63 -8.17
CA TYR A 109 -32.94 23.74 -8.98
C TYR A 109 -33.59 23.51 -10.35
N LEU A 110 -34.91 23.52 -10.39
CA LEU A 110 -35.60 23.30 -11.66
C LEU A 110 -35.62 24.57 -12.51
N TRP A 111 -35.97 25.68 -11.88
CA TRP A 111 -36.04 26.97 -12.59
C TRP A 111 -34.73 27.25 -13.28
N CYS A 112 -33.63 26.94 -12.60
CA CYS A 112 -32.31 27.16 -13.14
C CYS A 112 -32.12 26.40 -14.44
N ILE A 113 -32.52 25.13 -14.48
CA ILE A 113 -32.36 24.36 -15.71
C ILE A 113 -33.24 24.94 -16.82
N GLU A 114 -34.44 25.36 -16.45
CA GLU A 114 -35.38 25.92 -17.41
C GLU A 114 -34.85 27.16 -18.08
N GLN A 115 -34.02 27.92 -17.38
CA GLN A 115 -33.46 29.13 -17.95
C GLN A 115 -32.58 28.81 -19.15
N THR A 116 -31.81 27.74 -19.03
CA THR A 116 -30.88 27.34 -20.08
C THR A 116 -31.50 26.64 -21.28
N LEU A 117 -32.80 26.74 -21.44
CA LEU A 117 -33.47 26.06 -22.55
C LEU A 117 -33.69 26.90 -23.80
N HIS A 118 -33.70 28.23 -23.64
CA HIS A 118 -33.91 29.09 -24.79
C HIS A 118 -32.85 30.14 -24.94
N PHE A 119 -32.20 30.12 -26.10
CA PHE A 119 -31.13 31.07 -26.41
C PHE A 119 -31.70 32.21 -27.25
N LYS A 120 -30.82 33.16 -27.55
CA LYS A 120 -31.17 34.33 -28.33
C LYS A 120 -31.71 33.89 -29.68
N ASP A 121 -30.90 33.10 -30.38
CA ASP A 121 -31.22 32.60 -31.70
C ASP A 121 -32.31 31.54 -31.68
N GLY A 122 -32.83 31.26 -30.50
CA GLY A 122 -33.86 30.25 -30.34
C GLY A 122 -33.47 29.19 -29.32
N PRO A 123 -34.25 28.11 -29.19
CA PRO A 123 -33.96 27.02 -28.24
C PRO A 123 -32.64 26.26 -28.47
N LEU A 124 -32.30 25.41 -27.52
CA LEU A 124 -31.07 24.64 -27.61
C LEU A 124 -31.08 23.71 -28.83
N ASN A 125 -29.90 23.23 -29.19
CA ASN A 125 -29.78 22.28 -30.28
C ASN A 125 -28.78 21.19 -29.89
N MET A 126 -28.24 21.32 -28.66
CA MET A 126 -27.27 20.40 -28.09
C MET A 126 -27.46 20.27 -26.57
N ILE A 127 -27.20 19.08 -26.03
CA ILE A 127 -27.33 18.82 -24.59
C ILE A 127 -26.07 18.19 -24.00
N LEU A 128 -25.53 18.83 -22.95
CA LEU A 128 -24.37 18.34 -22.23
C LEU A 128 -24.92 18.05 -20.84
N ASP A 129 -25.10 16.77 -20.52
CA ASP A 129 -25.68 16.38 -19.24
C ASP A 129 -24.81 15.53 -18.33
N ASP A 130 -25.14 15.55 -17.05
CA ASP A 130 -24.45 14.80 -16.01
C ASP A 130 -25.54 14.41 -15.00
N GLY A 131 -25.98 13.16 -15.01
CA GLY A 131 -27.02 12.75 -14.08
C GLY A 131 -28.31 12.38 -14.79
N GLY A 132 -28.60 13.02 -15.91
CA GLY A 132 -29.81 12.70 -16.67
C GLY A 132 -31.01 13.63 -16.52
N ASP A 133 -30.90 14.64 -15.67
CA ASP A 133 -32.01 15.56 -15.44
C ASP A 133 -32.40 16.43 -16.64
N LEU A 134 -31.41 16.95 -17.34
CA LEU A 134 -31.67 17.78 -18.50
C LEU A 134 -32.30 16.99 -19.64
N THR A 135 -31.71 15.86 -20.04
CA THR A 135 -32.25 15.08 -21.14
C THR A 135 -33.60 14.45 -20.83
N ASN A 136 -33.97 14.47 -19.56
CA ASN A 136 -35.24 13.91 -19.15
C ASN A 136 -36.23 15.04 -18.98
N LEU A 137 -35.79 16.19 -18.49
CA LEU A 137 -36.70 17.33 -18.34
C LEU A 137 -37.37 17.64 -19.67
N ILE A 138 -36.62 17.53 -20.74
CA ILE A 138 -37.10 17.81 -22.09
C ILE A 138 -37.89 16.64 -22.68
N HIS A 139 -37.38 15.43 -22.50
CA HIS A 139 -38.04 14.26 -23.06
C HIS A 139 -39.43 14.12 -22.48
N THR A 140 -39.60 14.53 -21.23
CA THR A 140 -40.89 14.38 -20.57
C THR A 140 -41.69 15.64 -20.33
N LYS A 141 -41.02 16.79 -20.26
CA LYS A 141 -41.74 18.06 -20.02
C LYS A 141 -41.84 18.92 -21.27
N HIS A 142 -40.77 18.96 -22.06
CA HIS A 142 -40.79 19.76 -23.28
C HIS A 142 -40.37 18.91 -24.46
N PRO A 143 -41.26 18.02 -24.91
CA PRO A 143 -40.99 17.12 -26.03
C PRO A 143 -40.91 17.83 -27.37
N GLN A 144 -41.47 19.03 -27.42
CA GLN A 144 -41.46 19.82 -28.65
C GLN A 144 -40.08 20.28 -29.05
N LEU A 145 -39.14 20.17 -28.13
CA LEU A 145 -37.77 20.61 -28.37
C LEU A 145 -36.86 19.48 -28.86
N LEU A 146 -37.29 18.24 -28.65
CA LEU A 146 -36.50 17.09 -29.07
C LEU A 146 -36.05 17.20 -30.52
N SER A 147 -36.90 17.80 -31.34
CA SER A 147 -36.65 17.96 -32.77
C SER A 147 -35.46 18.84 -33.07
N GLY A 148 -35.28 19.88 -32.26
CA GLY A 148 -34.18 20.81 -32.46
C GLY A 148 -32.87 20.45 -31.80
N ILE A 149 -32.82 19.31 -31.12
CA ILE A 149 -31.58 18.91 -30.46
C ILE A 149 -30.89 17.88 -31.31
N ARG A 150 -29.63 18.15 -31.62
CA ARG A 150 -28.84 17.25 -32.47
C ARG A 150 -28.17 16.10 -31.72
N GLY A 151 -27.90 16.27 -30.43
CA GLY A 151 -27.24 15.22 -29.67
C GLY A 151 -27.19 15.39 -28.16
N ILE A 152 -26.69 14.37 -27.48
CA ILE A 152 -26.58 14.36 -26.03
C ILE A 152 -25.21 13.84 -25.56
N SER A 153 -24.69 14.45 -24.50
CA SER A 153 -23.39 14.08 -23.92
C SER A 153 -23.65 13.75 -22.45
N GLU A 154 -23.45 12.48 -22.08
CA GLU A 154 -23.70 12.07 -20.70
C GLU A 154 -22.42 11.83 -19.94
N GLU A 155 -22.31 12.54 -18.82
CA GLU A 155 -21.15 12.49 -17.97
C GLU A 155 -20.99 11.27 -17.08
N THR A 156 -22.04 10.95 -16.31
CA THR A 156 -21.95 9.87 -15.33
C THR A 156 -22.72 8.57 -15.51
N THR A 157 -22.25 7.54 -14.82
CA THR A 157 -22.86 6.21 -14.87
C THR A 157 -24.38 6.20 -14.79
N THR A 158 -24.91 6.75 -13.70
CA THR A 158 -26.36 6.81 -13.52
C THR A 158 -27.04 7.42 -14.74
N GLY A 159 -26.44 8.46 -15.30
CA GLY A 159 -27.03 9.09 -16.47
C GLY A 159 -27.03 8.17 -17.66
N VAL A 160 -25.91 7.51 -17.89
CA VAL A 160 -25.78 6.61 -19.03
C VAL A 160 -26.65 5.37 -18.86
N HIS A 161 -26.92 4.98 -17.62
CA HIS A 161 -27.74 3.81 -17.35
C HIS A 161 -29.17 4.13 -17.76
N ASN A 162 -29.57 5.38 -17.59
CA ASN A 162 -30.93 5.79 -17.93
C ASN A 162 -31.10 5.93 -19.43
N LEU A 163 -30.02 6.28 -20.13
CA LEU A 163 -30.05 6.42 -21.57
C LEU A 163 -30.32 5.04 -22.15
N TYR A 164 -29.53 4.06 -21.73
CA TYR A 164 -29.70 2.69 -22.20
C TYR A 164 -31.10 2.18 -21.91
N LYS A 165 -31.73 2.76 -20.88
CA LYS A 165 -33.10 2.40 -20.46
C LYS A 165 -34.14 3.05 -21.39
N MET A 166 -34.05 4.37 -21.53
CA MET A 166 -34.96 5.10 -22.38
C MET A 166 -35.01 4.42 -23.74
N MET A 167 -33.82 4.12 -24.28
CA MET A 167 -33.71 3.48 -25.58
C MET A 167 -34.43 2.13 -25.55
N ALA A 168 -34.20 1.38 -24.47
CA ALA A 168 -34.81 0.06 -24.34
C ALA A 168 -36.30 0.15 -24.49
N ASN A 169 -36.90 1.19 -23.93
CA ASN A 169 -38.34 1.35 -24.01
C ASN A 169 -38.77 2.31 -25.09
N GLY A 170 -37.88 2.56 -26.04
CA GLY A 170 -38.19 3.48 -27.13
C GLY A 170 -38.62 4.87 -26.69
N ILE A 171 -37.92 5.44 -25.70
CA ILE A 171 -38.22 6.76 -25.20
C ILE A 171 -37.20 7.80 -25.68
N LEU A 172 -36.01 7.33 -26.08
CA LEU A 172 -34.95 8.21 -26.56
C LEU A 172 -35.21 8.71 -27.97
N LYS A 173 -35.44 10.00 -28.09
CA LYS A 173 -35.70 10.63 -29.38
C LYS A 173 -34.50 11.37 -29.99
N VAL A 174 -33.36 11.40 -29.30
CA VAL A 174 -32.17 12.05 -29.83
C VAL A 174 -30.93 11.21 -29.51
N PRO A 175 -29.87 11.31 -30.34
CA PRO A 175 -28.65 10.54 -30.11
C PRO A 175 -27.88 11.00 -28.87
N ALA A 176 -27.06 10.11 -28.30
CA ALA A 176 -26.31 10.45 -27.12
C ALA A 176 -25.00 9.68 -27.16
N ILE A 177 -23.98 10.21 -26.48
CA ILE A 177 -22.68 9.56 -26.42
C ILE A 177 -22.38 9.21 -24.97
N ASN A 178 -22.11 7.94 -24.72
CA ASN A 178 -21.77 7.48 -23.40
C ASN A 178 -20.34 7.97 -23.15
N VAL A 179 -20.21 9.11 -22.46
CA VAL A 179 -18.91 9.70 -22.15
C VAL A 179 -18.27 8.97 -20.96
N ASN A 180 -19.12 8.60 -19.99
CA ASN A 180 -18.67 7.90 -18.80
C ASN A 180 -17.85 6.66 -19.11
N ASP A 181 -18.39 5.79 -19.95
CA ASP A 181 -17.73 4.55 -20.31
C ASP A 181 -16.41 4.69 -21.05
N SER A 182 -16.00 5.92 -21.30
CA SER A 182 -14.73 6.13 -21.97
C SER A 182 -13.65 5.67 -20.99
N VAL A 183 -12.74 4.82 -21.45
CA VAL A 183 -11.68 4.32 -20.56
C VAL A 183 -10.99 5.43 -19.80
N THR A 184 -10.67 6.53 -20.49
CA THR A 184 -9.98 7.65 -19.85
C THR A 184 -10.89 8.48 -18.96
N LYS A 185 -12.15 8.06 -18.86
CA LYS A 185 -13.13 8.73 -18.01
C LYS A 185 -13.46 7.80 -16.83
N SER A 186 -13.87 6.58 -17.12
CA SER A 186 -14.21 5.65 -16.06
C SER A 186 -13.02 5.21 -15.20
N LYS A 187 -11.92 4.87 -15.84
CA LYS A 187 -10.75 4.41 -15.12
C LYS A 187 -9.90 5.52 -14.50
N PHE A 188 -10.25 6.77 -14.74
CA PHE A 188 -9.48 7.86 -14.17
C PHE A 188 -10.31 8.79 -13.30
N ASP A 189 -11.49 9.18 -13.80
CA ASP A 189 -12.38 10.06 -13.07
C ASP A 189 -13.10 9.30 -11.97
N ASN A 190 -13.77 8.22 -12.34
CA ASN A 190 -14.51 7.43 -11.38
C ASN A 190 -13.64 6.77 -10.33
N LEU A 191 -12.50 6.22 -10.75
CA LEU A 191 -11.60 5.54 -9.82
C LEU A 191 -10.64 6.47 -9.08
N TYR A 192 -9.73 7.14 -9.81
CA TYR A 192 -8.75 8.03 -9.18
C TYR A 192 -9.35 9.31 -8.59
N GLY A 193 -10.35 9.88 -9.26
CA GLY A 193 -10.94 11.10 -8.75
C GLY A 193 -11.52 10.89 -7.36
N CYS A 194 -12.29 9.81 -7.19
CA CYS A 194 -12.93 9.48 -5.93
C CYS A 194 -11.94 9.05 -4.83
N ARG A 195 -10.82 8.46 -5.23
CA ARG A 195 -9.82 8.02 -4.30
C ARG A 195 -9.30 9.23 -3.57
N GLU A 196 -9.33 10.38 -4.23
CA GLU A 196 -8.84 11.62 -3.63
C GLU A 196 -9.95 12.54 -3.08
N SER A 197 -11.01 12.70 -3.86
CA SER A 197 -12.11 13.60 -3.50
C SER A 197 -13.14 13.11 -2.52
N LEU A 198 -13.15 11.83 -2.17
CA LEU A 198 -14.15 11.35 -1.22
C LEU A 198 -13.78 11.86 0.15
N ILE A 199 -12.59 11.47 0.60
CA ILE A 199 -12.05 11.86 1.90
C ILE A 199 -11.99 13.38 2.06
N ASP A 200 -11.74 14.10 0.97
CA ASP A 200 -11.70 15.56 1.02
C ASP A 200 -13.06 16.02 1.50
N GLY A 201 -14.10 15.26 1.14
CA GLY A 201 -15.46 15.61 1.54
C GLY A 201 -15.69 15.28 2.98
N ILE A 202 -15.36 14.05 3.38
CA ILE A 202 -15.53 13.59 4.77
C ILE A 202 -14.74 14.48 5.73
N LYS A 203 -13.44 14.66 5.45
CA LYS A 203 -12.54 15.47 6.27
C LYS A 203 -12.99 16.90 6.48
N ARG A 204 -13.20 17.63 5.39
CA ARG A 204 -13.62 19.02 5.50
C ARG A 204 -14.86 19.19 6.34
N ALA A 205 -15.75 18.21 6.28
CA ALA A 205 -17.01 18.25 7.02
C ALA A 205 -16.91 17.77 8.46
N THR A 206 -16.28 16.62 8.65
CA THR A 206 -16.16 16.05 9.98
C THR A 206 -14.80 16.21 10.61
N ASP A 207 -13.74 16.23 9.80
CA ASP A 207 -12.38 16.37 10.33
C ASP A 207 -12.08 15.11 11.12
N VAL A 208 -12.81 14.05 10.80
CA VAL A 208 -12.68 12.74 11.45
C VAL A 208 -11.35 12.08 11.14
N MET A 209 -10.85 11.28 12.06
CA MET A 209 -9.60 10.59 11.83
C MET A 209 -9.97 9.31 11.11
N ILE A 210 -9.29 9.04 9.99
CA ILE A 210 -9.58 7.83 9.24
C ILE A 210 -8.91 6.61 9.85
N ALA A 211 -7.63 6.72 10.20
CA ALA A 211 -6.91 5.59 10.77
C ALA A 211 -7.59 5.01 12.01
N GLY A 212 -7.71 3.69 12.05
CA GLY A 212 -8.33 3.05 13.20
C GLY A 212 -9.83 2.81 13.06
N LYS A 213 -10.48 3.50 12.13
CA LYS A 213 -11.91 3.31 11.95
C LYS A 213 -12.27 2.13 11.05
N VAL A 214 -13.55 1.81 11.01
CA VAL A 214 -14.05 0.74 10.16
C VAL A 214 -14.91 1.45 9.09
N ALA A 215 -14.54 1.31 7.82
CA ALA A 215 -15.28 1.95 6.75
C ALA A 215 -16.01 0.94 5.86
N VAL A 216 -17.32 1.11 5.74
CA VAL A 216 -18.16 0.24 4.90
C VAL A 216 -18.50 0.96 3.60
N VAL A 217 -18.12 0.34 2.49
CA VAL A 217 -18.37 0.89 1.17
C VAL A 217 -19.28 -0.06 0.38
N ALA A 218 -20.44 0.46 -0.03
CA ALA A 218 -21.41 -0.33 -0.78
C ALA A 218 -21.16 -0.16 -2.27
N GLY A 219 -20.86 -1.27 -2.94
CA GLY A 219 -20.61 -1.25 -4.37
C GLY A 219 -19.12 -1.22 -4.64
N TYR A 220 -18.64 -2.13 -5.48
CA TYR A 220 -17.25 -2.18 -5.82
C TYR A 220 -16.97 -1.80 -7.28
N GLY A 221 -17.70 -0.81 -7.78
CA GLY A 221 -17.46 -0.38 -9.14
C GLY A 221 -16.19 0.44 -9.08
N ASP A 222 -15.88 1.17 -10.14
CA ASP A 222 -14.70 2.01 -10.16
C ASP A 222 -14.73 3.00 -9.01
N VAL A 223 -15.90 3.56 -8.72
CA VAL A 223 -16.03 4.49 -7.61
C VAL A 223 -15.76 3.73 -6.31
N GLY A 224 -16.35 2.55 -6.17
CA GLY A 224 -16.12 1.77 -4.97
C GLY A 224 -14.66 1.43 -4.74
N LYS A 225 -14.00 0.93 -5.78
CA LYS A 225 -12.58 0.57 -5.67
C LYS A 225 -11.73 1.76 -5.27
N GLY A 226 -12.07 2.93 -5.80
CA GLY A 226 -11.33 4.14 -5.49
C GLY A 226 -11.56 4.60 -4.07
N CYS A 227 -12.80 4.49 -3.60
CA CYS A 227 -13.12 4.89 -2.23
C CYS A 227 -12.49 3.92 -1.23
N ALA A 228 -12.57 2.63 -1.55
CA ALA A 228 -12.01 1.60 -0.68
C ALA A 228 -10.52 1.79 -0.49
N GLN A 229 -9.80 1.95 -1.59
CA GLN A 229 -8.34 2.12 -1.53
C GLN A 229 -7.95 3.39 -0.81
N ALA A 230 -8.84 4.37 -0.82
CA ALA A 230 -8.56 5.61 -0.14
C ALA A 230 -8.60 5.32 1.34
N LEU A 231 -9.79 5.04 1.83
CA LEU A 231 -9.98 4.76 3.26
C LEU A 231 -8.95 3.78 3.76
N ARG A 232 -8.88 2.63 3.10
CA ARG A 232 -7.96 1.57 3.47
C ARG A 232 -6.51 2.04 3.49
N GLY A 233 -6.21 3.07 2.71
CA GLY A 233 -4.85 3.58 2.65
C GLY A 233 -4.47 4.52 3.79
N PHE A 234 -5.45 4.89 4.60
CA PHE A 234 -5.25 5.79 5.72
C PHE A 234 -5.20 5.05 7.05
N GLY A 235 -5.46 3.74 7.02
CA GLY A 235 -5.44 2.93 8.23
C GLY A 235 -6.83 2.46 8.68
N ALA A 236 -7.83 2.72 7.84
CA ALA A 236 -9.19 2.32 8.15
C ALA A 236 -9.38 0.90 7.69
N ARG A 237 -10.30 0.17 8.32
CA ARG A 237 -10.59 -1.22 7.93
C ARG A 237 -11.83 -1.17 7.05
N VAL A 238 -11.65 -1.54 5.78
CA VAL A 238 -12.75 -1.49 4.81
C VAL A 238 -13.52 -2.79 4.58
N ILE A 239 -14.84 -2.71 4.73
CA ILE A 239 -15.73 -3.83 4.50
C ILE A 239 -16.51 -3.45 3.26
N ILE A 240 -16.70 -4.40 2.35
CA ILE A 240 -17.43 -4.13 1.10
C ILE A 240 -18.66 -5.00 0.90
N THR A 241 -19.72 -4.37 0.40
CA THR A 241 -20.93 -5.09 0.13
C THR A 241 -21.20 -5.04 -1.38
N GLU A 242 -21.54 -6.18 -1.98
CA GLU A 242 -21.79 -6.17 -3.42
C GLU A 242 -22.86 -7.17 -3.81
N ILE A 243 -23.40 -7.01 -5.02
CA ILE A 243 -24.42 -7.91 -5.53
C ILE A 243 -23.85 -8.66 -6.75
N GLU A 244 -22.65 -8.27 -7.17
CA GLU A 244 -22.02 -8.92 -8.32
C GLU A 244 -20.92 -9.89 -7.93
N PRO A 245 -20.96 -11.11 -8.47
CA PRO A 245 -19.95 -12.13 -8.17
C PRO A 245 -18.52 -11.66 -8.48
N ILE A 246 -18.28 -11.30 -9.74
CA ILE A 246 -16.96 -10.84 -10.18
C ILE A 246 -16.43 -9.68 -9.30
N ASN A 247 -17.14 -8.56 -9.28
CA ASN A 247 -16.72 -7.41 -8.47
C ASN A 247 -16.43 -7.85 -7.04
N ALA A 248 -17.27 -8.74 -6.50
CA ALA A 248 -17.09 -9.22 -5.14
C ALA A 248 -15.83 -10.08 -5.04
N LEU A 249 -15.64 -11.02 -5.96
CA LEU A 249 -14.43 -11.84 -5.92
C LEU A 249 -13.21 -10.92 -5.97
N GLN A 250 -13.38 -9.74 -6.57
CA GLN A 250 -12.30 -8.76 -6.69
C GLN A 250 -11.99 -8.16 -5.32
N ALA A 251 -13.03 -7.61 -4.67
CA ALA A 251 -12.88 -7.03 -3.36
C ALA A 251 -12.19 -8.06 -2.48
N ALA A 252 -12.61 -9.31 -2.61
CA ALA A 252 -12.03 -10.38 -1.80
C ALA A 252 -10.55 -10.60 -2.09
N MET A 253 -10.20 -10.66 -3.37
CA MET A 253 -8.81 -10.89 -3.75
C MET A 253 -7.91 -9.69 -3.41
N GLU A 254 -8.48 -8.65 -2.82
CA GLU A 254 -7.73 -7.47 -2.45
C GLU A 254 -7.58 -7.34 -0.94
N GLY A 255 -8.08 -8.32 -0.20
CA GLY A 255 -7.97 -8.27 1.25
C GLY A 255 -9.20 -7.69 1.93
N TYR A 256 -10.17 -7.23 1.14
CA TYR A 256 -11.40 -6.65 1.69
C TYR A 256 -12.41 -7.72 2.08
N GLU A 257 -13.07 -7.49 3.21
CA GLU A 257 -14.10 -8.41 3.68
C GLU A 257 -15.42 -8.05 2.99
N VAL A 258 -16.04 -9.04 2.34
CA VAL A 258 -17.30 -8.80 1.68
C VAL A 258 -18.43 -9.49 2.44
N THR A 259 -19.50 -8.74 2.75
CA THR A 259 -20.68 -9.24 3.45
C THR A 259 -21.83 -8.28 3.21
N THR A 260 -22.94 -8.53 3.87
CA THR A 260 -24.11 -7.69 3.73
C THR A 260 -24.12 -6.48 4.66
N MET A 261 -24.86 -5.45 4.25
CA MET A 261 -24.97 -4.23 5.05
C MET A 261 -25.68 -4.56 6.36
N ASP A 262 -26.54 -5.57 6.31
CA ASP A 262 -27.28 -6.00 7.48
C ASP A 262 -26.33 -6.43 8.58
N GLU A 263 -25.24 -7.07 8.18
CA GLU A 263 -24.27 -7.52 9.17
C GLU A 263 -23.24 -6.43 9.45
N ALA A 264 -22.84 -5.72 8.40
CA ALA A 264 -21.82 -4.67 8.49
C ALA A 264 -22.19 -3.39 9.22
N CYS A 265 -23.46 -2.99 9.18
CA CYS A 265 -23.89 -1.77 9.84
C CYS A 265 -23.59 -1.77 11.32
N LYS A 266 -23.28 -2.96 11.86
CA LYS A 266 -22.97 -3.13 13.27
C LYS A 266 -21.51 -2.81 13.60
N GLU A 267 -20.63 -2.95 12.61
CA GLU A 267 -19.23 -2.70 12.82
C GLU A 267 -18.67 -1.36 12.33
N GLY A 268 -19.15 -0.89 11.18
CA GLY A 268 -18.64 0.35 10.61
C GLY A 268 -18.79 1.66 11.37
N ASN A 269 -17.89 2.61 11.08
CA ASN A 269 -17.86 3.93 11.70
C ASN A 269 -18.13 4.98 10.61
N ILE A 270 -17.73 4.65 9.39
CA ILE A 270 -17.92 5.52 8.23
C ILE A 270 -18.60 4.65 7.18
N PHE A 271 -19.75 5.10 6.69
CA PHE A 271 -20.48 4.37 5.68
C PHE A 271 -20.51 5.20 4.41
N VAL A 272 -20.10 4.60 3.31
CA VAL A 272 -20.09 5.29 2.03
C VAL A 272 -20.77 4.48 0.95
N THR A 273 -21.88 5.00 0.43
CA THR A 273 -22.58 4.30 -0.63
C THR A 273 -22.07 4.74 -1.98
N THR A 274 -21.62 3.78 -2.77
CA THR A 274 -21.10 4.06 -4.11
C THR A 274 -21.97 3.38 -5.16
N THR A 275 -22.86 2.51 -4.72
CA THR A 275 -23.78 1.79 -5.61
C THR A 275 -24.67 2.84 -6.23
N GLY A 276 -25.27 2.54 -7.39
CA GLY A 276 -26.15 3.52 -8.02
C GLY A 276 -27.63 3.21 -7.88
N CYS A 277 -27.98 2.54 -6.77
CA CYS A 277 -29.37 2.13 -6.53
C CYS A 277 -29.87 2.50 -5.13
N VAL A 278 -31.19 2.47 -4.97
CA VAL A 278 -31.87 2.84 -3.73
C VAL A 278 -31.84 1.88 -2.56
N ASP A 279 -32.19 2.41 -1.39
CA ASP A 279 -32.27 1.64 -0.16
C ASP A 279 -31.01 0.87 0.19
N ILE A 280 -29.85 1.55 0.21
CA ILE A 280 -28.59 0.89 0.56
C ILE A 280 -28.38 0.92 2.07
N ILE A 281 -28.88 1.97 2.71
CA ILE A 281 -28.77 2.15 4.15
C ILE A 281 -30.14 2.53 4.65
N LEU A 282 -30.71 1.68 5.51
CA LEU A 282 -32.06 1.90 6.05
C LEU A 282 -32.10 2.17 7.54
N GLY A 283 -33.28 2.54 8.03
CA GLY A 283 -33.43 2.80 9.45
C GLY A 283 -33.08 1.56 10.27
N ARG A 284 -33.39 0.39 9.73
CA ARG A 284 -33.10 -0.88 10.39
C ARG A 284 -31.60 -0.98 10.63
N HIS A 285 -30.83 -0.17 9.90
CA HIS A 285 -29.38 -0.16 10.01
C HIS A 285 -28.95 0.93 10.98
N PHE A 286 -29.46 2.15 10.77
CA PHE A 286 -29.12 3.26 11.64
C PHE A 286 -29.23 2.83 13.11
N GLU A 287 -30.20 1.97 13.42
CA GLU A 287 -30.42 1.52 14.79
C GLU A 287 -29.35 0.57 15.29
N GLN A 288 -28.38 0.25 14.45
CA GLN A 288 -27.33 -0.69 14.87
C GLN A 288 -25.95 -0.07 14.78
N MET A 289 -25.90 1.14 14.22
CA MET A 289 -24.64 1.84 14.05
C MET A 289 -24.04 2.37 15.34
N LYS A 290 -22.71 2.24 15.47
CA LYS A 290 -21.98 2.72 16.65
C LYS A 290 -22.23 4.21 16.76
N ASP A 291 -22.06 4.76 17.96
CA ASP A 291 -22.31 6.18 18.19
C ASP A 291 -21.54 7.07 17.26
N ASP A 292 -22.18 8.19 16.89
CA ASP A 292 -21.57 9.18 16.01
C ASP A 292 -21.03 8.61 14.69
N ALA A 293 -21.70 7.61 14.13
CA ALA A 293 -21.27 7.03 12.88
C ALA A 293 -21.42 8.08 11.80
N ILE A 294 -20.50 8.10 10.85
CA ILE A 294 -20.56 9.06 9.77
C ILE A 294 -21.09 8.39 8.53
N VAL A 295 -22.24 8.85 8.04
CA VAL A 295 -22.86 8.29 6.84
C VAL A 295 -22.89 9.29 5.68
N CYS A 296 -22.37 8.87 4.53
CA CYS A 296 -22.34 9.71 3.36
C CYS A 296 -22.52 8.86 2.09
N ASN A 297 -22.91 9.52 1.00
CA ASN A 297 -23.16 8.85 -0.27
C ASN A 297 -22.44 9.57 -1.39
N ILE A 298 -21.73 8.80 -2.23
CA ILE A 298 -21.00 9.37 -3.35
C ILE A 298 -21.58 8.95 -4.70
N GLY A 299 -22.66 8.16 -4.65
CA GLY A 299 -23.32 7.74 -5.87
C GLY A 299 -23.91 8.99 -6.45
N HIS A 300 -24.54 8.94 -7.61
CA HIS A 300 -25.05 10.20 -8.16
C HIS A 300 -26.28 10.85 -7.52
N PHE A 301 -27.31 10.08 -7.17
CA PHE A 301 -28.50 10.68 -6.57
C PHE A 301 -28.63 10.41 -5.08
N ASP A 302 -29.54 11.13 -4.42
CA ASP A 302 -29.71 11.03 -2.98
C ASP A 302 -30.71 10.07 -2.31
N VAL A 303 -30.90 8.87 -2.84
CA VAL A 303 -31.84 7.92 -2.24
C VAL A 303 -31.20 6.61 -1.80
N GLU A 304 -29.88 6.55 -1.84
CA GLU A 304 -29.15 5.37 -1.43
C GLU A 304 -29.28 5.25 0.08
N ILE A 305 -29.28 6.39 0.76
CA ILE A 305 -29.42 6.45 2.21
C ILE A 305 -30.82 6.96 2.51
N ASP A 306 -31.60 6.22 3.29
CA ASP A 306 -32.96 6.66 3.61
C ASP A 306 -32.91 7.80 4.60
N VAL A 307 -32.80 9.01 4.07
CA VAL A 307 -32.72 10.23 4.89
C VAL A 307 -34.07 10.57 5.52
N LYS A 308 -35.13 10.25 4.81
CA LYS A 308 -36.48 10.50 5.27
C LYS A 308 -36.70 9.79 6.60
N TRP A 309 -36.26 8.54 6.68
CA TRP A 309 -36.39 7.78 7.93
C TRP A 309 -35.76 8.59 9.06
N LEU A 310 -34.46 8.84 8.94
CA LEU A 310 -33.78 9.61 9.94
C LEU A 310 -34.61 10.83 10.29
N ASN A 311 -34.99 11.56 9.25
CA ASN A 311 -35.78 12.78 9.41
C ASN A 311 -37.08 12.55 10.17
N GLU A 312 -37.69 11.39 9.99
CA GLU A 312 -38.97 11.10 10.64
C GLU A 312 -38.85 10.19 11.86
N ASN A 313 -37.63 9.81 12.24
CA ASN A 313 -37.48 8.90 13.39
C ASN A 313 -36.46 9.32 14.45
N ALA A 314 -35.67 10.35 14.18
CA ALA A 314 -34.67 10.78 15.15
C ALA A 314 -35.26 11.73 16.20
N VAL A 315 -34.83 11.57 17.44
CA VAL A 315 -35.32 12.41 18.53
C VAL A 315 -35.08 13.89 18.23
N GLU A 316 -33.96 14.19 17.58
CA GLU A 316 -33.64 15.57 17.25
C GLU A 316 -32.51 15.67 16.22
N LYS A 317 -32.56 16.75 15.45
CA LYS A 317 -31.55 17.00 14.43
C LYS A 317 -30.92 18.37 14.66
N VAL A 318 -29.60 18.40 14.77
CA VAL A 318 -28.89 19.65 15.00
C VAL A 318 -27.89 19.82 13.89
N ASN A 319 -27.97 20.94 13.18
CA ASN A 319 -27.03 21.21 12.11
C ASN A 319 -25.74 21.80 12.61
N ILE A 320 -24.66 21.02 12.53
CA ILE A 320 -23.34 21.49 12.98
C ILE A 320 -22.86 22.70 12.17
N LYS A 321 -22.96 22.57 10.85
CA LYS A 321 -22.54 23.59 9.89
C LYS A 321 -23.14 23.15 8.57
N PRO A 322 -23.16 24.04 7.57
CA PRO A 322 -23.73 23.69 6.26
C PRO A 322 -23.37 22.29 5.77
N GLN A 323 -24.39 21.52 5.40
CA GLN A 323 -24.27 20.15 4.88
C GLN A 323 -23.66 19.17 5.88
N VAL A 324 -23.89 19.41 7.16
CA VAL A 324 -23.44 18.51 8.21
C VAL A 324 -24.48 18.52 9.31
N ASP A 325 -25.18 17.40 9.49
CA ASP A 325 -26.20 17.27 10.51
C ASP A 325 -25.90 16.11 11.46
N ARG A 326 -26.14 16.35 12.76
CA ARG A 326 -25.96 15.32 13.78
C ARG A 326 -27.34 15.00 14.34
N TYR A 327 -27.74 13.74 14.19
CA TYR A 327 -29.05 13.27 14.64
C TYR A 327 -28.96 12.49 15.95
N LEU A 328 -30.00 12.62 16.76
CA LEU A 328 -30.05 11.86 18.01
C LEU A 328 -31.13 10.81 17.86
N LEU A 329 -30.72 9.56 17.78
CA LEU A 329 -31.68 8.45 17.64
C LEU A 329 -32.36 8.22 18.99
N LYS A 330 -33.25 7.24 19.06
CA LYS A 330 -33.94 6.98 20.32
C LYS A 330 -33.10 6.08 21.24
N ASN A 331 -32.09 5.43 20.68
CA ASN A 331 -31.24 4.58 21.49
C ASN A 331 -30.10 5.41 22.08
N GLY A 332 -30.10 6.71 21.79
CA GLY A 332 -29.07 7.57 22.32
C GLY A 332 -27.89 7.87 21.41
N HIS A 333 -27.54 6.93 20.54
CA HIS A 333 -26.42 7.14 19.62
C HIS A 333 -26.72 8.31 18.72
N ARG A 334 -25.68 8.87 18.13
CA ARG A 334 -25.80 10.00 17.22
C ARG A 334 -25.34 9.63 15.82
N ILE A 335 -26.02 10.12 14.78
CA ILE A 335 -25.65 9.81 13.40
C ILE A 335 -25.34 11.08 12.62
N ILE A 336 -24.07 11.22 12.25
CA ILE A 336 -23.63 12.38 11.51
C ILE A 336 -23.87 12.11 10.04
N LEU A 337 -24.81 12.86 9.47
CA LEU A 337 -25.19 12.72 8.07
C LEU A 337 -24.50 13.83 7.28
N LEU A 338 -23.98 13.48 6.10
CA LEU A 338 -23.27 14.44 5.27
C LEU A 338 -23.99 14.81 3.96
N ALA A 339 -24.22 16.11 3.80
CA ALA A 339 -24.87 16.67 2.61
C ALA A 339 -26.27 16.13 2.35
N GLU A 340 -26.97 15.77 3.42
CA GLU A 340 -28.35 15.25 3.32
C GLU A 340 -28.44 14.09 2.34
N GLY A 341 -27.50 13.15 2.42
CA GLY A 341 -27.52 12.02 1.53
C GLY A 341 -27.00 12.33 0.15
N ARG A 342 -26.72 13.62 -0.10
CA ARG A 342 -26.21 14.06 -1.41
C ARG A 342 -24.70 13.80 -1.64
N LEU A 343 -24.27 13.96 -2.88
CA LEU A 343 -22.86 13.72 -3.24
C LEU A 343 -21.95 14.38 -2.23
N VAL A 344 -21.17 13.55 -1.53
CA VAL A 344 -20.29 14.03 -0.49
C VAL A 344 -19.04 14.80 -0.93
N ASN A 345 -18.39 14.33 -1.99
CA ASN A 345 -17.18 15.01 -2.47
C ASN A 345 -17.48 16.41 -3.01
N LEU A 346 -18.59 16.53 -3.72
CA LEU A 346 -19.00 17.82 -4.32
C LEU A 346 -19.82 18.70 -3.37
N GLY A 347 -20.50 18.08 -2.43
CA GLY A 347 -21.32 18.83 -1.50
C GLY A 347 -20.53 19.36 -0.34
N CYS A 348 -19.60 18.57 0.19
CA CYS A 348 -18.81 18.99 1.33
C CYS A 348 -17.37 19.38 0.96
N ALA A 349 -16.96 19.08 -0.26
CA ALA A 349 -15.62 19.39 -0.72
C ALA A 349 -15.69 20.11 -2.05
N MET A 350 -14.61 20.04 -2.83
CA MET A 350 -14.55 20.69 -4.13
C MET A 350 -14.66 19.77 -5.36
N GLY A 351 -15.07 18.51 -5.16
CA GLY A 351 -15.18 17.58 -6.27
C GLY A 351 -13.82 16.98 -6.63
N HIS A 352 -13.73 16.35 -7.79
CA HIS A 352 -12.46 15.76 -8.26
C HIS A 352 -11.44 16.86 -8.55
N PRO A 353 -10.15 16.53 -8.48
CA PRO A 353 -9.12 17.53 -8.76
C PRO A 353 -9.10 17.85 -10.26
N SER A 354 -8.58 19.01 -10.61
CA SER A 354 -8.48 19.48 -11.99
C SER A 354 -7.93 18.45 -12.96
N PHE A 355 -6.68 18.06 -12.77
CA PHE A 355 -6.06 17.10 -13.67
C PHE A 355 -6.91 15.93 -14.12
N VAL A 356 -7.73 15.37 -13.23
CA VAL A 356 -8.53 14.21 -13.58
C VAL A 356 -9.77 14.63 -14.32
N MET A 357 -10.35 15.74 -13.92
CA MET A 357 -11.55 16.25 -14.60
C MET A 357 -11.21 16.59 -16.05
N SER A 358 -9.95 16.93 -16.29
CA SER A 358 -9.46 17.29 -17.60
C SER A 358 -9.67 16.15 -18.58
N ASN A 359 -9.49 14.93 -18.10
CA ASN A 359 -9.66 13.74 -18.93
C ASN A 359 -11.11 13.63 -19.32
N SER A 360 -11.98 13.70 -18.32
CA SER A 360 -13.42 13.61 -18.54
C SER A 360 -13.96 14.72 -19.43
N PHE A 361 -13.64 15.96 -19.09
CA PHE A 361 -14.13 17.08 -19.87
C PHE A 361 -13.60 17.16 -21.30
N THR A 362 -12.46 16.53 -21.57
CA THR A 362 -11.89 16.53 -22.92
C THR A 362 -12.79 15.63 -23.76
N ASN A 363 -13.14 14.47 -23.19
CA ASN A 363 -14.03 13.49 -23.81
C ASN A 363 -15.35 14.20 -24.06
N GLN A 364 -15.73 15.08 -23.14
CA GLN A 364 -16.98 15.80 -23.25
C GLN A 364 -16.96 16.76 -24.43
N VAL A 365 -15.85 17.48 -24.62
CA VAL A 365 -15.75 18.39 -25.75
C VAL A 365 -15.69 17.59 -27.05
N MET A 366 -14.90 16.52 -27.07
CA MET A 366 -14.79 15.69 -28.28
C MET A 366 -16.17 15.24 -28.70
N ALA A 367 -16.96 14.81 -27.73
CA ALA A 367 -18.31 14.31 -27.99
C ALA A 367 -19.18 15.36 -28.68
N GLN A 368 -19.21 16.57 -28.14
CA GLN A 368 -20.02 17.62 -28.73
C GLN A 368 -19.63 17.83 -30.19
N ILE A 369 -18.34 17.80 -30.45
CA ILE A 369 -17.88 17.99 -31.82
C ILE A 369 -18.33 16.86 -32.73
N GLU A 370 -18.39 15.64 -32.21
CA GLU A 370 -18.79 14.50 -33.02
C GLU A 370 -20.27 14.57 -33.37
N LEU A 371 -21.09 14.84 -32.34
CA LEU A 371 -22.54 14.91 -32.49
C LEU A 371 -22.99 16.09 -33.38
N TRP A 372 -22.36 17.24 -33.18
CA TRP A 372 -22.71 18.47 -33.90
C TRP A 372 -22.06 18.60 -35.27
N THR A 373 -21.09 17.75 -35.57
CA THR A 373 -20.42 17.85 -36.86
C THR A 373 -20.55 16.61 -37.74
N HIS A 374 -20.67 15.43 -37.11
CA HIS A 374 -20.81 14.17 -37.84
C HIS A 374 -22.11 13.45 -37.52
N PRO A 375 -23.22 14.21 -37.40
CA PRO A 375 -24.53 13.62 -37.07
C PRO A 375 -24.83 12.25 -37.71
N ASP A 376 -24.28 12.00 -38.90
CA ASP A 376 -24.51 10.76 -39.62
C ASP A 376 -24.02 9.53 -38.89
N LYS A 377 -22.88 9.67 -38.24
CA LYS A 377 -22.31 8.54 -37.54
C LYS A 377 -23.04 8.25 -36.25
N TYR A 378 -23.92 9.14 -35.84
CA TYR A 378 -24.65 8.96 -34.60
C TYR A 378 -26.15 9.02 -34.77
N PRO A 379 -26.78 7.86 -35.06
CA PRO A 379 -28.23 7.74 -35.25
C PRO A 379 -28.86 7.61 -33.86
N VAL A 380 -30.13 7.96 -33.71
CA VAL A 380 -30.76 7.86 -32.40
C VAL A 380 -30.37 6.56 -31.71
N GLY A 381 -29.88 6.69 -30.48
CA GLY A 381 -29.43 5.57 -29.68
C GLY A 381 -28.39 6.11 -28.73
N VAL A 382 -27.52 5.24 -28.24
CA VAL A 382 -26.47 5.66 -27.31
C VAL A 382 -25.14 5.00 -27.72
N HIS A 383 -24.19 5.84 -28.10
CA HIS A 383 -22.91 5.34 -28.58
C HIS A 383 -21.70 5.67 -27.69
N PHE A 384 -20.59 4.98 -27.97
CA PHE A 384 -19.34 5.22 -27.26
C PHE A 384 -18.55 6.23 -28.09
N LEU A 385 -17.58 6.88 -27.46
CA LEU A 385 -16.76 7.83 -28.20
C LEU A 385 -15.63 7.02 -28.87
N PRO A 386 -15.31 7.34 -30.14
CA PRO A 386 -14.26 6.62 -30.87
C PRO A 386 -13.03 6.27 -30.04
N LYS A 387 -12.64 5.01 -30.10
CA LYS A 387 -11.49 4.51 -29.37
C LYS A 387 -10.30 5.42 -29.64
N LYS A 388 -10.22 5.91 -30.86
CA LYS A 388 -9.12 6.80 -31.25
C LYS A 388 -9.20 8.09 -30.46
N LEU A 389 -10.39 8.68 -30.40
CA LEU A 389 -10.56 9.92 -29.65
C LEU A 389 -10.27 9.64 -28.18
N ASP A 390 -10.69 8.48 -27.70
CA ASP A 390 -10.48 8.10 -26.32
C ASP A 390 -8.98 8.13 -26.02
N GLU A 391 -8.23 7.29 -26.71
CA GLU A 391 -6.79 7.20 -26.51
C GLU A 391 -6.07 8.53 -26.75
N ALA A 392 -6.83 9.52 -27.23
CA ALA A 392 -6.28 10.85 -27.50
C ALA A 392 -6.24 11.67 -26.22
N VAL A 393 -7.21 11.45 -25.34
CA VAL A 393 -7.28 12.17 -24.07
C VAL A 393 -6.06 11.74 -23.24
N ALA A 394 -5.88 10.44 -23.07
CA ALA A 394 -4.76 9.90 -22.31
C ALA A 394 -3.47 10.50 -22.84
N GLU A 395 -3.28 10.36 -24.14
CA GLU A 395 -2.09 10.86 -24.81
C GLU A 395 -1.84 12.36 -24.60
N ALA A 396 -2.90 13.15 -24.52
CA ALA A 396 -2.73 14.59 -24.33
C ALA A 396 -2.43 15.02 -22.88
N HIS A 397 -2.23 14.06 -21.99
CA HIS A 397 -1.93 14.39 -20.60
C HIS A 397 -0.58 13.80 -20.17
N LEU A 398 0.05 13.06 -21.06
CA LEU A 398 1.34 12.43 -20.79
C LEU A 398 2.49 13.38 -20.59
N GLY A 399 2.47 14.49 -21.32
CA GLY A 399 3.53 15.48 -21.21
C GLY A 399 3.60 16.14 -19.84
N LYS A 400 2.47 16.62 -19.34
CA LYS A 400 2.43 17.29 -18.02
C LYS A 400 2.97 16.38 -16.93
N LEU A 401 2.80 15.07 -17.07
CA LEU A 401 3.30 14.13 -16.08
C LEU A 401 4.72 13.67 -16.42
N ASN A 402 5.32 14.26 -17.44
CA ASN A 402 6.67 13.90 -17.83
C ASN A 402 6.76 12.44 -18.23
N VAL A 403 5.67 11.87 -18.74
CA VAL A 403 5.68 10.48 -19.14
C VAL A 403 6.33 10.32 -20.52
N LYS A 404 7.29 9.40 -20.61
CA LYS A 404 8.00 9.12 -21.85
C LYS A 404 7.56 7.79 -22.47
N LEU A 405 6.70 7.84 -23.47
CA LEU A 405 6.23 6.64 -24.15
C LEU A 405 7.40 6.03 -24.90
N THR A 406 7.27 4.75 -25.26
CA THR A 406 8.33 4.06 -25.98
C THR A 406 7.86 4.02 -27.42
N LYS A 407 8.75 3.62 -28.33
CA LYS A 407 8.38 3.53 -29.73
C LYS A 407 8.85 2.20 -30.30
N LEU A 408 7.94 1.52 -30.97
CA LEU A 408 8.26 0.24 -31.58
C LEU A 408 9.19 0.50 -32.75
N THR A 409 9.92 -0.50 -33.18
CA THR A 409 10.80 -0.36 -34.34
C THR A 409 10.07 -1.04 -35.48
N GLU A 410 10.43 -0.73 -36.73
CA GLU A 410 9.74 -1.38 -37.84
C GLU A 410 9.68 -2.86 -37.54
N LYS A 411 10.79 -3.41 -37.03
CA LYS A 411 10.90 -4.81 -36.70
C LYS A 411 9.84 -5.29 -35.70
N GLN A 412 9.66 -4.52 -34.64
CA GLN A 412 8.67 -4.86 -33.63
C GLN A 412 7.28 -4.71 -34.24
N ALA A 413 6.96 -3.49 -34.67
CA ALA A 413 5.66 -3.22 -35.27
C ALA A 413 5.26 -4.36 -36.21
N GLN A 414 6.27 -5.03 -36.75
CA GLN A 414 6.04 -6.12 -37.66
C GLN A 414 5.68 -7.33 -36.82
N TYR A 415 6.60 -7.71 -35.94
CA TYR A 415 6.39 -8.86 -35.05
C TYR A 415 4.94 -8.99 -34.60
N LEU A 416 4.43 -7.93 -33.97
CA LEU A 416 3.06 -7.89 -33.48
C LEU A 416 2.04 -7.84 -34.59
N GLY A 417 2.30 -7.01 -35.59
CA GLY A 417 1.39 -6.85 -36.71
C GLY A 417 0.67 -5.54 -36.56
N MET A 418 1.09 -4.75 -35.58
CA MET A 418 0.50 -3.45 -35.31
C MET A 418 1.30 -2.36 -36.02
N PRO A 419 0.77 -1.12 -36.05
CA PRO A 419 1.46 -0.02 -36.70
C PRO A 419 2.41 0.65 -35.73
N ILE A 420 3.67 0.60 -36.12
CA ILE A 420 4.75 1.18 -35.36
C ILE A 420 4.33 2.51 -34.76
N ASN A 421 3.49 3.24 -35.48
CA ASN A 421 3.02 4.54 -35.04
C ASN A 421 1.51 4.53 -34.84
N GLY A 422 0.87 3.46 -35.31
CA GLY A 422 -0.58 3.34 -35.19
C GLY A 422 -1.05 2.52 -34.01
N PRO A 423 -2.39 2.33 -33.87
CA PRO A 423 -3.04 1.56 -32.78
C PRO A 423 -2.81 0.07 -32.77
N PHE A 424 -2.79 -0.51 -31.58
CA PHE A 424 -2.54 -1.93 -31.43
C PHE A 424 -3.49 -2.57 -30.40
N LYS A 425 -4.26 -1.73 -29.71
CA LYS A 425 -5.18 -2.24 -28.70
C LYS A 425 -6.57 -2.60 -29.21
N PRO A 426 -6.96 -3.89 -29.09
CA PRO A 426 -8.26 -4.38 -29.53
C PRO A 426 -9.34 -3.81 -28.60
N ASP A 427 -10.59 -3.83 -29.03
CA ASP A 427 -11.70 -3.31 -28.23
C ASP A 427 -12.17 -4.24 -27.12
N HIS A 428 -11.51 -5.39 -26.96
CA HIS A 428 -11.86 -6.32 -25.90
C HIS A 428 -11.11 -5.84 -24.67
N TYR A 429 -10.00 -5.14 -24.92
CA TYR A 429 -9.19 -4.61 -23.85
C TYR A 429 -10.09 -3.94 -22.82
N ARG A 430 -9.88 -4.26 -21.55
CA ARG A 430 -10.72 -3.67 -20.53
C ARG A 430 -9.97 -2.67 -19.64
N TYR A 431 -8.64 -2.84 -19.57
CA TYR A 431 -7.82 -1.93 -18.77
C TYR A 431 -8.19 -2.01 -17.29
N ASP B 2 5.40 -49.75 -30.45
CA ASP B 2 5.75 -48.75 -31.48
C ASP B 2 5.77 -47.36 -30.85
N LYS B 3 4.59 -46.77 -30.67
CA LYS B 3 4.50 -45.46 -30.06
C LYS B 3 4.66 -45.68 -28.55
N LEU B 4 5.00 -44.61 -27.83
CA LEU B 4 5.18 -44.69 -26.38
C LEU B 4 3.83 -44.39 -25.68
N PRO B 5 3.59 -45.04 -24.53
CA PRO B 5 2.35 -44.87 -23.75
C PRO B 5 2.33 -43.51 -23.03
N TYR B 6 3.52 -43.04 -22.71
CA TYR B 6 3.69 -41.77 -22.03
C TYR B 6 5.20 -41.57 -21.87
N LYS B 7 5.61 -40.36 -21.55
CA LYS B 7 7.01 -40.07 -21.33
C LYS B 7 7.17 -39.02 -20.25
N VAL B 8 7.81 -39.42 -19.14
CA VAL B 8 8.03 -38.52 -18.02
C VAL B 8 9.42 -38.78 -17.43
N ALA B 9 9.82 -37.90 -16.51
CA ALA B 9 11.12 -38.00 -15.86
C ALA B 9 11.30 -39.22 -14.94
N ASP B 10 10.52 -39.26 -13.87
CA ASP B 10 10.61 -40.34 -12.89
C ASP B 10 9.22 -40.63 -12.35
N ILE B 11 8.58 -41.67 -12.88
CA ILE B 11 7.23 -42.05 -12.46
C ILE B 11 7.14 -42.42 -10.97
N GLY B 12 8.30 -42.55 -10.33
CA GLY B 12 8.33 -42.86 -8.92
C GLY B 12 7.93 -41.66 -8.08
N LEU B 13 7.69 -40.52 -8.76
CA LEU B 13 7.31 -39.28 -8.10
C LEU B 13 5.81 -39.20 -7.97
N ALA B 14 5.13 -40.25 -8.43
CA ALA B 14 3.68 -40.32 -8.39
C ALA B 14 3.08 -40.07 -7.02
N ALA B 15 3.45 -40.90 -6.04
CA ALA B 15 2.94 -40.77 -4.67
C ALA B 15 2.94 -39.33 -4.15
N TRP B 16 4.06 -38.65 -4.33
CA TRP B 16 4.18 -37.29 -3.88
C TRP B 16 3.31 -36.38 -4.72
N GLY B 17 3.31 -36.60 -6.03
CA GLY B 17 2.48 -35.76 -6.89
C GLY B 17 1.03 -35.83 -6.45
N ARG B 18 0.54 -37.06 -6.33
CA ARG B 18 -0.84 -37.30 -5.92
C ARG B 18 -1.22 -36.52 -4.66
N LYS B 19 -0.32 -36.47 -3.69
CA LYS B 19 -0.59 -35.74 -2.46
C LYS B 19 -0.74 -34.27 -2.81
N ALA B 20 0.11 -33.83 -3.72
CA ALA B 20 0.11 -32.44 -4.18
C ALA B 20 -1.19 -32.14 -4.91
N LEU B 21 -1.62 -33.07 -5.76
CA LEU B 21 -2.86 -32.89 -6.51
C LEU B 21 -4.05 -32.81 -5.58
N ASP B 22 -4.09 -33.68 -4.57
CA ASP B 22 -5.17 -33.69 -3.63
C ASP B 22 -5.24 -32.41 -2.83
N ILE B 23 -4.09 -31.94 -2.36
CA ILE B 23 -4.06 -30.69 -1.58
C ILE B 23 -4.58 -29.53 -2.43
N ALA B 24 -4.20 -29.55 -3.71
CA ALA B 24 -4.57 -28.52 -4.67
C ALA B 24 -6.04 -28.56 -5.02
N GLU B 25 -6.59 -29.76 -5.12
CA GLU B 25 -8.00 -29.93 -5.45
C GLU B 25 -8.85 -29.17 -4.46
N ASN B 26 -8.39 -29.13 -3.22
CA ASN B 26 -9.10 -28.42 -2.16
C ASN B 26 -9.04 -26.92 -2.38
N GLU B 27 -8.08 -26.48 -3.19
CA GLU B 27 -7.93 -25.07 -3.47
C GLU B 27 -8.58 -24.62 -4.78
N MET B 28 -9.02 -25.57 -5.62
CA MET B 28 -9.66 -25.22 -6.88
C MET B 28 -11.14 -25.56 -6.86
N PRO B 29 -11.97 -24.66 -6.29
CA PRO B 29 -13.43 -24.85 -6.20
C PRO B 29 -14.11 -25.03 -7.55
N GLY B 30 -13.85 -24.11 -8.47
CA GLY B 30 -14.46 -24.19 -9.79
C GLY B 30 -14.23 -25.52 -10.45
N LEU B 31 -12.97 -25.94 -10.54
CA LEU B 31 -12.65 -27.21 -11.16
C LEU B 31 -13.42 -28.37 -10.55
N MET B 32 -13.46 -28.42 -9.22
CA MET B 32 -14.18 -29.48 -8.52
C MET B 32 -15.69 -29.35 -8.69
N ARG B 33 -16.16 -28.13 -8.92
CA ARG B 33 -17.58 -27.90 -9.12
C ARG B 33 -18.00 -28.42 -10.49
N MET B 34 -17.11 -28.27 -11.46
CA MET B 34 -17.37 -28.75 -12.82
C MET B 34 -17.40 -30.27 -12.79
N ARG B 35 -16.68 -30.87 -11.86
CA ARG B 35 -16.63 -32.32 -11.72
C ARG B 35 -17.94 -32.82 -11.11
N GLU B 36 -18.31 -32.21 -10.00
CA GLU B 36 -19.52 -32.59 -9.29
C GLU B 36 -20.78 -32.30 -10.06
N MET B 37 -20.65 -31.63 -11.20
CA MET B 37 -21.83 -31.31 -11.99
C MET B 37 -21.92 -31.99 -13.34
N TYR B 38 -20.78 -32.26 -13.97
CA TYR B 38 -20.83 -32.91 -15.27
C TYR B 38 -20.14 -34.27 -15.37
N SER B 39 -19.88 -34.91 -14.23
CA SER B 39 -19.23 -36.20 -14.23
C SER B 39 -20.10 -37.32 -14.82
N ALA B 40 -21.39 -37.32 -14.44
CA ALA B 40 -22.34 -38.34 -14.91
C ALA B 40 -22.78 -38.10 -16.36
N SER B 41 -23.19 -36.88 -16.68
CA SER B 41 -23.60 -36.56 -18.04
C SER B 41 -22.42 -36.72 -19.01
N LYS B 42 -21.20 -36.61 -18.50
CA LYS B 42 -20.02 -36.79 -19.35
C LYS B 42 -20.19 -36.00 -20.65
N PRO B 43 -20.36 -34.67 -20.54
CA PRO B 43 -20.53 -33.83 -21.73
C PRO B 43 -19.41 -33.88 -22.73
N LEU B 44 -18.22 -34.27 -22.29
CA LEU B 44 -17.07 -34.30 -23.19
C LEU B 44 -16.88 -35.69 -23.75
N LYS B 45 -17.94 -36.48 -23.69
CA LYS B 45 -17.92 -37.85 -24.20
C LYS B 45 -17.64 -37.83 -25.69
N GLY B 46 -16.70 -38.66 -26.13
CA GLY B 46 -16.37 -38.74 -27.55
C GLY B 46 -15.24 -37.80 -27.93
N ALA B 47 -14.88 -36.93 -27.00
CA ALA B 47 -13.82 -35.95 -27.22
C ALA B 47 -12.43 -36.54 -27.05
N ARG B 48 -11.52 -36.14 -27.95
CA ARG B 48 -10.14 -36.59 -27.90
C ARG B 48 -9.29 -35.32 -27.88
N ILE B 49 -9.05 -34.80 -26.68
CA ILE B 49 -8.31 -33.55 -26.54
C ILE B 49 -6.78 -33.64 -26.45
N ALA B 50 -6.14 -32.76 -27.20
CA ALA B 50 -4.70 -32.62 -27.24
C ALA B 50 -4.49 -31.26 -26.59
N GLY B 51 -3.67 -31.22 -25.55
CA GLY B 51 -3.44 -29.96 -24.87
C GLY B 51 -1.97 -29.64 -24.72
N CYS B 52 -1.65 -28.36 -24.87
CA CYS B 52 -0.26 -27.90 -24.74
C CYS B 52 -0.29 -26.84 -23.66
N LEU B 53 -0.05 -27.28 -22.42
CA LEU B 53 -0.06 -26.38 -21.28
C LEU B 53 0.96 -26.90 -20.30
N HIS B 54 1.57 -25.98 -19.54
CA HIS B 54 2.60 -26.34 -18.57
C HIS B 54 2.08 -27.48 -17.69
N MET B 55 2.75 -28.63 -17.72
CA MET B 55 2.31 -29.75 -16.92
C MET B 55 2.59 -29.52 -15.47
N THR B 56 1.64 -28.87 -14.81
CA THR B 56 1.79 -28.58 -13.40
C THR B 56 0.76 -29.34 -12.56
N VAL B 57 0.84 -29.18 -11.26
CA VAL B 57 -0.10 -29.82 -10.35
C VAL B 57 -1.48 -29.25 -10.68
N GLU B 58 -1.52 -27.94 -10.95
CA GLU B 58 -2.75 -27.23 -11.28
C GLU B 58 -3.32 -27.75 -12.58
N THR B 59 -2.44 -28.19 -13.48
CA THR B 59 -2.88 -28.69 -14.76
C THR B 59 -3.39 -30.14 -14.66
N ALA B 60 -2.83 -30.90 -13.73
CA ALA B 60 -3.25 -32.28 -13.52
C ALA B 60 -4.70 -32.28 -13.08
N VAL B 61 -5.07 -31.34 -12.22
CA VAL B 61 -6.44 -31.22 -11.73
C VAL B 61 -7.35 -30.85 -12.90
N LEU B 62 -6.78 -30.17 -13.88
CA LEU B 62 -7.56 -29.78 -15.05
C LEU B 62 -7.81 -31.03 -15.89
N ILE B 63 -6.73 -31.70 -16.27
CA ILE B 63 -6.75 -32.92 -17.07
C ILE B 63 -7.69 -33.97 -16.47
N GLU B 64 -7.58 -34.15 -15.15
CA GLU B 64 -8.41 -35.12 -14.45
C GLU B 64 -9.87 -34.70 -14.47
N THR B 65 -10.12 -33.40 -14.44
CA THR B 65 -11.50 -32.94 -14.49
C THR B 65 -12.06 -33.16 -15.89
N LEU B 66 -11.21 -33.04 -16.91
CA LEU B 66 -11.63 -33.24 -18.30
C LEU B 66 -11.91 -34.72 -18.53
N VAL B 67 -11.12 -35.59 -17.90
CA VAL B 67 -11.32 -37.03 -18.05
C VAL B 67 -12.58 -37.42 -17.27
N ALA B 68 -12.83 -36.72 -16.16
CA ALA B 68 -14.01 -36.98 -15.34
C ALA B 68 -15.27 -36.67 -16.15
N LEU B 69 -15.17 -35.68 -17.03
CA LEU B 69 -16.29 -35.27 -17.87
C LEU B 69 -16.41 -36.09 -19.17
N GLY B 70 -15.73 -37.23 -19.19
CA GLY B 70 -15.83 -38.11 -20.35
C GLY B 70 -14.83 -37.93 -21.47
N ALA B 71 -13.94 -36.97 -21.34
CA ALA B 71 -12.96 -36.74 -22.39
C ALA B 71 -11.82 -37.76 -22.38
N GLU B 72 -11.09 -37.78 -23.49
CA GLU B 72 -9.94 -38.65 -23.65
C GLU B 72 -8.85 -37.58 -23.82
N VAL B 73 -7.78 -37.67 -23.03
CA VAL B 73 -6.72 -36.68 -23.07
C VAL B 73 -5.31 -37.22 -23.30
N ARG B 74 -4.50 -36.40 -23.95
CA ARG B 74 -3.11 -36.69 -24.24
C ARG B 74 -2.49 -35.32 -24.02
N TRP B 75 -1.49 -35.26 -23.13
CA TRP B 75 -0.89 -33.98 -22.79
C TRP B 75 0.59 -33.77 -23.08
N SER B 76 0.96 -32.49 -23.10
CA SER B 76 2.32 -32.04 -23.33
C SER B 76 2.45 -30.64 -22.72
N SER B 77 3.66 -30.28 -22.30
CA SER B 77 3.87 -28.97 -21.70
C SER B 77 4.20 -27.99 -22.80
N CYS B 78 3.82 -26.73 -22.60
CA CYS B 78 4.09 -25.72 -23.60
C CYS B 78 5.31 -24.94 -23.17
N ASN B 79 6.19 -25.58 -22.39
CA ASN B 79 7.42 -24.96 -21.92
C ASN B 79 8.42 -26.03 -21.55
N ILE B 80 9.69 -25.86 -21.91
CA ILE B 80 10.70 -26.88 -21.60
C ILE B 80 11.11 -26.92 -20.15
N PHE B 81 10.80 -25.86 -19.39
CA PHE B 81 11.15 -25.81 -17.97
C PHE B 81 9.95 -25.70 -17.02
N SER B 82 8.74 -25.51 -17.56
CA SER B 82 7.53 -25.35 -16.74
C SER B 82 6.94 -26.62 -16.13
N THR B 83 7.37 -27.78 -16.62
CA THR B 83 6.86 -29.03 -16.11
C THR B 83 7.21 -29.25 -14.63
N GLN B 84 6.31 -29.93 -13.92
CA GLN B 84 6.48 -30.25 -12.51
C GLN B 84 6.44 -31.75 -12.49
N ASP B 85 7.61 -32.36 -12.60
CA ASP B 85 7.79 -33.80 -12.64
C ASP B 85 7.03 -34.70 -11.69
N HIS B 86 6.58 -34.19 -10.55
CA HIS B 86 5.82 -35.08 -9.67
C HIS B 86 4.35 -35.07 -10.11
N ALA B 87 3.91 -33.95 -10.66
CA ALA B 87 2.55 -33.85 -11.12
C ALA B 87 2.40 -34.61 -12.43
N ALA B 88 3.46 -34.66 -13.23
CA ALA B 88 3.46 -35.36 -14.50
C ALA B 88 3.50 -36.87 -14.30
N ALA B 89 4.19 -37.32 -13.25
CA ALA B 89 4.28 -38.75 -12.97
C ALA B 89 3.03 -39.25 -12.27
N ALA B 90 2.15 -38.33 -11.91
CA ALA B 90 0.90 -38.68 -11.25
C ALA B 90 -0.15 -38.86 -12.33
N ILE B 91 -0.04 -38.06 -13.39
CA ILE B 91 -0.98 -38.16 -14.51
C ILE B 91 -0.65 -39.41 -15.36
N ALA B 92 0.63 -39.76 -15.46
CA ALA B 92 1.02 -40.92 -16.22
C ALA B 92 0.52 -42.15 -15.49
N LYS B 93 0.84 -42.26 -14.20
CA LYS B 93 0.39 -43.39 -13.39
C LYS B 93 -1.15 -43.47 -13.40
N ALA B 94 -1.82 -42.32 -13.33
CA ALA B 94 -3.27 -42.30 -13.37
C ALA B 94 -3.71 -43.00 -14.63
N GLY B 95 -2.75 -43.25 -15.52
CA GLY B 95 -3.04 -43.93 -16.78
C GLY B 95 -3.21 -43.02 -17.97
N ILE B 96 -3.04 -41.71 -17.76
CA ILE B 96 -3.17 -40.74 -18.85
C ILE B 96 -1.83 -40.60 -19.57
N PRO B 97 -1.86 -40.59 -20.92
CA PRO B 97 -0.59 -40.45 -21.64
C PRO B 97 -0.02 -39.04 -21.55
N VAL B 98 1.07 -38.91 -20.78
CA VAL B 98 1.74 -37.63 -20.59
C VAL B 98 3.17 -37.71 -21.11
N PHE B 99 3.54 -36.76 -21.95
CA PHE B 99 4.88 -36.71 -22.51
C PHE B 99 5.44 -35.35 -22.10
N ALA B 100 6.04 -35.26 -20.92
CA ALA B 100 6.58 -34.00 -20.45
C ALA B 100 7.50 -34.18 -19.27
N TRP B 101 8.54 -33.37 -19.23
CA TRP B 101 9.48 -33.36 -18.13
C TRP B 101 10.15 -32.00 -18.07
N LYS B 102 10.78 -31.69 -16.94
CA LYS B 102 11.45 -30.41 -16.80
C LYS B 102 12.82 -30.48 -17.43
N GLY B 103 13.09 -29.57 -18.35
CA GLY B 103 14.40 -29.54 -18.99
C GLY B 103 14.53 -30.32 -20.28
N GLU B 104 13.55 -30.22 -21.17
CA GLU B 104 13.61 -30.93 -22.44
C GLU B 104 14.33 -30.08 -23.48
N THR B 105 15.10 -30.72 -24.35
CA THR B 105 15.79 -29.99 -25.39
C THR B 105 14.71 -29.53 -26.36
N ASP B 106 14.95 -28.42 -27.05
CA ASP B 106 13.98 -27.87 -27.97
C ASP B 106 13.46 -28.95 -28.91
N GLU B 107 14.32 -29.91 -29.21
CA GLU B 107 13.96 -31.02 -30.08
C GLU B 107 12.95 -31.98 -29.42
N GLU B 108 13.13 -32.26 -28.13
CA GLU B 108 12.20 -33.14 -27.44
C GLU B 108 10.89 -32.42 -27.24
N TYR B 109 10.96 -31.11 -27.05
CA TYR B 109 9.75 -30.33 -26.85
C TYR B 109 8.77 -30.56 -27.98
N LEU B 110 9.28 -30.80 -29.19
CA LEU B 110 8.42 -31.01 -30.34
C LEU B 110 7.89 -32.43 -30.39
N TRP B 111 8.78 -33.39 -30.20
CA TRP B 111 8.40 -34.80 -30.22
C TRP B 111 7.28 -35.06 -29.24
N CYS B 112 7.33 -34.39 -28.09
CA CYS B 112 6.30 -34.54 -27.06
C CYS B 112 4.92 -34.10 -27.57
N ILE B 113 4.87 -32.99 -28.30
CA ILE B 113 3.60 -32.50 -28.83
C ILE B 113 3.10 -33.47 -29.89
N GLU B 114 4.02 -33.99 -30.68
CA GLU B 114 3.66 -34.92 -31.75
C GLU B 114 3.04 -36.21 -31.25
N GLN B 115 3.37 -36.59 -30.02
CA GLN B 115 2.82 -37.80 -29.45
C GLN B 115 1.35 -37.60 -29.18
N THR B 116 0.98 -36.40 -28.74
CA THR B 116 -0.41 -36.13 -28.40
C THR B 116 -1.35 -35.88 -29.57
N LEU B 117 -0.90 -36.19 -30.78
CA LEU B 117 -1.71 -35.95 -31.96
C LEU B 117 -2.61 -37.09 -32.42
N HIS B 118 -2.26 -38.31 -32.04
CA HIS B 118 -3.08 -39.45 -32.43
C HIS B 118 -3.50 -40.32 -31.25
N PHE B 119 -4.80 -40.53 -31.15
CA PHE B 119 -5.36 -41.35 -30.08
C PHE B 119 -5.71 -42.72 -30.63
N LYS B 120 -6.17 -43.57 -29.72
CA LYS B 120 -6.58 -44.93 -30.05
C LYS B 120 -7.62 -44.90 -31.17
N ASP B 121 -8.74 -44.28 -30.86
CA ASP B 121 -9.85 -44.16 -31.78
C ASP B 121 -9.52 -43.30 -33.00
N GLY B 122 -8.29 -42.79 -33.05
CA GLY B 122 -7.90 -41.95 -34.17
C GLY B 122 -7.32 -40.64 -33.71
N PRO B 123 -7.06 -39.68 -34.62
CA PRO B 123 -6.49 -38.36 -34.28
C PRO B 123 -7.37 -37.52 -33.39
N LEU B 124 -6.81 -36.40 -32.94
CA LEU B 124 -7.50 -35.45 -32.07
C LEU B 124 -8.70 -34.82 -32.76
N ASN B 125 -9.64 -34.32 -31.96
CA ASN B 125 -10.82 -33.65 -32.48
C ASN B 125 -11.05 -32.38 -31.67
N MET B 126 -10.12 -32.08 -30.77
CA MET B 126 -10.21 -30.92 -29.87
C MET B 126 -8.82 -30.41 -29.45
N ILE B 127 -8.64 -29.10 -29.38
CA ILE B 127 -7.34 -28.52 -28.99
C ILE B 127 -7.42 -27.59 -27.78
N LEU B 128 -6.62 -27.87 -26.76
CA LEU B 128 -6.54 -27.03 -25.56
C LEU B 128 -5.12 -26.51 -25.57
N ASP B 129 -4.96 -25.24 -25.95
CA ASP B 129 -3.63 -24.66 -26.08
C ASP B 129 -3.34 -23.48 -25.15
N ASP B 130 -2.04 -23.24 -24.97
CA ASP B 130 -1.50 -22.16 -24.17
C ASP B 130 -0.23 -21.73 -24.90
N GLY B 131 -0.23 -20.56 -25.51
CA GLY B 131 0.95 -20.13 -26.23
C GLY B 131 0.78 -20.14 -27.74
N GLY B 132 0.00 -21.10 -28.25
CA GLY B 132 -0.25 -21.20 -29.68
C GLY B 132 0.52 -22.26 -30.44
N ASP B 133 1.48 -22.92 -29.79
CA ASP B 133 2.31 -23.92 -30.45
C ASP B 133 1.55 -25.09 -31.07
N LEU B 134 0.58 -25.63 -30.33
CA LEU B 134 -0.23 -26.75 -30.81
C LEU B 134 -1.12 -26.39 -31.99
N THR B 135 -1.85 -25.29 -31.90
CA THR B 135 -2.74 -24.91 -32.99
C THR B 135 -1.98 -24.44 -34.22
N ASN B 136 -0.68 -24.25 -34.06
CA ASN B 136 0.13 -23.82 -35.18
C ASN B 136 0.90 -24.99 -35.78
N LEU B 137 1.31 -25.91 -34.92
CA LEU B 137 2.03 -27.09 -35.38
C LEU B 137 1.15 -27.82 -36.39
N ILE B 138 -0.14 -27.86 -36.11
CA ILE B 138 -1.10 -28.54 -36.98
C ILE B 138 -1.48 -27.72 -38.20
N HIS B 139 -1.79 -26.44 -38.00
CA HIS B 139 -2.16 -25.55 -39.10
C HIS B 139 -1.06 -25.49 -40.17
N THR B 140 0.19 -25.59 -39.74
CA THR B 140 1.31 -25.49 -40.68
C THR B 140 2.04 -26.79 -41.01
N LYS B 141 2.09 -27.74 -40.06
CA LYS B 141 2.78 -29.00 -40.31
C LYS B 141 1.84 -30.13 -40.68
N HIS B 142 0.69 -30.20 -39.99
CA HIS B 142 -0.27 -31.27 -40.26
C HIS B 142 -1.64 -30.66 -40.52
N PRO B 143 -1.82 -30.08 -41.72
CA PRO B 143 -3.09 -29.46 -42.11
C PRO B 143 -4.20 -30.43 -42.39
N GLN B 144 -3.83 -31.69 -42.58
CA GLN B 144 -4.80 -32.75 -42.86
C GLN B 144 -5.67 -33.08 -41.65
N LEU B 145 -5.27 -32.57 -40.48
CA LEU B 145 -6.01 -32.83 -39.25
C LEU B 145 -7.02 -31.74 -38.90
N LEU B 146 -6.85 -30.56 -39.49
CA LEU B 146 -7.75 -29.44 -39.26
C LEU B 146 -9.22 -29.82 -39.41
N SER B 147 -9.50 -30.73 -40.35
CA SER B 147 -10.86 -31.17 -40.62
C SER B 147 -11.49 -31.93 -39.46
N GLY B 148 -10.66 -32.68 -38.74
CA GLY B 148 -11.15 -33.46 -37.62
C GLY B 148 -11.16 -32.77 -36.26
N ILE B 149 -10.76 -31.51 -36.23
CA ILE B 149 -10.74 -30.74 -34.99
C ILE B 149 -11.95 -29.82 -34.94
N ARG B 150 -12.75 -29.98 -33.89
CA ARG B 150 -13.97 -29.20 -33.69
C ARG B 150 -13.78 -27.84 -33.02
N GLY B 151 -12.66 -27.65 -32.33
CA GLY B 151 -12.46 -26.37 -31.68
C GLY B 151 -11.08 -26.16 -31.06
N ILE B 152 -10.85 -24.94 -30.60
CA ILE B 152 -9.59 -24.56 -29.98
C ILE B 152 -9.87 -23.73 -28.73
N SER B 153 -9.05 -23.96 -27.71
CA SER B 153 -9.13 -23.24 -26.42
C SER B 153 -7.76 -22.60 -26.16
N GLU B 154 -7.70 -21.27 -26.14
CA GLU B 154 -6.44 -20.57 -25.92
C GLU B 154 -6.35 -19.96 -24.53
N GLU B 155 -5.29 -20.35 -23.83
CA GLU B 155 -5.02 -19.92 -22.47
C GLU B 155 -4.43 -18.52 -22.27
N THR B 156 -3.39 -18.19 -23.02
CA THR B 156 -2.71 -16.92 -22.84
C THR B 156 -2.78 -15.83 -23.92
N THR B 157 -2.51 -14.59 -23.50
CA THR B 157 -2.51 -13.41 -24.39
C THR B 157 -1.78 -13.60 -25.73
N THR B 158 -0.52 -14.04 -25.65
CA THR B 158 0.28 -14.26 -26.85
C THR B 158 -0.44 -15.25 -27.78
N GLY B 159 -1.00 -16.30 -27.22
CA GLY B 159 -1.71 -17.27 -28.03
C GLY B 159 -2.91 -16.65 -28.71
N VAL B 160 -3.74 -15.94 -27.96
CA VAL B 160 -4.94 -15.29 -28.48
C VAL B 160 -4.63 -14.20 -29.50
N HIS B 161 -3.46 -13.59 -29.37
CA HIS B 161 -3.06 -12.52 -30.28
C HIS B 161 -2.79 -13.14 -31.63
N ASN B 162 -2.26 -14.35 -31.63
CA ASN B 162 -1.93 -15.05 -32.88
C ASN B 162 -3.18 -15.60 -33.54
N LEU B 163 -4.21 -15.84 -32.75
CA LEU B 163 -5.44 -16.36 -33.30
C LEU B 163 -6.07 -15.25 -34.11
N TYR B 164 -6.19 -14.08 -33.48
CA TYR B 164 -6.76 -12.93 -34.14
C TYR B 164 -5.99 -12.65 -35.43
N LYS B 165 -4.70 -12.94 -35.40
CA LYS B 165 -3.82 -12.75 -36.56
C LYS B 165 -4.12 -13.75 -37.67
N MET B 166 -4.09 -15.04 -37.31
CA MET B 166 -4.34 -16.10 -38.28
C MET B 166 -5.62 -15.83 -39.00
N MET B 167 -6.62 -15.40 -38.25
CA MET B 167 -7.92 -15.11 -38.80
C MET B 167 -7.80 -13.92 -39.74
N ALA B 168 -7.05 -12.91 -39.33
CA ALA B 168 -6.86 -11.71 -40.13
C ALA B 168 -6.32 -12.04 -41.50
N ASN B 169 -5.45 -13.03 -41.59
CA ASN B 169 -4.89 -13.44 -42.88
C ASN B 169 -5.53 -14.75 -43.37
N GLY B 170 -6.74 -15.01 -42.92
CA GLY B 170 -7.43 -16.22 -43.35
C GLY B 170 -6.62 -17.50 -43.24
N ILE B 171 -5.96 -17.70 -42.11
CA ILE B 171 -5.16 -18.89 -41.86
C ILE B 171 -5.82 -19.83 -40.86
N LEU B 172 -6.78 -19.32 -40.10
CA LEU B 172 -7.50 -20.10 -39.09
C LEU B 172 -8.60 -20.98 -39.69
N LYS B 173 -8.36 -22.28 -39.71
CA LYS B 173 -9.32 -23.21 -40.26
C LYS B 173 -10.28 -23.86 -39.25
N VAL B 174 -10.09 -23.57 -37.96
CA VAL B 174 -10.96 -24.12 -36.92
C VAL B 174 -11.34 -23.09 -35.85
N PRO B 175 -12.56 -23.19 -35.28
CA PRO B 175 -13.01 -22.24 -34.26
C PRO B 175 -12.17 -22.23 -32.98
N ALA B 176 -12.10 -21.10 -32.31
CA ALA B 176 -11.33 -21.00 -31.09
C ALA B 176 -12.01 -20.07 -30.11
N ILE B 177 -11.80 -20.31 -28.82
CA ILE B 177 -12.39 -19.44 -27.82
C ILE B 177 -11.28 -18.72 -27.07
N ASN B 178 -11.36 -17.40 -27.05
CA ASN B 178 -10.41 -16.55 -26.35
C ASN B 178 -10.69 -16.73 -24.86
N VAL B 179 -9.96 -17.65 -24.22
CA VAL B 179 -10.14 -17.93 -22.80
C VAL B 179 -9.45 -16.87 -21.94
N ASN B 180 -8.30 -16.38 -22.43
CA ASN B 180 -7.53 -15.37 -21.71
C ASN B 180 -8.36 -14.12 -21.42
N ASP B 181 -9.00 -13.58 -22.46
CA ASP B 181 -9.78 -12.37 -22.32
C ASP B 181 -10.96 -12.47 -21.38
N SER B 182 -11.17 -13.63 -20.79
CA SER B 182 -12.27 -13.79 -19.84
C SER B 182 -11.93 -12.90 -18.64
N VAL B 183 -12.87 -12.06 -18.21
CA VAL B 183 -12.61 -11.18 -17.07
C VAL B 183 -12.04 -11.97 -15.88
N THR B 184 -12.65 -13.11 -15.57
CA THR B 184 -12.19 -13.92 -14.44
C THR B 184 -10.89 -14.65 -14.76
N LYS B 185 -10.33 -14.37 -15.94
CA LYS B 185 -9.07 -14.99 -16.33
C LYS B 185 -7.99 -13.93 -16.37
N SER B 186 -8.23 -12.88 -17.15
CA SER B 186 -7.26 -11.81 -17.29
C SER B 186 -7.09 -10.97 -16.04
N LYS B 187 -8.19 -10.62 -15.39
CA LYS B 187 -8.14 -9.82 -14.19
C LYS B 187 -7.77 -10.61 -12.92
N PHE B 188 -7.60 -11.92 -13.04
CA PHE B 188 -7.26 -12.67 -11.84
C PHE B 188 -6.00 -13.49 -12.03
N ASP B 189 -5.90 -14.17 -13.17
CA ASP B 189 -4.75 -15.01 -13.46
C ASP B 189 -3.57 -14.12 -13.85
N ASN B 190 -3.78 -13.28 -14.85
CA ASN B 190 -2.73 -12.40 -15.34
C ASN B 190 -2.26 -11.40 -14.30
N LEU B 191 -3.21 -10.73 -13.63
CA LEU B 191 -2.91 -9.74 -12.60
C LEU B 191 -2.45 -10.32 -11.25
N TYR B 192 -3.39 -10.91 -10.51
CA TYR B 192 -3.10 -11.48 -9.18
C TYR B 192 -2.15 -12.67 -9.17
N GLY B 193 -2.19 -13.48 -10.22
CA GLY B 193 -1.30 -14.63 -10.27
C GLY B 193 0.16 -14.23 -10.33
N CYS B 194 0.43 -13.23 -11.16
CA CYS B 194 1.77 -12.75 -11.34
C CYS B 194 2.24 -11.97 -10.12
N ARG B 195 1.30 -11.30 -9.45
CA ARG B 195 1.66 -10.53 -8.30
C ARG B 195 2.27 -11.43 -7.24
N GLU B 196 1.88 -12.70 -7.26
CA GLU B 196 2.41 -13.67 -6.30
C GLU B 196 3.51 -14.58 -6.85
N SER B 197 3.28 -15.11 -8.06
CA SER B 197 4.21 -16.04 -8.70
C SER B 197 5.48 -15.51 -9.36
N LEU B 198 5.58 -14.20 -9.59
CA LEU B 198 6.78 -13.63 -10.20
C LEU B 198 7.96 -13.70 -9.23
N ILE B 199 7.77 -13.05 -8.07
CA ILE B 199 8.77 -13.00 -7.01
C ILE B 199 9.13 -14.40 -6.51
N ASP B 200 8.17 -15.32 -6.56
CA ASP B 200 8.44 -16.67 -6.13
C ASP B 200 9.55 -17.19 -7.05
N GLY B 201 9.47 -16.82 -8.32
CA GLY B 201 10.47 -17.25 -9.27
C GLY B 201 11.82 -16.58 -9.03
N ILE B 202 11.80 -15.27 -8.87
CA ILE B 202 13.03 -14.53 -8.62
C ILE B 202 13.71 -15.03 -7.34
N LYS B 203 12.95 -15.04 -6.25
CA LYS B 203 13.43 -15.47 -4.94
C LYS B 203 14.03 -16.87 -4.91
N ARG B 204 13.25 -17.87 -5.26
CA ARG B 204 13.76 -19.22 -5.22
C ARG B 204 15.07 -19.38 -5.98
N ALA B 205 15.22 -18.63 -7.06
CA ALA B 205 16.43 -18.70 -7.90
C ALA B 205 17.57 -17.85 -7.40
N THR B 206 17.28 -16.61 -7.05
CA THR B 206 18.31 -15.70 -6.59
C THR B 206 18.36 -15.48 -5.09
N ASP B 207 17.19 -15.54 -4.44
CA ASP B 207 17.11 -15.34 -3.00
C ASP B 207 17.48 -13.90 -2.69
N VAL B 208 17.39 -13.07 -3.73
CA VAL B 208 17.70 -11.65 -3.64
C VAL B 208 16.75 -10.92 -2.72
N MET B 209 17.20 -9.78 -2.23
CA MET B 209 16.37 -8.97 -1.38
C MET B 209 15.69 -7.98 -2.32
N ILE B 210 14.36 -7.89 -2.22
CA ILE B 210 13.62 -6.99 -3.07
C ILE B 210 13.70 -5.58 -2.51
N ALA B 211 13.47 -5.40 -1.22
CA ALA B 211 13.51 -4.07 -0.61
C ALA B 211 14.81 -3.29 -0.89
N GLY B 212 14.67 -2.04 -1.34
CA GLY B 212 15.85 -1.23 -1.60
C GLY B 212 16.34 -1.27 -3.02
N LYS B 213 15.88 -2.24 -3.79
CA LYS B 213 16.30 -2.34 -5.18
C LYS B 213 15.42 -1.54 -6.12
N VAL B 214 15.94 -1.35 -7.33
CA VAL B 214 15.23 -0.64 -8.39
C VAL B 214 14.79 -1.73 -9.40
N ALA B 215 13.48 -1.87 -9.56
CA ALA B 215 12.92 -2.87 -10.48
C ALA B 215 12.26 -2.23 -11.74
N VAL B 216 12.73 -2.65 -12.92
CA VAL B 216 12.21 -2.15 -14.19
C VAL B 216 11.31 -3.19 -14.82
N VAL B 217 10.04 -2.83 -15.02
CA VAL B 217 9.04 -3.72 -15.61
C VAL B 217 8.59 -3.16 -16.96
N ALA B 218 8.83 -3.91 -18.03
CA ALA B 218 8.43 -3.49 -19.38
C ALA B 218 7.00 -3.94 -19.74
N GLY B 219 6.11 -2.98 -19.95
CA GLY B 219 4.74 -3.30 -20.30
C GLY B 219 3.86 -3.16 -19.06
N TYR B 220 2.74 -2.46 -19.21
CA TYR B 220 1.84 -2.25 -18.09
C TYR B 220 0.48 -2.92 -18.26
N GLY B 221 0.49 -4.12 -18.83
CA GLY B 221 -0.74 -4.84 -18.98
C GLY B 221 -1.08 -5.41 -17.62
N ASP B 222 -2.02 -6.34 -17.62
CA ASP B 222 -2.43 -6.98 -16.38
C ASP B 222 -1.22 -7.63 -15.72
N VAL B 223 -0.38 -8.29 -16.51
CA VAL B 223 0.81 -8.93 -15.96
C VAL B 223 1.74 -7.85 -15.40
N GLY B 224 1.90 -6.76 -16.16
CA GLY B 224 2.76 -5.70 -15.68
C GLY B 224 2.25 -5.10 -14.39
N LYS B 225 0.99 -4.71 -14.36
CA LYS B 225 0.41 -4.12 -13.16
C LYS B 225 0.63 -5.01 -11.95
N GLY B 226 0.49 -6.32 -12.12
CA GLY B 226 0.65 -7.26 -11.03
C GLY B 226 2.10 -7.43 -10.61
N CYS B 227 3.02 -7.43 -11.56
CA CYS B 227 4.44 -7.56 -11.23
C CYS B 227 4.91 -6.29 -10.53
N ALA B 228 4.50 -5.14 -11.05
CA ALA B 228 4.86 -3.85 -10.48
C ALA B 228 4.40 -3.73 -9.03
N GLN B 229 3.14 -4.08 -8.76
CA GLN B 229 2.60 -3.98 -7.42
C GLN B 229 3.30 -4.92 -6.45
N ALA B 230 3.77 -6.05 -6.97
CA ALA B 230 4.46 -7.04 -6.15
C ALA B 230 5.77 -6.42 -5.69
N LEU B 231 6.66 -6.19 -6.65
CA LEU B 231 7.96 -5.59 -6.36
C LEU B 231 7.81 -4.35 -5.48
N ARG B 232 7.04 -3.39 -5.98
CA ARG B 232 6.82 -2.14 -5.28
C ARG B 232 6.34 -2.36 -3.85
N GLY B 233 5.60 -3.43 -3.62
CA GLY B 233 5.09 -3.67 -2.27
C GLY B 233 6.09 -4.28 -1.33
N PHE B 234 7.28 -4.59 -1.85
CA PHE B 234 8.32 -5.21 -1.04
C PHE B 234 9.40 -4.21 -0.65
N GLY B 235 9.27 -2.97 -1.14
CA GLY B 235 10.24 -1.93 -0.85
C GLY B 235 11.12 -1.57 -2.02
N ALA B 236 10.80 -2.11 -3.20
CA ALA B 236 11.58 -1.85 -4.40
C ALA B 236 11.03 -0.62 -5.09
N ARG B 237 11.87 0.04 -5.88
CA ARG B 237 11.44 1.22 -6.61
C ARG B 237 11.20 0.75 -8.03
N VAL B 238 9.96 0.84 -8.49
CA VAL B 238 9.56 0.36 -9.80
C VAL B 238 9.45 1.39 -10.91
N ILE B 239 10.19 1.15 -11.99
CA ILE B 239 10.18 2.03 -13.16
C ILE B 239 9.43 1.25 -14.23
N ILE B 240 8.60 1.94 -15.01
CA ILE B 240 7.83 1.25 -16.03
C ILE B 240 8.02 1.84 -17.40
N THR B 241 8.11 0.95 -18.39
CA THR B 241 8.28 1.36 -19.77
C THR B 241 7.06 0.87 -20.54
N GLU B 242 6.49 1.73 -21.38
CA GLU B 242 5.30 1.35 -22.16
C GLU B 242 5.24 2.04 -23.52
N ILE B 243 4.43 1.50 -24.42
CA ILE B 243 4.27 2.11 -25.74
C ILE B 243 2.84 2.63 -25.89
N GLU B 244 1.99 2.34 -24.91
CA GLU B 244 0.59 2.77 -24.92
C GLU B 244 0.33 3.99 -24.02
N PRO B 245 -0.36 5.01 -24.54
CA PRO B 245 -0.66 6.23 -23.77
C PRO B 245 -1.50 5.97 -22.52
N ILE B 246 -2.64 5.29 -22.68
CA ILE B 246 -3.52 4.97 -21.55
C ILE B 246 -2.78 4.20 -20.46
N ASN B 247 -2.29 3.01 -20.80
CA ASN B 247 -1.55 2.15 -19.86
C ASN B 247 -0.47 2.95 -19.14
N ALA B 248 0.22 3.82 -19.90
CA ALA B 248 1.29 4.66 -19.38
C ALA B 248 0.72 5.70 -18.40
N LEU B 249 -0.36 6.39 -18.79
CA LEU B 249 -0.95 7.37 -17.89
C LEU B 249 -1.36 6.67 -16.61
N GLN B 250 -1.64 5.38 -16.74
CA GLN B 250 -2.05 4.55 -15.61
C GLN B 250 -0.88 4.33 -14.65
N ALA B 251 0.25 3.90 -15.20
CA ALA B 251 1.44 3.66 -14.38
C ALA B 251 1.85 4.96 -13.70
N ALA B 252 1.61 6.08 -14.37
CA ALA B 252 1.97 7.38 -13.81
C ALA B 252 1.01 7.79 -12.69
N MET B 253 -0.28 7.53 -12.87
CA MET B 253 -1.27 7.87 -11.85
C MET B 253 -1.19 6.93 -10.64
N GLU B 254 -0.22 6.04 -10.63
CA GLU B 254 -0.02 5.11 -9.53
C GLU B 254 1.32 5.42 -8.82
N GLY B 255 1.99 6.48 -9.25
CA GLY B 255 3.26 6.82 -8.65
C GLY B 255 4.48 6.22 -9.32
N TYR B 256 4.26 5.41 -10.35
CA TYR B 256 5.37 4.78 -11.06
C TYR B 256 5.99 5.73 -12.07
N GLU B 257 7.31 5.67 -12.20
CA GLU B 257 8.01 6.50 -13.16
C GLU B 257 8.04 5.75 -14.47
N VAL B 258 7.59 6.41 -15.54
CA VAL B 258 7.57 5.81 -16.86
C VAL B 258 8.58 6.50 -17.77
N THR B 259 9.46 5.70 -18.36
CA THR B 259 10.50 6.16 -19.27
C THR B 259 10.88 5.01 -20.17
N THR B 260 11.91 5.24 -20.98
CA THR B 260 12.40 4.22 -21.91
C THR B 260 13.42 3.25 -21.29
N MET B 261 13.51 2.04 -21.82
CA MET B 261 14.47 1.08 -21.30
C MET B 261 15.87 1.64 -21.49
N ASP B 262 16.06 2.42 -22.55
CA ASP B 262 17.36 3.01 -22.85
C ASP B 262 17.90 3.83 -21.68
N GLU B 263 17.00 4.53 -20.99
CA GLU B 263 17.37 5.36 -19.86
C GLU B 263 17.32 4.57 -18.56
N ALA B 264 16.35 3.68 -18.46
CA ALA B 264 16.16 2.88 -17.26
C ALA B 264 17.21 1.81 -17.01
N CYS B 265 17.70 1.15 -18.05
CA CYS B 265 18.70 0.10 -17.90
C CYS B 265 19.88 0.53 -17.01
N LYS B 266 20.08 1.83 -16.90
CA LYS B 266 21.17 2.38 -16.12
C LYS B 266 20.89 2.41 -14.62
N GLU B 267 19.62 2.41 -14.24
CA GLU B 267 19.25 2.46 -12.84
C GLU B 267 18.79 1.14 -12.19
N GLY B 268 17.97 0.36 -12.89
CA GLY B 268 17.46 -0.88 -12.33
C GLY B 268 18.41 -1.97 -11.88
N ASN B 269 17.92 -2.84 -10.98
CA ASN B 269 18.70 -3.95 -10.45
C ASN B 269 18.02 -5.26 -10.84
N ILE B 270 16.71 -5.19 -11.04
CA ILE B 270 15.89 -6.33 -11.43
C ILE B 270 15.10 -5.89 -12.64
N PHE B 271 15.26 -6.62 -13.73
CA PHE B 271 14.54 -6.30 -14.95
C PHE B 271 13.57 -7.41 -15.27
N VAL B 272 12.30 -7.04 -15.43
CA VAL B 272 11.23 -8.00 -15.74
C VAL B 272 10.43 -7.58 -16.96
N THR B 273 10.48 -8.41 -18.00
CA THR B 273 9.74 -8.12 -19.22
C THR B 273 8.37 -8.80 -19.14
N THR B 274 7.34 -8.01 -19.35
CA THR B 274 5.97 -8.51 -19.31
C THR B 274 5.27 -8.21 -20.64
N THR B 275 5.91 -7.43 -21.49
CA THR B 275 5.36 -7.09 -22.80
C THR B 275 5.36 -8.40 -23.55
N GLY B 276 4.57 -8.48 -24.61
CA GLY B 276 4.54 -9.71 -25.39
C GLY B 276 5.28 -9.60 -26.72
N CYS B 277 6.26 -8.71 -26.79
CA CYS B 277 7.01 -8.47 -28.02
C CYS B 277 8.55 -8.59 -27.87
N VAL B 278 9.24 -8.73 -29.01
CA VAL B 278 10.69 -8.90 -29.05
C VAL B 278 11.58 -7.69 -28.80
N ASP B 279 12.84 -7.99 -28.53
CA ASP B 279 13.87 -6.97 -28.31
C ASP B 279 13.55 -5.95 -27.24
N ILE B 280 13.21 -6.40 -26.04
CA ILE B 280 12.87 -5.45 -24.98
C ILE B 280 14.14 -5.08 -24.22
N ILE B 281 15.05 -6.04 -24.15
CA ILE B 281 16.31 -5.87 -23.45
C ILE B 281 17.44 -6.32 -24.37
N LEU B 282 18.25 -5.36 -24.81
CA LEU B 282 19.36 -5.65 -25.73
C LEU B 282 20.76 -5.54 -25.14
N GLY B 283 21.74 -5.96 -25.94
CA GLY B 283 23.11 -5.91 -25.51
C GLY B 283 23.47 -4.49 -25.16
N ARG B 284 22.92 -3.54 -25.92
CA ARG B 284 23.18 -2.11 -25.69
C ARG B 284 22.76 -1.73 -24.28
N HIS B 285 21.94 -2.59 -23.67
CA HIS B 285 21.43 -2.35 -22.33
C HIS B 285 22.29 -3.09 -21.32
N PHE B 286 22.52 -4.36 -21.59
CA PHE B 286 23.35 -5.17 -20.69
C PHE B 286 24.65 -4.43 -20.34
N GLU B 287 25.19 -3.71 -21.31
CA GLU B 287 26.42 -2.94 -21.12
C GLU B 287 26.30 -1.74 -20.16
N GLN B 288 25.09 -1.44 -19.69
CA GLN B 288 24.91 -0.30 -18.80
C GLN B 288 24.39 -0.71 -17.44
N MET B 289 23.97 -1.96 -17.32
CA MET B 289 23.41 -2.45 -16.07
C MET B 289 24.40 -2.51 -14.91
N LYS B 290 23.90 -2.22 -13.71
CA LYS B 290 24.72 -2.27 -12.50
C LYS B 290 25.18 -3.72 -12.36
N ASP B 291 26.26 -3.92 -11.63
CA ASP B 291 26.81 -5.27 -11.45
C ASP B 291 25.79 -6.24 -10.84
N ASP B 292 25.84 -7.48 -11.31
CA ASP B 292 24.96 -8.54 -10.86
C ASP B 292 23.48 -8.25 -11.02
N ALA B 293 23.10 -7.53 -12.08
CA ALA B 293 21.69 -7.20 -12.29
C ALA B 293 20.95 -8.49 -12.56
N ILE B 294 19.72 -8.59 -12.07
CA ILE B 294 18.91 -9.80 -12.30
C ILE B 294 17.93 -9.52 -13.43
N VAL B 295 18.04 -10.29 -14.50
CA VAL B 295 17.16 -10.11 -15.65
C VAL B 295 16.32 -11.37 -15.87
N CYS B 296 15.01 -11.15 -15.97
CA CYS B 296 14.05 -12.23 -16.18
C CYS B 296 12.88 -11.73 -17.03
N ASN B 297 12.12 -12.67 -17.57
CA ASN B 297 11.00 -12.36 -18.44
C ASN B 297 9.81 -13.23 -18.05
N ILE B 298 8.64 -12.61 -17.97
CA ILE B 298 7.43 -13.31 -17.60
C ILE B 298 6.42 -13.31 -18.75
N GLY B 299 6.80 -12.74 -19.89
CA GLY B 299 5.91 -12.74 -21.04
C GLY B 299 5.84 -14.20 -21.46
N HIS B 300 5.08 -14.55 -22.49
CA HIS B 300 5.00 -15.96 -22.84
C HIS B 300 6.22 -16.63 -23.51
N PHE B 301 6.82 -15.99 -24.52
CA PHE B 301 7.97 -16.59 -25.19
C PHE B 301 9.30 -15.97 -24.80
N ASP B 302 10.38 -16.63 -25.20
CA ASP B 302 11.75 -16.21 -24.83
C ASP B 302 12.63 -15.29 -25.72
N VAL B 303 12.03 -14.29 -26.36
CA VAL B 303 12.79 -13.36 -27.19
C VAL B 303 12.68 -11.91 -26.76
N GLU B 304 12.15 -11.67 -25.57
CA GLU B 304 12.01 -10.31 -25.09
C GLU B 304 13.40 -9.84 -24.67
N ILE B 305 14.18 -10.77 -24.13
CA ILE B 305 15.56 -10.51 -23.71
C ILE B 305 16.48 -11.15 -24.74
N ASP B 306 17.41 -10.38 -25.29
CA ASP B 306 18.32 -10.93 -26.28
C ASP B 306 19.37 -11.79 -25.58
N VAL B 307 19.03 -13.05 -25.35
CA VAL B 307 19.93 -13.97 -24.68
C VAL B 307 21.10 -14.33 -25.56
N LYS B 308 20.84 -14.46 -26.87
CA LYS B 308 21.89 -14.78 -27.83
C LYS B 308 23.04 -13.82 -27.72
N TRP B 309 22.72 -12.54 -27.56
CA TRP B 309 23.75 -11.52 -27.43
C TRP B 309 24.64 -11.88 -26.27
N LEU B 310 24.05 -12.05 -25.09
CA LEU B 310 24.81 -12.38 -23.89
C LEU B 310 25.64 -13.60 -24.21
N ASN B 311 24.98 -14.63 -24.73
CA ASN B 311 25.65 -15.87 -25.09
C ASN B 311 26.84 -15.66 -26.03
N GLU B 312 26.75 -14.68 -26.92
CA GLU B 312 27.81 -14.43 -27.89
C GLU B 312 28.70 -13.23 -27.54
N ASN B 313 28.47 -12.60 -26.39
CA ASN B 313 29.28 -11.44 -26.02
C ASN B 313 29.87 -11.42 -24.61
N ALA B 314 29.48 -12.37 -23.77
CA ALA B 314 29.98 -12.42 -22.40
C ALA B 314 31.32 -13.15 -22.31
N VAL B 315 32.22 -12.63 -21.48
CA VAL B 315 33.53 -13.23 -21.30
C VAL B 315 33.39 -14.68 -20.89
N GLU B 316 32.40 -14.96 -20.06
CA GLU B 316 32.16 -16.31 -19.56
C GLU B 316 30.80 -16.45 -18.89
N LYS B 317 30.27 -17.66 -18.93
CA LYS B 317 28.97 -17.97 -18.35
C LYS B 317 29.11 -19.10 -17.34
N VAL B 318 28.68 -18.87 -16.12
CA VAL B 318 28.77 -19.90 -15.10
C VAL B 318 27.38 -20.18 -14.58
N ASN B 319 26.98 -21.44 -14.64
CA ASN B 319 25.67 -21.84 -14.15
C ASN B 319 25.66 -22.07 -12.64
N ILE B 320 24.95 -21.22 -11.92
CA ILE B 320 24.87 -21.30 -10.48
C ILE B 320 24.14 -22.57 -10.03
N LYS B 321 23.02 -22.81 -10.69
CA LYS B 321 22.16 -23.95 -10.42
C LYS B 321 21.14 -23.95 -11.56
N PRO B 322 20.39 -25.05 -11.72
CA PRO B 322 19.40 -25.11 -12.80
C PRO B 322 18.61 -23.82 -13.04
N GLN B 323 18.60 -23.38 -14.30
CA GLN B 323 17.90 -22.18 -14.74
C GLN B 323 18.37 -20.89 -14.08
N VAL B 324 19.66 -20.84 -13.74
CA VAL B 324 20.26 -19.65 -13.14
C VAL B 324 21.69 -19.53 -13.62
N ASP B 325 21.94 -18.54 -14.45
CA ASP B 325 23.27 -18.31 -15.01
C ASP B 325 23.79 -16.94 -14.66
N ARG B 326 25.08 -16.87 -14.35
CA ARG B 326 25.75 -15.62 -14.02
C ARG B 326 26.76 -15.42 -15.13
N TYR B 327 26.61 -14.31 -15.86
CA TYR B 327 27.50 -13.95 -16.97
C TYR B 327 28.50 -12.87 -16.58
N LEU B 328 29.68 -12.95 -17.16
CA LEU B 328 30.71 -11.96 -16.91
C LEU B 328 30.89 -11.17 -18.21
N LEU B 329 30.41 -9.94 -18.22
CA LEU B 329 30.54 -9.10 -19.40
C LEU B 329 32.01 -8.67 -19.54
N LYS B 330 32.32 -7.87 -20.54
CA LYS B 330 33.70 -7.41 -20.73
C LYS B 330 34.03 -6.21 -19.83
N ASN B 331 33.01 -5.50 -19.35
CA ASN B 331 33.25 -4.35 -18.48
C ASN B 331 33.40 -4.85 -17.04
N GLY B 332 33.32 -6.17 -16.89
CA GLY B 332 33.48 -6.77 -15.58
C GLY B 332 32.22 -7.02 -14.78
N HIS B 333 31.14 -6.28 -15.06
CA HIS B 333 29.91 -6.48 -14.33
C HIS B 333 29.40 -7.87 -14.62
N ARG B 334 28.52 -8.36 -13.78
CA ARG B 334 27.96 -9.69 -13.95
C ARG B 334 26.44 -9.59 -14.18
N ILE B 335 25.91 -10.46 -15.04
CA ILE B 335 24.47 -10.46 -15.29
C ILE B 335 23.84 -11.82 -14.98
N ILE B 336 23.01 -11.85 -13.94
CA ILE B 336 22.33 -13.07 -13.53
C ILE B 336 21.07 -13.23 -14.37
N LEU B 337 21.10 -14.20 -15.27
CA LEU B 337 19.95 -14.47 -16.16
C LEU B 337 19.08 -15.61 -15.64
N LEU B 338 17.77 -15.37 -15.59
CA LEU B 338 16.86 -16.39 -15.09
C LEU B 338 16.06 -17.19 -16.14
N ALA B 339 16.25 -18.51 -16.11
CA ALA B 339 15.56 -19.45 -16.98
C ALA B 339 15.84 -19.27 -18.47
N GLU B 340 17.02 -18.75 -18.79
CA GLU B 340 17.41 -18.51 -20.18
C GLU B 340 16.39 -17.63 -20.92
N GLY B 341 15.94 -16.56 -20.28
CA GLY B 341 14.99 -15.68 -20.93
C GLY B 341 13.59 -16.23 -20.97
N ARG B 342 13.41 -17.45 -20.46
CA ARG B 342 12.10 -18.13 -20.44
C ARG B 342 11.24 -17.69 -19.25
N LEU B 343 9.98 -18.11 -19.24
CA LEU B 343 9.06 -17.74 -18.16
C LEU B 343 9.71 -18.01 -16.82
N VAL B 344 9.86 -16.94 -16.03
CA VAL B 344 10.51 -17.00 -14.73
C VAL B 344 9.69 -17.62 -13.59
N ASN B 345 8.40 -17.32 -13.52
CA ASN B 345 7.54 -17.87 -12.47
C ASN B 345 7.39 -19.38 -12.60
N LEU B 346 7.25 -19.87 -13.83
CA LEU B 346 7.11 -21.30 -14.10
C LEU B 346 8.45 -22.01 -14.26
N GLY B 347 9.46 -21.26 -14.67
CA GLY B 347 10.76 -21.87 -14.86
C GLY B 347 11.56 -22.03 -13.59
N CYS B 348 11.51 -21.01 -12.74
CA CYS B 348 12.24 -21.04 -11.49
C CYS B 348 11.37 -21.30 -10.24
N ALA B 349 10.06 -21.21 -10.41
CA ALA B 349 9.11 -21.42 -9.33
C ALA B 349 8.07 -22.43 -9.77
N MET B 350 6.91 -22.41 -9.10
CA MET B 350 5.80 -23.34 -9.39
C MET B 350 4.61 -22.74 -10.12
N GLY B 351 4.78 -21.56 -10.73
CA GLY B 351 3.69 -20.94 -11.46
C GLY B 351 2.68 -20.27 -10.55
N HIS B 352 1.54 -19.88 -11.09
CA HIS B 352 0.49 -19.25 -10.26
C HIS B 352 0.00 -20.24 -9.21
N PRO B 353 -0.57 -19.73 -8.12
CA PRO B 353 -1.07 -20.60 -7.07
C PRO B 353 -2.39 -21.26 -7.52
N SER B 354 -2.73 -22.40 -6.93
CA SER B 354 -3.95 -23.14 -7.27
C SER B 354 -5.23 -22.31 -7.41
N PHE B 355 -5.63 -21.66 -6.32
CA PHE B 355 -6.85 -20.88 -6.31
C PHE B 355 -7.06 -20.01 -7.53
N VAL B 356 -6.01 -19.37 -8.01
CA VAL B 356 -6.18 -18.49 -9.17
C VAL B 356 -6.27 -19.26 -10.48
N MET B 357 -5.50 -20.34 -10.58
CA MET B 357 -5.50 -21.19 -11.75
C MET B 357 -6.89 -21.82 -11.89
N SER B 358 -7.57 -22.02 -10.77
CA SER B 358 -8.89 -22.61 -10.79
C SER B 358 -9.86 -21.78 -11.63
N ASN B 359 -9.73 -20.46 -11.59
CA ASN B 359 -10.58 -19.58 -12.36
C ASN B 359 -10.32 -19.79 -13.85
N SER B 360 -9.03 -19.77 -14.21
CA SER B 360 -8.64 -19.94 -15.60
C SER B 360 -9.03 -21.30 -16.15
N PHE B 361 -8.72 -22.35 -15.41
CA PHE B 361 -9.02 -23.70 -15.85
C PHE B 361 -10.51 -24.03 -15.88
N THR B 362 -11.30 -23.28 -15.13
CA THR B 362 -12.74 -23.49 -15.12
C THR B 362 -13.24 -22.95 -16.46
N ASN B 363 -12.70 -21.82 -16.87
CA ASN B 363 -13.06 -21.20 -18.15
C ASN B 363 -12.63 -22.14 -19.27
N GLN B 364 -11.50 -22.81 -19.05
CA GLN B 364 -10.96 -23.74 -20.03
C GLN B 364 -11.87 -24.96 -20.20
N VAL B 365 -12.42 -25.49 -19.11
CA VAL B 365 -13.33 -26.63 -19.24
C VAL B 365 -14.65 -26.17 -19.86
N MET B 366 -15.15 -25.03 -19.41
CA MET B 366 -16.39 -24.49 -19.96
C MET B 366 -16.25 -24.38 -21.48
N ALA B 367 -15.13 -23.82 -21.93
CA ALA B 367 -14.88 -23.64 -23.35
C ALA B 367 -14.96 -24.94 -24.15
N GLN B 368 -14.25 -25.97 -23.70
CA GLN B 368 -14.26 -27.24 -24.39
C GLN B 368 -15.69 -27.73 -24.55
N ILE B 369 -16.49 -27.59 -23.49
CA ILE B 369 -17.88 -28.03 -23.53
C ILE B 369 -18.73 -27.21 -24.50
N GLU B 370 -18.36 -25.95 -24.72
CA GLU B 370 -19.11 -25.10 -25.65
C GLU B 370 -18.80 -25.50 -27.09
N LEU B 371 -17.50 -25.64 -27.37
CA LEU B 371 -17.02 -26.01 -28.70
C LEU B 371 -17.43 -27.42 -29.14
N TRP B 372 -17.31 -28.37 -28.22
CA TRP B 372 -17.63 -29.77 -28.50
C TRP B 372 -19.10 -30.14 -28.38
N THR B 373 -19.93 -29.24 -27.87
CA THR B 373 -21.34 -29.55 -27.73
C THR B 373 -22.27 -28.60 -28.44
N HIS B 374 -21.82 -27.36 -28.65
CA HIS B 374 -22.63 -26.36 -29.35
C HIS B 374 -21.91 -25.79 -30.58
N PRO B 375 -21.22 -26.65 -31.36
CA PRO B 375 -20.49 -26.22 -32.55
C PRO B 375 -21.13 -25.10 -33.36
N ASP B 376 -22.46 -25.09 -33.41
CA ASP B 376 -23.21 -24.08 -34.16
C ASP B 376 -22.96 -22.66 -33.76
N LYS B 377 -22.83 -22.44 -32.46
CA LYS B 377 -22.62 -21.10 -31.95
C LYS B 377 -21.19 -20.64 -32.18
N TYR B 378 -20.35 -21.56 -32.63
CA TYR B 378 -18.96 -21.22 -32.85
C TYR B 378 -18.45 -21.53 -34.25
N PRO B 379 -18.66 -20.59 -35.20
CA PRO B 379 -18.21 -20.74 -36.58
C PRO B 379 -16.72 -20.41 -36.62
N VAL B 380 -16.01 -20.81 -37.67
CA VAL B 380 -14.59 -20.53 -37.73
C VAL B 380 -14.34 -19.06 -37.41
N GLY B 381 -13.42 -18.84 -36.48
CA GLY B 381 -13.07 -17.50 -36.04
C GLY B 381 -12.58 -17.60 -34.61
N VAL B 382 -12.66 -16.51 -33.88
CA VAL B 382 -12.22 -16.52 -32.50
C VAL B 382 -13.25 -15.77 -31.64
N HIS B 383 -13.88 -16.51 -30.73
CA HIS B 383 -14.91 -15.95 -29.88
C HIS B 383 -14.57 -15.85 -28.38
N PHE B 384 -15.39 -15.09 -27.67
CA PHE B 384 -15.25 -14.94 -26.23
C PHE B 384 -16.16 -16.00 -25.59
N LEU B 385 -15.90 -16.33 -24.33
CA LEU B 385 -16.74 -17.30 -23.63
C LEU B 385 -17.93 -16.49 -23.12
N PRO B 386 -19.14 -17.06 -23.18
CA PRO B 386 -20.34 -16.36 -22.71
C PRO B 386 -20.19 -15.63 -21.36
N LYS B 387 -20.62 -14.38 -21.35
CA LYS B 387 -20.55 -13.55 -20.15
C LYS B 387 -21.14 -14.30 -18.99
N LYS B 388 -22.22 -15.03 -19.24
CA LYS B 388 -22.87 -15.80 -18.20
C LYS B 388 -21.90 -16.85 -17.67
N LEU B 389 -21.25 -17.58 -18.58
CA LEU B 389 -20.29 -18.59 -18.17
C LEU B 389 -19.14 -17.95 -17.41
N ASP B 390 -18.70 -16.80 -17.89
CA ASP B 390 -17.63 -16.07 -17.24
C ASP B 390 -18.00 -15.77 -15.78
N GLU B 391 -19.10 -15.02 -15.58
CA GLU B 391 -19.59 -14.66 -14.24
C GLU B 391 -19.87 -15.89 -13.36
N ALA B 392 -19.87 -17.07 -13.98
CA ALA B 392 -20.12 -18.31 -13.26
C ALA B 392 -18.85 -18.78 -12.55
N VAL B 393 -17.70 -18.53 -13.15
CA VAL B 393 -16.42 -18.92 -12.56
C VAL B 393 -16.26 -18.14 -11.26
N ALA B 394 -16.36 -16.81 -11.35
CA ALA B 394 -16.22 -15.96 -10.20
C ALA B 394 -17.19 -16.44 -9.10
N GLU B 395 -18.46 -16.54 -9.46
CA GLU B 395 -19.48 -16.99 -8.53
C GLU B 395 -19.15 -18.33 -7.83
N ALA B 396 -18.52 -19.26 -8.55
CA ALA B 396 -18.18 -20.56 -7.99
C ALA B 396 -16.97 -20.57 -7.06
N HIS B 397 -16.36 -19.41 -6.84
CA HIS B 397 -15.21 -19.31 -5.94
C HIS B 397 -15.51 -18.45 -4.72
N LEU B 398 -16.70 -17.83 -4.70
CA LEU B 398 -17.11 -16.98 -3.59
C LEU B 398 -17.22 -17.70 -2.24
N GLY B 399 -17.78 -18.91 -2.25
CA GLY B 399 -17.92 -19.66 -1.01
C GLY B 399 -16.62 -20.01 -0.29
N LYS B 400 -15.59 -20.42 -1.02
CA LYS B 400 -14.32 -20.78 -0.39
C LYS B 400 -13.73 -19.60 0.36
N LEU B 401 -13.97 -18.39 -0.17
CA LEU B 401 -13.46 -17.15 0.43
C LEU B 401 -14.43 -16.53 1.43
N ASN B 402 -15.47 -17.26 1.79
CA ASN B 402 -16.43 -16.75 2.74
C ASN B 402 -17.05 -15.44 2.28
N VAL B 403 -17.16 -15.24 0.97
CA VAL B 403 -17.74 -14.01 0.47
C VAL B 403 -19.25 -14.11 0.52
N LYS B 404 -19.90 -13.08 1.05
CA LYS B 404 -21.35 -13.05 1.16
C LYS B 404 -21.94 -12.01 0.23
N LEU B 405 -22.45 -12.44 -0.92
CA LEU B 405 -23.06 -11.51 -1.87
C LEU B 405 -24.33 -10.92 -1.25
N THR B 406 -24.80 -9.82 -1.80
CA THR B 406 -26.00 -9.15 -1.31
C THR B 406 -27.09 -9.51 -2.32
N LYS B 407 -28.34 -9.26 -1.95
CA LYS B 407 -29.42 -9.55 -2.87
C LYS B 407 -30.32 -8.32 -3.00
N LEU B 408 -30.68 -7.99 -4.23
CA LEU B 408 -31.54 -6.85 -4.49
C LEU B 408 -32.93 -7.24 -4.05
N THR B 409 -33.78 -6.27 -3.78
CA THR B 409 -35.16 -6.55 -3.41
C THR B 409 -35.99 -6.32 -4.67
N GLU B 410 -37.22 -6.80 -4.71
CA GLU B 410 -38.01 -6.59 -5.91
C GLU B 410 -37.96 -5.12 -6.22
N LYS B 411 -38.07 -4.32 -5.17
CA LYS B 411 -38.06 -2.87 -5.28
C LYS B 411 -36.79 -2.33 -5.95
N GLN B 412 -35.65 -2.86 -5.55
CA GLN B 412 -34.38 -2.43 -6.11
C GLN B 412 -34.28 -2.92 -7.54
N ALA B 413 -34.38 -4.22 -7.72
CA ALA B 413 -34.30 -4.83 -9.04
C ALA B 413 -35.14 -4.03 -10.02
N GLN B 414 -36.19 -3.40 -9.51
CA GLN B 414 -37.07 -2.58 -10.35
C GLN B 414 -36.33 -1.28 -10.64
N TYR B 415 -35.99 -0.55 -9.59
CA TYR B 415 -35.28 0.71 -9.67
C TYR B 415 -34.27 0.71 -10.82
N LEU B 416 -33.37 -0.26 -10.79
CA LEU B 416 -32.33 -0.40 -11.80
C LEU B 416 -32.88 -0.87 -13.15
N GLY B 417 -33.78 -1.86 -13.09
CA GLY B 417 -34.34 -2.41 -14.31
C GLY B 417 -33.69 -3.77 -14.57
N MET B 418 -32.86 -4.20 -13.63
CA MET B 418 -32.17 -5.48 -13.73
C MET B 418 -32.97 -6.56 -13.03
N PRO B 419 -32.56 -7.83 -13.18
CA PRO B 419 -33.24 -8.94 -12.55
C PRO B 419 -32.71 -9.22 -11.16
N ILE B 420 -33.57 -9.01 -10.18
CA ILE B 420 -33.27 -9.25 -8.80
C ILE B 420 -32.32 -10.44 -8.64
N ASN B 421 -32.53 -11.46 -9.46
CA ASN B 421 -31.73 -12.66 -9.40
C ASN B 421 -30.90 -12.83 -10.66
N GLY B 422 -31.24 -12.03 -11.67
CA GLY B 422 -30.55 -12.08 -12.95
C GLY B 422 -29.41 -11.09 -13.13
N PRO B 423 -28.76 -11.08 -14.32
CA PRO B 423 -27.63 -10.20 -14.64
C PRO B 423 -27.99 -8.74 -14.83
N PHE B 424 -27.03 -7.88 -14.50
CA PHE B 424 -27.22 -6.44 -14.59
C PHE B 424 -25.99 -5.74 -15.20
N LYS B 425 -24.92 -6.49 -15.40
CA LYS B 425 -23.70 -5.91 -15.95
C LYS B 425 -23.63 -5.91 -17.47
N PRO B 426 -23.54 -4.72 -18.08
CA PRO B 426 -23.44 -4.56 -19.53
C PRO B 426 -22.07 -5.08 -19.98
N ASP B 427 -21.92 -5.28 -21.29
CA ASP B 427 -20.68 -5.78 -21.85
C ASP B 427 -19.62 -4.70 -22.09
N HIS B 428 -19.95 -3.46 -21.71
CA HIS B 428 -19.00 -2.36 -21.84
C HIS B 428 -18.18 -2.36 -20.57
N TYR B 429 -18.72 -3.01 -19.54
CA TYR B 429 -18.05 -3.11 -18.26
C TYR B 429 -16.64 -3.65 -18.50
N ARG B 430 -15.64 -2.98 -17.97
CA ARG B 430 -14.27 -3.43 -18.16
C ARG B 430 -13.64 -4.03 -16.91
N TYR B 431 -14.18 -3.69 -15.74
CA TYR B 431 -13.64 -4.22 -14.49
C TYR B 431 -12.17 -3.82 -14.29
N ASP C 2 -8.12 47.97 32.02
CA ASP C 2 -6.65 48.03 31.75
C ASP C 2 -6.19 46.86 30.84
N LYS C 3 -6.22 45.68 31.45
CA LYS C 3 -5.84 44.52 30.68
C LYS C 3 -7.14 44.05 30.02
N LEU C 4 -7.01 43.31 28.93
CA LEU C 4 -8.16 42.78 28.22
C LEU C 4 -8.53 41.45 28.84
N PRO C 5 -9.84 41.12 28.88
CA PRO C 5 -10.32 39.86 29.45
C PRO C 5 -9.99 38.68 28.52
N TYR C 6 -9.96 38.97 27.23
CA TYR C 6 -9.68 37.98 26.19
C TYR C 6 -9.69 38.68 24.85
N LYS C 7 -9.08 38.07 23.85
CA LYS C 7 -9.07 38.65 22.53
C LYS C 7 -9.23 37.59 21.45
N VAL C 8 -10.31 37.71 20.68
CA VAL C 8 -10.61 36.77 19.60
C VAL C 8 -11.20 37.52 18.39
N ALA C 9 -11.34 36.79 17.30
CA ALA C 9 -11.87 37.37 16.07
C ALA C 9 -13.35 37.75 16.16
N ASP C 10 -14.22 36.75 16.28
CA ASP C 10 -15.65 36.99 16.36
C ASP C 10 -16.29 36.04 17.37
N ILE C 11 -16.54 36.52 18.57
CA ILE C 11 -17.12 35.66 19.61
C ILE C 11 -18.50 35.13 19.24
N GLY C 12 -19.07 35.62 18.14
CA GLY C 12 -20.37 35.15 17.70
C GLY C 12 -20.24 33.77 17.06
N LEU C 13 -19.01 33.28 16.98
CA LEU C 13 -18.71 31.97 16.38
C LEU C 13 -18.80 30.89 17.46
N ALA C 14 -19.07 31.32 18.69
CA ALA C 14 -19.17 30.42 19.83
C ALA C 14 -20.11 29.23 19.62
N ALA C 15 -21.38 29.49 19.34
CA ALA C 15 -22.34 28.42 19.14
C ALA C 15 -21.81 27.30 18.24
N TRP C 16 -21.27 27.67 17.08
CA TRP C 16 -20.76 26.71 16.13
C TRP C 16 -19.55 26.01 16.70
N GLY C 17 -18.70 26.76 17.38
CA GLY C 17 -17.52 26.16 17.98
C GLY C 17 -17.93 25.10 18.97
N ARG C 18 -18.87 25.47 19.84
CA ARG C 18 -19.33 24.56 20.87
C ARG C 18 -19.74 23.21 20.31
N LYS C 19 -20.54 23.21 19.25
CA LYS C 19 -20.97 21.95 18.63
C LYS C 19 -19.71 21.22 18.18
N ALA C 20 -18.76 21.97 17.61
CA ALA C 20 -17.51 21.40 17.16
C ALA C 20 -16.80 20.73 18.32
N LEU C 21 -16.72 21.43 19.44
CA LEU C 21 -16.05 20.90 20.63
C LEU C 21 -16.72 19.63 21.09
N ASP C 22 -18.04 19.64 21.16
CA ASP C 22 -18.78 18.48 21.59
C ASP C 22 -18.57 17.29 20.66
N ILE C 23 -18.62 17.51 19.34
CA ILE C 23 -18.42 16.41 18.41
C ILE C 23 -17.02 15.81 18.60
N ALA C 24 -16.05 16.69 18.84
CA ALA C 24 -14.64 16.33 19.06
C ALA C 24 -14.39 15.59 20.36
N GLU C 25 -15.10 16.01 21.41
CA GLU C 25 -14.94 15.38 22.71
C GLU C 25 -15.21 13.89 22.56
N ASN C 26 -16.21 13.56 21.74
CA ASN C 26 -16.59 12.17 21.50
C ASN C 26 -15.46 11.40 20.82
N GLU C 27 -14.54 12.14 20.21
CA GLU C 27 -13.43 11.50 19.52
C GLU C 27 -12.17 11.43 20.36
N MET C 28 -12.13 12.19 21.46
CA MET C 28 -10.95 12.17 22.33
C MET C 28 -11.22 11.40 23.61
N PRO C 29 -11.06 10.08 23.58
CA PRO C 29 -11.28 9.24 24.76
C PRO C 29 -10.38 9.58 25.95
N GLY C 30 -9.07 9.54 25.74
CA GLY C 30 -8.15 9.88 26.80
C GLY C 30 -8.48 11.18 27.52
N LEU C 31 -8.64 12.27 26.78
CA LEU C 31 -8.97 13.55 27.39
C LEU C 31 -10.21 13.44 28.26
N MET C 32 -11.25 12.79 27.75
CA MET C 32 -12.48 12.66 28.50
C MET C 32 -12.32 11.71 29.67
N ARG C 33 -11.35 10.80 29.57
CA ARG C 33 -11.11 9.86 30.65
C ARG C 33 -10.36 10.55 31.80
N MET C 34 -9.52 11.53 31.46
CA MET C 34 -8.76 12.29 32.45
C MET C 34 -9.76 13.16 33.21
N ARG C 35 -10.83 13.53 32.55
CA ARG C 35 -11.85 14.37 33.15
C ARG C 35 -12.68 13.55 34.13
N GLU C 36 -13.11 12.39 33.66
CA GLU C 36 -13.95 11.52 34.47
C GLU C 36 -13.22 10.92 35.65
N MET C 37 -11.92 11.13 35.72
CA MET C 37 -11.16 10.58 36.83
C MET C 37 -10.57 11.59 37.81
N TYR C 38 -10.24 12.79 37.33
CA TYR C 38 -9.64 13.76 38.21
C TYR C 38 -10.42 15.06 38.39
N SER C 39 -11.68 15.07 37.98
CA SER C 39 -12.51 16.26 38.10
C SER C 39 -12.78 16.64 39.56
N ALA C 40 -13.12 15.64 40.38
CA ALA C 40 -13.41 15.86 41.80
C ALA C 40 -12.13 16.17 42.61
N SER C 41 -11.09 15.36 42.44
CA SER C 41 -9.83 15.60 43.14
C SER C 41 -9.16 16.91 42.71
N LYS C 42 -9.47 17.38 41.51
CA LYS C 42 -8.91 18.62 41.01
C LYS C 42 -7.43 18.66 41.33
N PRO C 43 -6.65 17.73 40.77
CA PRO C 43 -5.20 17.66 41.01
C PRO C 43 -4.44 18.89 40.57
N LEU C 44 -5.03 19.68 39.68
CA LEU C 44 -4.37 20.88 39.18
C LEU C 44 -4.87 22.11 39.89
N LYS C 45 -5.40 21.89 41.09
CA LYS C 45 -5.90 22.99 41.90
C LYS C 45 -4.74 23.86 42.34
N GLY C 46 -4.89 25.18 42.17
CA GLY C 46 -3.84 26.10 42.57
C GLY C 46 -2.93 26.44 41.40
N ALA C 47 -3.06 25.68 40.32
CA ALA C 47 -2.25 25.88 39.12
C ALA C 47 -2.73 27.02 38.23
N ARG C 48 -1.76 27.79 37.72
CA ARG C 48 -2.05 28.92 36.83
C ARG C 48 -1.23 28.69 35.57
N ILE C 49 -1.81 27.92 34.65
CA ILE C 49 -1.14 27.56 33.41
C ILE C 49 -1.23 28.54 32.23
N ALA C 50 -0.08 28.77 31.64
CA ALA C 50 0.05 29.63 30.47
C ALA C 50 0.43 28.66 29.37
N GLY C 51 -0.36 28.64 28.32
CA GLY C 51 -0.07 27.73 27.22
C GLY C 51 0.08 28.43 25.89
N CYS C 52 1.01 27.93 25.09
CA CYS C 52 1.22 28.48 23.76
C CYS C 52 1.03 27.31 22.83
N LEU C 53 -0.21 27.12 22.37
CA LEU C 53 -0.51 26.02 21.49
C LEU C 53 -1.59 26.44 20.53
N HIS C 54 -1.53 25.94 19.29
CA HIS C 54 -2.48 26.31 18.24
C HIS C 54 -3.88 26.22 18.80
N MET C 55 -4.56 27.36 18.90
CA MET C 55 -5.91 27.36 19.44
C MET C 55 -6.88 26.68 18.47
N THR C 56 -7.02 25.39 18.63
CA THR C 56 -7.89 24.61 17.76
C THR C 56 -9.04 24.01 18.56
N VAL C 57 -9.95 23.33 17.87
CA VAL C 57 -11.06 22.68 18.53
C VAL C 57 -10.45 21.65 19.48
N GLU C 58 -9.44 20.93 18.98
CA GLU C 58 -8.76 19.91 19.77
C GLU C 58 -8.12 20.51 21.02
N THR C 59 -7.65 21.75 20.91
CA THR C 59 -7.01 22.44 22.01
C THR C 59 -8.02 22.96 23.03
N ALA C 60 -9.23 23.25 22.59
CA ALA C 60 -10.26 23.74 23.51
C ALA C 60 -10.62 22.60 24.44
N VAL C 61 -10.69 21.37 23.91
CA VAL C 61 -11.00 20.19 24.71
C VAL C 61 -9.88 19.93 25.71
N LEU C 62 -8.67 20.37 25.38
CA LEU C 62 -7.53 20.21 26.26
C LEU C 62 -7.70 21.25 27.38
N ILE C 63 -7.83 22.51 26.99
CA ILE C 63 -7.99 23.60 27.96
C ILE C 63 -9.16 23.38 28.91
N GLU C 64 -10.27 22.85 28.41
CA GLU C 64 -11.42 22.63 29.26
C GLU C 64 -11.13 21.48 30.22
N THR C 65 -10.38 20.49 29.75
CA THR C 65 -10.03 19.36 30.59
C THR C 65 -9.11 19.81 31.71
N LEU C 66 -8.27 20.80 31.42
CA LEU C 66 -7.35 21.32 32.41
C LEU C 66 -8.13 22.11 33.47
N VAL C 67 -9.11 22.88 33.01
CA VAL C 67 -9.93 23.66 33.90
C VAL C 67 -10.79 22.74 34.76
N ALA C 68 -11.21 21.61 34.16
CA ALA C 68 -12.04 20.64 34.86
C ALA C 68 -11.23 20.02 36.00
N LEU C 69 -9.91 19.96 35.84
CA LEU C 69 -9.05 19.38 36.86
C LEU C 69 -8.61 20.39 37.90
N GLY C 70 -9.27 21.55 37.90
CA GLY C 70 -8.96 22.59 38.88
C GLY C 70 -8.01 23.69 38.47
N ALA C 71 -7.40 23.58 37.30
CA ALA C 71 -6.45 24.57 36.83
C ALA C 71 -7.07 25.89 36.44
N GLU C 72 -6.25 26.91 36.33
CA GLU C 72 -6.69 28.23 35.90
C GLU C 72 -5.88 28.34 34.62
N VAL C 73 -6.51 28.77 33.53
CA VAL C 73 -5.77 28.82 32.28
C VAL C 73 -5.91 30.12 31.50
N ARG C 74 -4.83 30.49 30.82
CA ARG C 74 -4.77 31.68 29.97
C ARG C 74 -4.05 31.17 28.73
N TRP C 75 -4.72 31.26 27.58
CA TRP C 75 -4.18 30.73 26.34
C TRP C 75 -3.80 31.66 25.20
N SER C 76 -2.92 31.15 24.35
CA SER C 76 -2.44 31.84 23.18
C SER C 76 -2.01 30.78 22.14
N SER C 77 -2.11 31.12 20.86
CA SER C 77 -1.73 30.21 19.77
C SER C 77 -0.25 30.36 19.50
N CYS C 78 0.41 29.28 19.11
CA CYS C 78 1.83 29.33 18.84
C CYS C 78 2.03 29.40 17.33
N ASN C 79 1.03 29.95 16.64
CA ASN C 79 1.09 30.12 15.20
C ASN C 79 0.14 31.26 14.84
N ILE C 80 0.50 32.08 13.86
CA ILE C 80 -0.36 33.19 13.50
C ILE C 80 -1.52 32.78 12.60
N PHE C 81 -1.41 31.60 11.99
CA PHE C 81 -2.44 31.10 11.08
C PHE C 81 -3.16 29.82 11.57
N SER C 82 -2.62 29.17 12.60
CA SER C 82 -3.17 27.92 13.13
C SER C 82 -4.48 28.03 13.90
N THR C 83 -4.77 29.20 14.43
CA THR C 83 -5.99 29.38 15.21
C THR C 83 -7.26 29.01 14.45
N GLN C 84 -8.25 28.51 15.18
CA GLN C 84 -9.53 28.16 14.59
C GLN C 84 -10.50 29.04 15.34
N ASP C 85 -10.81 30.18 14.73
CA ASP C 85 -11.68 31.17 15.31
C ASP C 85 -12.97 30.74 15.99
N HIS C 86 -13.60 29.66 15.56
CA HIS C 86 -14.84 29.25 16.23
C HIS C 86 -14.53 28.52 17.54
N ALA C 87 -13.40 27.82 17.57
CA ALA C 87 -12.97 27.12 18.77
C ALA C 87 -12.45 28.11 19.83
N ALA C 88 -11.87 29.21 19.37
CA ALA C 88 -11.33 30.25 20.26
C ALA C 88 -12.47 31.09 20.85
N ALA C 89 -13.51 31.35 20.06
CA ALA C 89 -14.65 32.12 20.54
C ALA C 89 -15.53 31.27 21.44
N ALA C 90 -15.24 29.97 21.51
CA ALA C 90 -15.99 29.08 22.39
C ALA C 90 -15.33 29.08 23.76
N ILE C 91 -13.99 29.12 23.76
CA ILE C 91 -13.19 29.14 25.00
C ILE C 91 -13.33 30.49 25.69
N ALA C 92 -13.45 31.55 24.90
CA ALA C 92 -13.61 32.89 25.44
C ALA C 92 -14.98 32.94 26.12
N LYS C 93 -16.02 32.54 25.39
CA LYS C 93 -17.37 32.55 25.95
C LYS C 93 -17.43 31.65 27.18
N ALA C 94 -16.73 30.54 27.13
CA ALA C 94 -16.71 29.63 28.25
C ALA C 94 -16.23 30.39 29.47
N GLY C 95 -15.68 31.57 29.23
CA GLY C 95 -15.19 32.40 30.31
C GLY C 95 -13.68 32.27 30.52
N ILE C 96 -13.01 31.57 29.62
CA ILE C 96 -11.57 31.43 29.73
C ILE C 96 -10.89 32.53 28.91
N PRO C 97 -9.88 33.18 29.48
CA PRO C 97 -9.23 34.24 28.71
C PRO C 97 -8.40 33.68 27.57
N VAL C 98 -8.85 33.93 26.35
CA VAL C 98 -8.14 33.50 25.15
C VAL C 98 -7.75 34.71 24.31
N PHE C 99 -6.48 34.77 23.92
CA PHE C 99 -5.99 35.85 23.09
C PHE C 99 -5.43 35.22 21.83
N ALA C 100 -6.31 34.93 20.87
CA ALA C 100 -5.87 34.32 19.63
C ALA C 100 -6.90 34.39 18.49
N TRP C 101 -6.39 34.64 17.29
CA TRP C 101 -7.22 34.68 16.08
C TRP C 101 -6.39 34.20 14.91
N LYS C 102 -7.04 33.97 13.78
CA LYS C 102 -6.30 33.50 12.62
C LYS C 102 -5.80 34.70 11.83
N GLY C 103 -4.49 34.73 11.59
CA GLY C 103 -3.92 35.82 10.83
C GLY C 103 -3.50 37.04 11.62
N GLU C 104 -2.74 36.83 12.69
CA GLU C 104 -2.29 37.94 13.50
C GLU C 104 -0.94 38.38 12.94
N THR C 105 -0.62 39.67 13.07
CA THR C 105 0.67 40.18 12.61
C THR C 105 1.71 39.68 13.62
N ASP C 106 2.92 39.42 13.18
CA ASP C 106 3.97 38.94 14.09
C ASP C 106 4.00 39.74 15.38
N GLU C 107 3.60 41.01 15.29
CA GLU C 107 3.56 41.89 16.44
C GLU C 107 2.44 41.52 17.41
N GLU C 108 1.26 41.19 16.87
CA GLU C 108 0.14 40.81 17.72
C GLU C 108 0.42 39.45 18.34
N TYR C 109 1.10 38.59 17.59
CA TYR C 109 1.43 37.27 18.06
C TYR C 109 2.14 37.35 19.41
N LEU C 110 2.95 38.39 19.59
CA LEU C 110 3.70 38.56 20.85
C LEU C 110 2.84 39.10 21.98
N TRP C 111 2.04 40.12 21.66
CA TRP C 111 1.16 40.74 22.63
C TRP C 111 0.23 39.71 23.22
N CYS C 112 -0.22 38.79 22.37
CA CYS C 112 -1.12 37.74 22.78
C CYS C 112 -0.46 36.87 23.85
N ILE C 113 0.80 36.46 23.63
CA ILE C 113 1.48 35.61 24.61
C ILE C 113 1.66 36.35 25.93
N GLU C 114 2.01 37.63 25.84
CA GLU C 114 2.23 38.46 27.01
C GLU C 114 1.01 38.56 27.90
N GLN C 115 -0.16 38.54 27.27
CA GLN C 115 -1.41 38.62 28.00
C GLN C 115 -1.53 37.45 28.97
N THR C 116 -1.14 36.26 28.51
CA THR C 116 -1.25 35.07 29.34
C THR C 116 -0.19 34.89 30.42
N LEU C 117 0.54 35.96 30.75
CA LEU C 117 1.60 35.86 31.74
C LEU C 117 1.19 36.22 33.17
N HIS C 118 0.11 36.98 33.31
CA HIS C 118 -0.34 37.36 34.63
C HIS C 118 -1.80 37.05 34.88
N PHE C 119 -2.05 36.27 35.93
CA PHE C 119 -3.39 35.88 36.31
C PHE C 119 -3.86 36.79 37.45
N LYS C 120 -5.08 36.54 37.89
CA LYS C 120 -5.71 37.28 38.98
C LYS C 120 -4.88 37.13 40.26
N ASP C 121 -4.62 35.88 40.63
CA ASP C 121 -3.88 35.55 41.84
C ASP C 121 -2.38 35.81 41.70
N GLY C 122 -1.99 36.36 40.54
CA GLY C 122 -0.60 36.65 40.30
C GLY C 122 -0.11 36.03 39.01
N PRO C 123 1.20 36.02 38.76
CA PRO C 123 1.76 35.43 37.53
C PRO C 123 1.61 33.92 37.41
N LEU C 124 2.02 33.39 36.27
CA LEU C 124 1.93 31.96 36.01
C LEU C 124 2.84 31.17 36.95
N ASN C 125 2.56 29.87 37.06
CA ASN C 125 3.36 28.97 37.87
C ASN C 125 3.55 27.67 37.14
N MET C 126 3.04 27.63 35.89
CA MET C 126 3.09 26.45 35.02
C MET C 126 3.09 26.85 33.54
N ILE C 127 3.90 26.17 32.73
CA ILE C 127 3.99 26.45 31.28
C ILE C 127 3.65 25.23 30.40
N LEU C 128 2.69 25.41 29.50
CA LEU C 128 2.32 24.36 28.55
C LEU C 128 2.71 24.93 27.19
N ASP C 129 3.81 24.42 26.64
CA ASP C 129 4.30 24.96 25.38
C ASP C 129 4.37 24.00 24.20
N ASP C 130 4.34 24.60 23.01
CA ASP C 130 4.43 23.89 21.74
C ASP C 130 5.25 24.80 20.84
N GLY C 131 6.50 24.43 20.57
CA GLY C 131 7.33 25.28 19.72
C GLY C 131 8.48 25.90 20.47
N GLY C 132 8.24 26.26 21.73
CA GLY C 132 9.29 26.83 22.56
C GLY C 132 9.26 28.32 22.80
N ASP C 133 8.35 29.02 22.12
CA ASP C 133 8.23 30.48 22.25
C ASP C 133 7.94 31.00 23.66
N LEU C 134 7.05 30.33 24.37
CA LEU C 134 6.67 30.73 25.72
C LEU C 134 7.79 30.54 26.76
N THR C 135 8.43 29.38 26.77
CA THR C 135 9.49 29.08 27.73
C THR C 135 10.73 29.87 27.42
N ASN C 136 10.75 30.47 26.23
CA ASN C 136 11.87 31.27 25.83
C ASN C 136 11.55 32.75 26.04
N LEU C 137 10.30 33.14 25.81
CA LEU C 137 9.95 34.52 25.99
C LEU C 137 10.26 34.91 27.43
N ILE C 138 10.01 33.98 28.35
CA ILE C 138 10.24 34.25 29.76
C ILE C 138 11.70 34.10 30.19
N HIS C 139 12.35 33.06 29.71
CA HIS C 139 13.74 32.80 30.04
C HIS C 139 14.64 33.97 29.60
N THR C 140 14.24 34.66 28.54
CA THR C 140 15.03 35.76 28.00
C THR C 140 14.44 37.18 28.17
N LYS C 141 13.12 37.30 28.20
CA LYS C 141 12.50 38.60 28.35
C LYS C 141 12.03 38.87 29.77
N HIS C 142 11.47 37.84 30.44
CA HIS C 142 11.00 38.00 31.81
C HIS C 142 11.57 36.92 32.71
N PRO C 143 12.85 37.03 33.06
CA PRO C 143 13.54 36.07 33.91
C PRO C 143 13.11 36.10 35.37
N GLN C 144 12.45 37.18 35.75
CA GLN C 144 11.97 37.34 37.13
C GLN C 144 10.83 36.39 37.43
N LEU C 145 10.27 35.78 36.40
CA LEU C 145 9.14 34.87 36.62
C LEU C 145 9.58 33.41 36.71
N LEU C 146 10.80 33.10 36.27
CA LEU C 146 11.30 31.72 36.31
C LEU C 146 11.15 31.10 37.68
N SER C 147 11.23 31.92 38.71
CA SER C 147 11.13 31.46 40.11
C SER C 147 9.76 30.92 40.47
N GLY C 148 8.72 31.57 39.93
CA GLY C 148 7.35 31.15 40.24
C GLY C 148 6.75 30.09 39.33
N ILE C 149 7.55 29.55 38.40
CA ILE C 149 7.07 28.52 37.49
C ILE C 149 7.60 27.18 37.98
N ARG C 150 6.68 26.24 38.20
CA ARG C 150 7.02 24.91 38.70
C ARG C 150 7.39 23.86 37.65
N GLY C 151 7.01 24.08 36.40
CA GLY C 151 7.34 23.13 35.36
C GLY C 151 7.00 23.56 33.95
N ILE C 152 7.49 22.80 32.97
CA ILE C 152 7.27 23.06 31.56
C ILE C 152 6.82 21.80 30.82
N SER C 153 5.91 21.97 29.87
CA SER C 153 5.40 20.87 29.06
C SER C 153 5.64 21.25 27.60
N GLU C 154 6.44 20.44 26.90
CA GLU C 154 6.77 20.73 25.50
C GLU C 154 6.07 19.74 24.57
N GLU C 155 5.35 20.30 23.61
CA GLU C 155 4.57 19.54 22.67
C GLU C 155 5.30 18.95 21.48
N THR C 156 6.09 19.78 20.79
CA THR C 156 6.76 19.33 19.58
C THR C 156 8.27 19.19 19.57
N THR C 157 8.77 18.40 18.61
CA THR C 157 10.21 18.15 18.44
C THR C 157 11.13 19.38 18.49
N THR C 158 10.79 20.39 17.70
CA THR C 158 11.59 21.60 17.68
C THR C 158 11.64 22.19 19.07
N GLY C 159 10.53 22.15 19.80
CA GLY C 159 10.52 22.68 21.15
C GLY C 159 11.41 21.90 22.11
N VAL C 160 11.32 20.58 22.04
CA VAL C 160 12.11 19.69 22.87
C VAL C 160 13.61 19.75 22.52
N HIS C 161 13.92 20.03 21.27
CA HIS C 161 15.31 20.12 20.84
C HIS C 161 15.98 21.33 21.45
N ASN C 162 15.19 22.38 21.66
CA ASN C 162 15.72 23.60 22.25
C ASN C 162 15.88 23.46 23.75
N LEU C 163 15.01 22.66 24.37
CA LEU C 163 15.11 22.44 25.80
C LEU C 163 16.45 21.76 26.06
N TYR C 164 16.69 20.67 25.35
CA TYR C 164 17.93 19.92 25.51
C TYR C 164 19.14 20.84 25.29
N LYS C 165 18.92 21.89 24.50
CA LYS C 165 19.96 22.87 24.19
C LYS C 165 20.15 23.82 25.36
N MET C 166 19.06 24.45 25.81
CA MET C 166 19.12 25.38 26.93
C MET C 166 19.86 24.72 28.07
N MET C 167 19.48 23.49 28.36
CA MET C 167 20.09 22.71 29.42
C MET C 167 21.58 22.54 29.14
N ALA C 168 21.92 22.20 27.91
CA ALA C 168 23.32 22.02 27.52
C ALA C 168 24.16 23.25 27.85
N ASN C 169 23.60 24.44 27.66
CA ASN C 169 24.34 25.66 27.96
C ASN C 169 23.86 26.27 29.26
N GLY C 170 23.36 25.44 30.16
CA GLY C 170 22.89 25.94 31.44
C GLY C 170 22.01 27.17 31.39
N ILE C 171 21.02 27.16 30.49
CA ILE C 171 20.10 28.28 30.35
C ILE C 171 18.72 27.95 30.95
N LEU C 172 18.43 26.65 31.09
CA LEU C 172 17.15 26.19 31.61
C LEU C 172 17.06 26.36 33.11
N LYS C 173 16.16 27.24 33.54
CA LYS C 173 16.00 27.47 34.96
C LYS C 173 14.79 26.79 35.59
N VAL C 174 14.00 26.06 34.78
CA VAL C 174 12.85 25.33 35.31
C VAL C 174 12.72 23.95 34.67
N PRO C 175 12.13 22.97 35.39
CA PRO C 175 11.96 21.61 34.86
C PRO C 175 11.01 21.51 33.67
N ALA C 176 11.24 20.53 32.81
CA ALA C 176 10.40 20.35 31.64
C ALA C 176 10.25 18.87 31.31
N ILE C 177 9.09 18.51 30.76
CA ILE C 177 8.83 17.13 30.37
C ILE C 177 8.73 17.02 28.86
N ASN C 178 9.55 16.16 28.29
CA ASN C 178 9.54 15.92 26.85
C ASN C 178 8.27 15.13 26.53
N VAL C 179 7.21 15.84 26.15
CA VAL C 179 5.94 15.19 25.82
C VAL C 179 5.99 14.61 24.41
N ASN C 180 6.70 15.28 23.51
CA ASN C 180 6.80 14.80 22.15
C ASN C 180 7.35 13.39 22.07
N ASP C 181 8.48 13.16 22.71
CA ASP C 181 9.15 11.88 22.66
C ASP C 181 8.34 10.71 23.21
N SER C 182 7.15 11.00 23.74
CA SER C 182 6.30 9.94 24.27
C SER C 182 5.95 9.06 23.07
N VAL C 183 6.14 7.76 23.20
CA VAL C 183 5.81 6.85 22.10
C VAL C 183 4.42 7.12 21.55
N THR C 184 3.44 7.27 22.44
CA THR C 184 2.06 7.52 22.03
C THR C 184 1.88 8.94 21.54
N LYS C 185 2.97 9.67 21.44
CA LYS C 185 2.92 11.05 20.93
C LYS C 185 3.67 11.13 19.59
N SER C 186 4.91 10.66 19.59
CA SER C 186 5.70 10.72 18.38
C SER C 186 5.28 9.74 17.32
N LYS C 187 4.97 8.51 17.74
CA LYS C 187 4.55 7.46 16.81
C LYS C 187 3.10 7.52 16.37
N PHE C 188 2.31 8.43 16.92
CA PHE C 188 0.91 8.54 16.54
C PHE C 188 0.58 9.91 16.00
N ASP C 189 0.95 10.93 16.75
CA ASP C 189 0.70 12.32 16.34
C ASP C 189 1.60 12.72 15.16
N ASN C 190 2.91 12.59 15.34
CA ASN C 190 3.88 12.95 14.33
C ASN C 190 3.78 12.15 13.04
N LEU C 191 3.57 10.84 13.17
CA LEU C 191 3.47 9.95 12.01
C LEU C 191 2.06 9.84 11.41
N TYR C 192 1.10 9.35 12.19
CA TYR C 192 -0.27 9.20 11.68
C TYR C 192 -1.00 10.52 11.47
N GLY C 193 -0.82 11.47 12.39
CA GLY C 193 -1.48 12.75 12.24
C GLY C 193 -1.14 13.45 10.93
N CYS C 194 0.15 13.47 10.60
CA CYS C 194 0.64 14.09 9.37
C CYS C 194 0.23 13.33 8.10
N ARG C 195 0.14 12.01 8.24
CA ARG C 195 -0.26 11.18 7.11
C ARG C 195 -1.65 11.58 6.65
N GLU C 196 -2.43 12.16 7.55
CA GLU C 196 -3.78 12.59 7.21
C GLU C 196 -3.94 14.10 7.06
N SER C 197 -3.29 14.86 7.93
CA SER C 197 -3.41 16.32 7.93
C SER C 197 -2.56 17.12 6.94
N LEU C 198 -1.51 16.51 6.41
CA LEU C 198 -0.68 17.23 5.45
C LEU C 198 -1.49 17.51 4.18
N ILE C 199 -1.92 16.44 3.52
CA ILE C 199 -2.70 16.55 2.30
C ILE C 199 -3.95 17.39 2.48
N ASP C 200 -4.50 17.36 3.68
CA ASP C 200 -5.72 18.14 3.97
C ASP C 200 -5.34 19.59 3.73
N GLY C 201 -4.12 19.93 4.13
CA GLY C 201 -3.64 21.29 3.95
C GLY C 201 -3.37 21.62 2.48
N ILE C 202 -2.66 20.75 1.78
CA ILE C 202 -2.36 20.96 0.37
C ILE C 202 -3.64 21.03 -0.47
N LYS C 203 -4.51 20.04 -0.30
CA LYS C 203 -5.78 19.96 -1.04
C LYS C 203 -6.71 21.17 -0.84
N ARG C 204 -7.05 21.48 0.40
CA ARG C 204 -7.93 22.61 0.65
C ARG C 204 -7.45 23.91 0.03
N ALA C 205 -6.13 24.12 0.02
CA ALA C 205 -5.52 25.33 -0.53
C ALA C 205 -5.34 25.32 -2.06
N THR C 206 -4.83 24.21 -2.58
CA THR C 206 -4.58 24.07 -4.01
C THR C 206 -5.61 23.24 -4.77
N ASP C 207 -6.14 22.22 -4.10
CA ASP C 207 -7.12 21.32 -4.69
C ASP C 207 -6.41 20.55 -5.80
N VAL C 208 -5.10 20.48 -5.68
CA VAL C 208 -4.27 19.79 -6.64
C VAL C 208 -4.54 18.31 -6.65
N MET C 209 -4.22 17.65 -7.75
CA MET C 209 -4.39 16.22 -7.87
C MET C 209 -3.06 15.64 -7.40
N ILE C 210 -3.11 14.68 -6.49
CA ILE C 210 -1.86 14.06 -5.99
C ILE C 210 -1.36 12.98 -6.96
N ALA C 211 -2.26 12.13 -7.44
CA ALA C 211 -1.87 11.06 -8.36
C ALA C 211 -1.15 11.59 -9.61
N GLY C 212 -0.02 10.98 -9.95
CA GLY C 212 0.72 11.37 -11.13
C GLY C 212 1.83 12.36 -10.87
N LYS C 213 1.80 13.05 -9.74
CA LYS C 213 2.83 14.03 -9.43
C LYS C 213 4.05 13.45 -8.76
N VAL C 214 5.12 14.24 -8.74
CA VAL C 214 6.36 13.84 -8.07
C VAL C 214 6.43 14.68 -6.77
N ALA C 215 6.51 14.02 -5.62
CA ALA C 215 6.57 14.76 -4.37
C ALA C 215 7.89 14.58 -3.64
N VAL C 216 8.53 15.71 -3.33
CA VAL C 216 9.80 15.71 -2.61
C VAL C 216 9.60 16.10 -1.15
N VAL C 217 9.96 15.17 -0.27
CA VAL C 217 9.83 15.37 1.17
C VAL C 217 11.23 15.41 1.77
N ALA C 218 11.53 16.49 2.47
CA ALA C 218 12.85 16.67 3.11
C ALA C 218 12.80 16.22 4.55
N GLY C 219 13.56 15.18 4.87
CA GLY C 219 13.59 14.65 6.22
C GLY C 219 12.72 13.42 6.35
N TYR C 220 13.27 12.34 6.89
CA TYR C 220 12.53 11.10 7.06
C TYR C 220 12.22 10.77 8.50
N GLY C 221 11.86 11.78 9.28
CA GLY C 221 11.53 11.50 10.66
C GLY C 221 10.13 10.94 10.67
N ASP C 222 9.51 10.91 11.85
CA ASP C 222 8.16 10.40 11.94
C ASP C 222 7.30 11.25 11.03
N VAL C 223 7.51 12.56 11.03
CA VAL C 223 6.71 13.42 10.17
C VAL C 223 6.98 13.08 8.71
N GLY C 224 8.25 12.91 8.36
CA GLY C 224 8.60 12.57 6.99
C GLY C 224 7.94 11.28 6.55
N LYS C 225 8.11 10.22 7.34
CA LYS C 225 7.53 8.91 7.01
C LYS C 225 6.02 9.00 6.81
N GLY C 226 5.37 9.82 7.63
CA GLY C 226 3.94 9.98 7.53
C GLY C 226 3.53 10.73 6.28
N CYS C 227 4.26 11.78 5.95
CA CYS C 227 3.95 12.57 4.77
C CYS C 227 4.20 11.74 3.52
N ALA C 228 5.33 11.04 3.49
CA ALA C 228 5.72 10.22 2.34
C ALA C 228 4.68 9.16 2.04
N GLN C 229 4.23 8.47 3.08
CA GLN C 229 3.24 7.41 2.91
C GLN C 229 1.91 7.97 2.44
N ALA C 230 1.63 9.20 2.81
CA ALA C 230 0.38 9.82 2.41
C ALA C 230 0.42 10.08 0.90
N LEU C 231 1.34 10.94 0.48
CA LEU C 231 1.49 11.29 -0.93
C LEU C 231 1.63 10.01 -1.75
N ARG C 232 2.60 9.19 -1.39
CA ARG C 232 2.88 7.94 -2.09
C ARG C 232 1.62 7.09 -2.19
N GLY C 233 0.76 7.17 -1.19
CA GLY C 233 -0.46 6.38 -1.20
C GLY C 233 -1.55 6.88 -2.11
N PHE C 234 -1.35 8.05 -2.70
CA PHE C 234 -2.34 8.66 -3.58
C PHE C 234 -1.96 8.52 -5.05
N GLY C 235 -0.78 7.98 -5.31
CA GLY C 235 -0.33 7.79 -6.68
C GLY C 235 0.80 8.72 -7.09
N ALA C 236 1.34 9.45 -6.12
CA ALA C 236 2.43 10.38 -6.36
C ALA C 236 3.76 9.60 -6.26
N ARG C 237 4.80 10.15 -6.86
CA ARG C 237 6.11 9.52 -6.80
C ARG C 237 6.93 10.37 -5.81
N VAL C 238 7.28 9.75 -4.68
CA VAL C 238 8.00 10.42 -3.60
C VAL C 238 9.51 10.23 -3.56
N ILE C 239 10.21 11.35 -3.52
CA ILE C 239 11.67 11.36 -3.45
C ILE C 239 11.95 11.87 -2.05
N ILE C 240 13.01 11.37 -1.43
CA ILE C 240 13.30 11.80 -0.09
C ILE C 240 14.74 12.25 0.03
N THR C 241 14.96 13.28 0.83
CA THR C 241 16.30 13.80 1.06
C THR C 241 16.53 13.69 2.57
N GLU C 242 17.73 13.26 2.95
CA GLU C 242 18.06 13.13 4.37
C GLU C 242 19.54 13.36 4.65
N ILE C 243 19.87 13.56 5.92
CA ILE C 243 21.26 13.75 6.31
C ILE C 243 21.67 12.62 7.25
N GLU C 244 20.74 11.72 7.58
CA GLU C 244 21.02 10.61 8.48
C GLU C 244 21.13 9.28 7.73
N PRO C 245 22.17 8.48 8.01
CA PRO C 245 22.34 7.19 7.34
C PRO C 245 21.18 6.20 7.57
N ILE C 246 20.84 5.97 8.84
CA ILE C 246 19.75 5.07 9.22
C ILE C 246 18.45 5.49 8.55
N ASN C 247 17.93 6.67 8.91
CA ASN C 247 16.69 7.18 8.34
C ASN C 247 16.66 7.03 6.82
N ALA C 248 17.80 7.31 6.19
CA ALA C 248 17.94 7.23 4.73
C ALA C 248 17.85 5.78 4.26
N LEU C 249 18.58 4.88 4.91
CA LEU C 249 18.54 3.49 4.51
C LEU C 249 17.09 3.05 4.67
N GLN C 250 16.36 3.71 5.56
CA GLN C 250 14.96 3.34 5.80
C GLN C 250 14.13 3.71 4.61
N ALA C 251 14.22 4.98 4.20
CA ALA C 251 13.47 5.46 3.04
C ALA C 251 13.79 4.58 1.83
N ALA C 252 15.04 4.15 1.73
CA ALA C 252 15.46 3.32 0.61
C ALA C 252 14.80 1.95 0.69
N MET C 253 14.80 1.35 1.87
CA MET C 253 14.20 0.04 2.05
C MET C 253 12.68 0.04 1.91
N GLU C 254 12.11 1.21 1.64
CA GLU C 254 10.66 1.33 1.48
C GLU C 254 10.29 1.64 0.04
N GLY C 255 11.29 1.69 -0.85
CA GLY C 255 11.04 1.98 -2.25
C GLY C 255 11.21 3.43 -2.65
N TYR C 256 11.52 4.29 -1.67
CA TYR C 256 11.71 5.72 -1.92
C TYR C 256 13.11 6.04 -2.45
N GLU C 257 13.19 6.94 -3.41
CA GLU C 257 14.47 7.34 -3.95
C GLU C 257 15.00 8.45 -3.06
N VAL C 258 16.24 8.28 -2.60
CA VAL C 258 16.87 9.26 -1.74
C VAL C 258 18.02 9.93 -2.46
N THR C 259 17.97 11.26 -2.50
CA THR C 259 19.00 12.10 -3.14
C THR C 259 18.94 13.47 -2.54
N THR C 260 19.74 14.37 -3.10
CA THR C 260 19.81 15.75 -2.63
C THR C 260 18.73 16.65 -3.22
N MET C 261 18.37 17.70 -2.48
CA MET C 261 17.37 18.64 -2.94
C MET C 261 17.89 19.32 -4.20
N ASP C 262 19.22 19.44 -4.29
CA ASP C 262 19.85 20.08 -5.44
C ASP C 262 19.50 19.36 -6.75
N GLU C 263 19.38 18.05 -6.69
CA GLU C 263 19.05 17.25 -7.86
C GLU C 263 17.54 17.05 -8.00
N ALA C 264 16.86 16.89 -6.87
CA ALA C 264 15.42 16.66 -6.83
C ALA C 264 14.54 17.84 -7.19
N CYS C 265 14.99 19.06 -6.88
CA CYS C 265 14.20 20.27 -7.17
C CYS C 265 13.84 20.37 -8.65
N LYS C 266 14.54 19.57 -9.47
CA LYS C 266 14.32 19.56 -10.91
C LYS C 266 13.17 18.63 -11.33
N GLU C 267 12.84 17.67 -10.48
CA GLU C 267 11.79 16.71 -10.79
C GLU C 267 10.45 16.89 -10.07
N GLY C 268 10.48 17.22 -8.80
CA GLY C 268 9.24 17.37 -8.05
C GLY C 268 8.23 18.43 -8.45
N ASN C 269 6.98 18.19 -8.05
CA ASN C 269 5.85 19.07 -8.32
C ASN C 269 5.30 19.63 -7.02
N ILE C 270 5.48 18.87 -5.96
CA ILE C 270 5.04 19.25 -4.62
C ILE C 270 6.27 19.07 -3.76
N PHE C 271 6.62 20.10 -2.99
CA PHE C 271 7.78 20.06 -2.10
C PHE C 271 7.28 20.24 -0.66
N VAL C 272 7.64 19.31 0.21
CA VAL C 272 7.22 19.37 1.61
C VAL C 272 8.40 19.20 2.56
N THR C 273 8.72 20.26 3.30
CA THR C 273 9.83 20.19 4.24
C THR C 273 9.31 19.72 5.60
N THR C 274 9.94 18.67 6.12
CA THR C 274 9.56 18.08 7.40
C THR C 274 10.76 18.10 8.35
N THR C 275 11.92 18.47 7.82
CA THR C 275 13.15 18.56 8.62
C THR C 275 12.93 19.73 9.57
N GLY C 276 13.63 19.73 10.70
CA GLY C 276 13.45 20.82 11.63
C GLY C 276 14.57 21.85 11.55
N CYS C 277 15.19 21.99 10.38
CA CYS C 277 16.30 22.91 10.16
C CYS C 277 16.10 23.93 9.01
N VAL C 278 16.94 24.98 9.00
CA VAL C 278 16.88 26.05 8.00
C VAL C 278 17.47 25.75 6.62
N ASP C 279 17.11 26.61 5.67
CA ASP C 279 17.60 26.54 4.29
C ASP C 279 17.46 25.19 3.60
N ILE C 280 16.24 24.64 3.58
CA ILE C 280 16.03 23.35 2.94
C ILE C 280 15.70 23.60 1.47
N ILE C 281 15.01 24.70 1.22
CA ILE C 281 14.62 25.06 -0.13
C ILE C 281 15.06 26.49 -0.38
N LEU C 282 16.02 26.66 -1.29
CA LEU C 282 16.54 27.97 -1.63
C LEU C 282 16.16 28.48 -3.03
N GLY C 283 16.53 29.72 -3.31
CA GLY C 283 16.24 30.30 -4.61
C GLY C 283 16.94 29.55 -5.71
N ARG C 284 18.11 28.99 -5.40
CA ARG C 284 18.85 28.22 -6.39
C ARG C 284 18.01 27.01 -6.80
N HIS C 285 17.02 26.69 -5.98
CA HIS C 285 16.12 25.58 -6.25
C HIS C 285 14.88 26.07 -6.99
N PHE C 286 14.25 27.12 -6.46
CA PHE C 286 13.07 27.67 -7.09
C PHE C 286 13.32 27.90 -8.59
N GLU C 287 14.55 28.20 -8.94
CA GLU C 287 14.91 28.47 -10.33
C GLU C 287 14.95 27.24 -11.21
N GLN C 288 14.72 26.08 -10.62
CA GLN C 288 14.74 24.83 -11.39
C GLN C 288 13.44 24.05 -11.32
N MET C 289 12.50 24.53 -10.50
CA MET C 289 11.23 23.85 -10.32
C MET C 289 10.32 23.96 -11.52
N LYS C 290 9.60 22.88 -11.81
CA LYS C 290 8.65 22.83 -12.90
C LYS C 290 7.59 23.88 -12.62
N ASP C 291 6.97 24.41 -13.66
CA ASP C 291 5.97 25.46 -13.51
C ASP C 291 4.87 25.10 -12.52
N ASP C 292 4.38 26.11 -11.81
CA ASP C 292 3.33 25.97 -10.82
C ASP C 292 3.60 24.93 -9.76
N ALA C 293 4.86 24.74 -9.40
CA ALA C 293 5.22 23.77 -8.36
C ALA C 293 4.64 24.23 -7.03
N ILE C 294 4.15 23.29 -6.24
CA ILE C 294 3.58 23.64 -4.94
C ILE C 294 4.61 23.41 -3.86
N VAL C 295 4.93 24.46 -3.11
CA VAL C 295 5.91 24.37 -2.03
C VAL C 295 5.27 24.68 -0.68
N CYS C 296 5.45 23.76 0.27
CA CYS C 296 4.90 23.91 1.62
C CYS C 296 5.84 23.28 2.65
N ASN C 297 5.69 23.68 3.91
CA ASN C 297 6.55 23.19 4.99
C ASN C 297 5.68 22.77 6.16
N ILE C 298 5.97 21.60 6.71
CA ILE C 298 5.22 21.07 7.83
C ILE C 298 6.06 20.98 9.11
N GLY C 299 7.32 21.42 9.01
CA GLY C 299 8.21 21.44 10.16
C GLY C 299 7.60 22.47 11.09
N HIS C 300 8.15 22.68 12.27
CA HIS C 300 7.50 23.64 13.17
C HIS C 300 7.61 25.14 12.84
N PHE C 301 8.80 25.61 12.47
CA PHE C 301 8.95 27.03 12.15
C PHE C 301 9.06 27.34 10.64
N ASP C 302 8.98 28.62 10.30
CA ASP C 302 8.98 29.04 8.90
C ASP C 302 10.27 29.47 8.19
N VAL C 303 11.38 28.79 8.44
CA VAL C 303 12.62 29.16 7.76
C VAL C 303 13.22 28.04 6.95
N GLU C 304 12.45 26.96 6.78
CA GLU C 304 12.90 25.80 6.00
C GLU C 304 12.88 26.16 4.54
N ILE C 305 11.93 27.02 4.17
CA ILE C 305 11.79 27.53 2.80
C ILE C 305 12.19 29.01 2.82
N ASP C 306 13.18 29.38 2.00
CA ASP C 306 13.59 30.77 1.97
C ASP C 306 12.53 31.60 1.26
N VAL C 307 11.55 32.04 2.02
CA VAL C 307 10.44 32.82 1.48
C VAL C 307 10.89 34.24 1.11
N LYS C 308 11.87 34.75 1.83
CA LYS C 308 12.38 36.09 1.60
C LYS C 308 12.91 36.16 0.18
N TRP C 309 13.63 35.13 -0.24
CA TRP C 309 14.19 35.08 -1.58
C TRP C 309 13.09 35.30 -2.60
N LEU C 310 12.06 34.44 -2.55
CA LEU C 310 10.93 34.54 -3.44
C LEU C 310 10.40 35.96 -3.38
N ASN C 311 10.17 36.43 -2.16
CA ASN C 311 9.65 37.77 -1.95
C ASN C 311 10.55 38.85 -2.53
N GLU C 312 11.85 38.61 -2.53
CA GLU C 312 12.82 39.59 -3.04
C GLU C 312 13.30 39.28 -4.47
N ASN C 313 12.80 38.21 -5.10
CA ASN C 313 13.25 37.84 -6.44
C ASN C 313 12.20 37.49 -7.52
N ALA C 314 10.94 37.45 -7.12
CA ALA C 314 9.89 37.13 -8.06
C ALA C 314 9.40 38.38 -8.80
N VAL C 315 9.11 38.23 -10.09
CA VAL C 315 8.60 39.34 -10.89
C VAL C 315 7.30 39.87 -10.31
N GLU C 316 6.52 39.00 -9.70
CA GLU C 316 5.27 39.44 -9.09
C GLU C 316 4.69 38.35 -8.20
N LYS C 317 3.89 38.77 -7.23
CA LYS C 317 3.25 37.86 -6.29
C LYS C 317 1.76 38.19 -6.28
N VAL C 318 0.93 37.19 -6.57
CA VAL C 318 -0.52 37.37 -6.57
C VAL C 318 -1.17 36.39 -5.59
N ASN C 319 -1.90 36.92 -4.62
CA ASN C 319 -2.56 36.09 -3.63
C ASN C 319 -3.84 35.50 -4.17
N ILE C 320 -3.89 34.17 -4.27
CA ILE C 320 -5.07 33.48 -4.78
C ILE C 320 -6.21 33.60 -3.78
N LYS C 321 -5.91 33.24 -2.54
CA LYS C 321 -6.85 33.29 -1.43
C LYS C 321 -5.99 33.26 -0.17
N PRO C 322 -6.60 33.49 0.99
CA PRO C 322 -5.80 33.47 2.22
C PRO C 322 -4.82 32.30 2.30
N GLN C 323 -3.58 32.61 2.67
CA GLN C 323 -2.50 31.64 2.81
C GLN C 323 -2.15 30.85 1.55
N VAL C 324 -2.38 31.46 0.40
CA VAL C 324 -2.06 30.85 -0.89
C VAL C 324 -1.56 31.95 -1.83
N ASP C 325 -0.27 31.87 -2.18
CA ASP C 325 0.32 32.84 -3.09
C ASP C 325 0.97 32.20 -4.31
N ARG C 326 0.73 32.82 -5.47
CA ARG C 326 1.30 32.34 -6.73
C ARG C 326 2.32 33.39 -7.19
N TYR C 327 3.56 32.97 -7.28
CA TYR C 327 4.65 33.85 -7.68
C TYR C 327 5.03 33.64 -9.14
N LEU C 328 5.49 34.72 -9.76
CA LEU C 328 5.94 34.66 -11.14
C LEU C 328 7.44 34.87 -11.11
N LEU C 329 8.21 33.83 -11.38
CA LEU C 329 9.66 33.98 -11.39
C LEU C 329 10.09 34.70 -12.68
N LYS C 330 11.38 34.90 -12.84
CA LYS C 330 11.88 35.59 -14.01
C LYS C 330 11.93 34.67 -15.21
N ASN C 331 12.08 33.37 -14.96
CA ASN C 331 12.12 32.41 -16.07
C ASN C 331 10.71 32.09 -16.61
N GLY C 332 9.70 32.71 -16.02
CA GLY C 332 8.33 32.49 -16.45
C GLY C 332 7.51 31.53 -15.61
N HIS C 333 8.16 30.55 -14.98
CA HIS C 333 7.46 29.57 -14.16
C HIS C 333 6.80 30.25 -12.97
N ARG C 334 5.76 29.61 -12.45
CA ARG C 334 5.07 30.13 -11.27
C ARG C 334 5.31 29.20 -10.07
N ILE C 335 5.36 29.77 -8.87
CA ILE C 335 5.57 28.96 -7.68
C ILE C 335 4.49 29.20 -6.64
N ILE C 336 3.61 28.22 -6.46
CA ILE C 336 2.53 28.34 -5.50
C ILE C 336 3.05 28.07 -4.09
N LEU C 337 3.08 29.11 -3.26
CA LEU C 337 3.56 28.98 -1.89
C LEU C 337 2.39 28.86 -0.93
N LEU C 338 2.49 27.94 0.02
CA LEU C 338 1.42 27.74 0.98
C LEU C 338 1.72 28.21 2.40
N ALA C 339 0.83 29.06 2.91
CA ALA C 339 0.91 29.64 4.26
C ALA C 339 2.20 30.40 4.56
N GLU C 340 2.78 31.00 3.52
CA GLU C 340 4.01 31.77 3.64
C GLU C 340 5.11 30.98 4.34
N GLY C 341 5.29 29.73 3.94
CA GLY C 341 6.33 28.90 4.52
C GLY C 341 5.93 28.32 5.85
N ARG C 342 4.80 28.77 6.37
CA ARG C 342 4.33 28.29 7.67
C ARG C 342 3.73 26.88 7.63
N LEU C 343 3.41 26.35 8.81
CA LEU C 343 2.83 25.02 8.95
C LEU C 343 1.62 24.93 8.04
N VAL C 344 1.69 24.01 7.09
CA VAL C 344 0.66 23.80 6.09
C VAL C 344 -0.62 23.14 6.56
N ASN C 345 -0.51 22.06 7.34
CA ASN C 345 -1.69 21.34 7.84
C ASN C 345 -2.54 22.22 8.75
N LEU C 346 -1.89 23.06 9.56
CA LEU C 346 -2.59 23.96 10.47
C LEU C 346 -2.90 25.32 9.85
N GLY C 347 -2.11 25.75 8.87
CA GLY C 347 -2.35 27.04 8.26
C GLY C 347 -3.41 27.01 7.17
N CYS C 348 -3.40 25.94 6.38
CA CYS C 348 -4.34 25.79 5.27
C CYS C 348 -5.47 24.78 5.55
N ALA C 349 -5.33 23.99 6.60
CA ALA C 349 -6.33 22.99 6.98
C ALA C 349 -6.63 23.13 8.49
N MET C 350 -7.15 22.07 9.09
CA MET C 350 -7.52 22.07 10.49
C MET C 350 -6.59 21.30 11.43
N GLY C 351 -5.36 21.04 11.00
CA GLY C 351 -4.44 20.31 11.86
C GLY C 351 -4.74 18.84 11.92
N HIS C 352 -4.11 18.13 12.84
CA HIS C 352 -4.34 16.68 13.00
C HIS C 352 -5.79 16.44 13.41
N PRO C 353 -6.29 15.23 13.18
CA PRO C 353 -7.66 14.90 13.56
C PRO C 353 -7.75 14.68 15.08
N SER C 354 -8.97 14.82 15.62
CA SER C 354 -9.23 14.68 17.03
C SER C 354 -8.60 13.45 17.68
N PHE C 355 -9.07 12.28 17.29
CA PHE C 355 -8.57 11.04 17.87
C PHE C 355 -7.07 10.97 18.09
N VAL C 356 -6.28 11.53 17.19
CA VAL C 356 -4.83 11.44 17.36
C VAL C 356 -4.34 12.49 18.37
N MET C 357 -4.93 13.68 18.29
CA MET C 357 -4.57 14.77 19.18
C MET C 357 -4.90 14.37 20.61
N SER C 358 -5.89 13.51 20.78
CA SER C 358 -6.29 13.06 22.10
C SER C 358 -5.12 12.32 22.79
N ASN C 359 -4.32 11.59 22.00
CA ASN C 359 -3.18 10.86 22.55
C ASN C 359 -2.14 11.85 23.08
N SER C 360 -1.79 12.82 22.25
CA SER C 360 -0.81 13.84 22.62
C SER C 360 -1.28 14.73 23.78
N PHE C 361 -2.53 15.17 23.73
CA PHE C 361 -3.04 16.03 24.78
C PHE C 361 -3.23 15.33 26.11
N THR C 362 -3.41 14.01 26.06
CA THR C 362 -3.58 13.22 27.28
C THR C 362 -2.21 13.26 27.98
N ASN C 363 -1.16 13.00 27.21
CA ASN C 363 0.22 13.03 27.70
C ASN C 363 0.49 14.43 28.29
N GLN C 364 -0.09 15.45 27.65
CA GLN C 364 0.09 16.83 28.07
C GLN C 364 -0.56 17.10 29.42
N VAL C 365 -1.71 16.48 29.69
CA VAL C 365 -2.40 16.67 30.97
C VAL C 365 -1.67 15.88 32.08
N MET C 366 -1.22 14.69 31.72
CA MET C 366 -0.52 13.83 32.65
C MET C 366 0.72 14.56 33.12
N ALA C 367 1.42 15.17 32.16
CA ALA C 367 2.65 15.91 32.47
C ALA C 367 2.42 17.07 33.44
N GLN C 368 1.37 17.85 33.22
CA GLN C 368 1.09 18.96 34.09
C GLN C 368 0.87 18.47 35.50
N ILE C 369 0.17 17.34 35.62
CA ILE C 369 -0.10 16.75 36.92
C ILE C 369 1.17 16.22 37.59
N GLU C 370 2.13 15.77 36.79
CA GLU C 370 3.37 15.24 37.35
C GLU C 370 4.22 16.39 37.90
N LEU C 371 4.38 17.43 37.08
CA LEU C 371 5.18 18.59 37.44
C LEU C 371 4.62 19.38 38.63
N TRP C 372 3.33 19.62 38.62
CA TRP C 372 2.66 20.40 39.65
C TRP C 372 2.35 19.66 40.93
N THR C 373 2.47 18.34 40.92
CA THR C 373 2.14 17.56 42.12
C THR C 373 3.29 16.73 42.67
N HIS C 374 4.25 16.36 41.83
CA HIS C 374 5.41 15.58 42.28
C HIS C 374 6.71 16.30 41.94
N PRO C 375 6.78 17.64 42.17
CA PRO C 375 7.97 18.43 41.87
C PRO C 375 9.31 17.76 42.19
N ASP C 376 9.31 16.91 43.20
CA ASP C 376 10.53 16.21 43.60
C ASP C 376 11.15 15.35 42.51
N LYS C 377 10.29 14.60 41.82
CA LYS C 377 10.73 13.69 40.77
C LYS C 377 11.23 14.42 39.54
N TYR C 378 11.01 15.73 39.51
CA TYR C 378 11.44 16.51 38.36
C TYR C 378 12.33 17.70 38.69
N PRO C 379 13.64 17.47 38.78
CA PRO C 379 14.61 18.53 39.09
C PRO C 379 14.87 19.28 37.78
N VAL C 380 15.43 20.48 37.87
CA VAL C 380 15.71 21.26 36.67
C VAL C 380 16.44 20.39 35.65
N GLY C 381 15.84 20.33 34.47
CA GLY C 381 16.37 19.53 33.39
C GLY C 381 15.20 19.21 32.48
N VAL C 382 15.36 18.21 31.63
CA VAL C 382 14.29 17.83 30.73
C VAL C 382 14.07 16.32 30.86
N HIS C 383 12.87 15.92 31.31
CA HIS C 383 12.54 14.51 31.50
C HIS C 383 11.47 13.94 30.57
N PHE C 384 11.40 12.61 30.54
CA PHE C 384 10.41 11.90 29.74
C PHE C 384 9.25 11.64 30.68
N LEU C 385 8.08 11.34 30.12
CA LEU C 385 6.92 11.05 30.95
C LEU C 385 7.02 9.56 31.28
N PRO C 386 6.66 9.17 32.53
CA PRO C 386 6.74 7.76 32.94
C PRO C 386 6.15 6.78 31.91
N LYS C 387 6.94 5.78 31.54
CA LYS C 387 6.52 4.76 30.58
C LYS C 387 5.13 4.27 30.95
N LYS C 388 4.89 4.14 32.26
CA LYS C 388 3.60 3.68 32.74
C LYS C 388 2.53 4.66 32.27
N LEU C 389 2.77 5.93 32.50
CA LEU C 389 1.83 6.95 32.09
C LEU C 389 1.68 6.93 30.59
N ASP C 390 2.78 6.66 29.90
CA ASP C 390 2.76 6.62 28.45
C ASP C 390 1.82 5.50 28.00
N GLU C 391 2.12 4.28 28.39
CA GLU C 391 1.31 3.11 28.04
C GLU C 391 -0.15 3.24 28.47
N ALA C 392 -0.45 4.27 29.27
CA ALA C 392 -1.80 4.51 29.75
C ALA C 392 -2.61 5.30 28.74
N VAL C 393 -1.93 6.07 27.90
CA VAL C 393 -2.62 6.85 26.88
C VAL C 393 -3.15 5.86 25.83
N ALA C 394 -2.25 5.01 25.33
CA ALA C 394 -2.59 4.01 24.33
C ALA C 394 -3.75 3.20 24.85
N GLU C 395 -3.55 2.60 26.03
CA GLU C 395 -4.59 1.80 26.65
C GLU C 395 -5.96 2.47 26.73
N ALA C 396 -5.99 3.77 27.02
CA ALA C 396 -7.26 4.49 27.12
C ALA C 396 -7.93 4.82 25.79
N HIS C 397 -7.37 4.34 24.68
CA HIS C 397 -7.97 4.62 23.37
C HIS C 397 -8.34 3.34 22.65
N LEU C 398 -8.04 2.20 23.27
CA LEU C 398 -8.35 0.88 22.70
C LEU C 398 -9.85 0.59 22.59
N GLY C 399 -10.62 1.01 23.59
CA GLY C 399 -12.05 0.75 23.56
C GLY C 399 -12.81 1.42 22.43
N LYS C 400 -12.49 2.67 22.14
CA LYS C 400 -13.16 3.40 21.07
C LYS C 400 -12.96 2.69 19.73
N LEU C 401 -11.80 2.07 19.58
CA LEU C 401 -11.46 1.36 18.36
C LEU C 401 -11.84 -0.11 18.42
N ASN C 402 -12.61 -0.49 19.44
CA ASN C 402 -13.03 -1.89 19.55
C ASN C 402 -11.83 -2.83 19.56
N VAL C 403 -10.71 -2.40 20.13
CA VAL C 403 -9.55 -3.26 20.18
C VAL C 403 -9.66 -4.20 21.38
N LYS C 404 -9.45 -5.49 21.15
CA LYS C 404 -9.52 -6.48 22.20
C LYS C 404 -8.14 -7.02 22.54
N LEU C 405 -7.57 -6.55 23.65
CA LEU C 405 -6.26 -7.01 24.06
C LEU C 405 -6.35 -8.47 24.50
N THR C 406 -5.21 -9.15 24.48
CA THR C 406 -5.16 -10.53 24.91
C THR C 406 -4.65 -10.52 26.36
N LYS C 407 -4.82 -11.64 27.07
CA LYS C 407 -4.37 -11.74 28.46
C LYS C 407 -3.50 -12.97 28.63
N LEU C 408 -2.31 -12.77 29.18
CA LEU C 408 -1.40 -13.88 29.42
C LEU C 408 -2.03 -14.76 30.48
N THR C 409 -1.55 -15.99 30.60
CA THR C 409 -2.06 -16.87 31.65
C THR C 409 -0.96 -16.92 32.70
N GLU C 410 -1.27 -17.36 33.91
CA GLU C 410 -0.23 -17.41 34.93
C GLU C 410 0.93 -18.15 34.31
N LYS C 411 0.62 -19.22 33.59
CA LYS C 411 1.66 -20.02 32.93
C LYS C 411 2.56 -19.22 32.00
N GLN C 412 1.94 -18.37 31.17
CA GLN C 412 2.69 -17.54 30.23
C GLN C 412 3.46 -16.47 30.98
N ALA C 413 2.74 -15.69 31.78
CA ALA C 413 3.35 -14.63 32.56
C ALA C 413 4.62 -15.19 33.19
N GLN C 414 4.59 -16.46 33.53
CA GLN C 414 5.73 -17.12 34.13
C GLN C 414 6.80 -17.27 33.05
N TYR C 415 6.46 -18.05 32.01
CA TYR C 415 7.37 -18.29 30.90
C TYR C 415 8.27 -17.09 30.58
N LEU C 416 7.64 -15.95 30.34
CA LEU C 416 8.35 -14.73 30.02
C LEU C 416 9.06 -14.14 31.24
N GLY C 417 8.35 -14.12 32.36
CA GLY C 417 8.90 -13.58 33.58
C GLY C 417 8.26 -12.23 33.84
N MET C 418 7.28 -11.89 33.00
CA MET C 418 6.58 -10.61 33.15
C MET C 418 5.34 -10.81 33.99
N PRO C 419 4.65 -9.72 34.34
CA PRO C 419 3.45 -9.83 35.15
C PRO C 419 2.24 -10.00 34.26
N ILE C 420 1.57 -11.12 34.47
CA ILE C 420 0.38 -11.47 33.73
C ILE C 420 -0.51 -10.25 33.51
N ASN C 421 -0.52 -9.36 34.50
CA ASN C 421 -1.34 -8.15 34.45
C ASN C 421 -0.44 -6.90 34.44
N GLY C 422 0.85 -7.09 34.72
CA GLY C 422 1.78 -5.98 34.74
C GLY C 422 2.54 -5.77 33.44
N PRO C 423 3.45 -4.77 33.41
CA PRO C 423 4.27 -4.44 32.23
C PRO C 423 5.34 -5.47 31.89
N PHE C 424 5.68 -5.52 30.61
CA PHE C 424 6.67 -6.47 30.12
C PHE C 424 7.62 -5.83 29.10
N LYS C 425 7.30 -4.60 28.70
CA LYS C 425 8.12 -3.90 27.71
C LYS C 425 9.31 -3.11 28.28
N PRO C 426 10.55 -3.49 27.90
CA PRO C 426 11.75 -2.80 28.37
C PRO C 426 11.79 -1.42 27.75
N ASP C 427 12.68 -0.57 28.25
CA ASP C 427 12.81 0.80 27.77
C ASP C 427 13.70 0.96 26.53
N HIS C 428 14.18 -0.17 26.01
CA HIS C 428 15.01 -0.17 24.81
C HIS C 428 14.05 -0.25 23.64
N TYR C 429 12.87 -0.77 23.92
CA TYR C 429 11.86 -0.91 22.90
C TYR C 429 11.73 0.42 22.21
N ARG C 430 11.73 0.40 20.88
CA ARG C 430 11.60 1.63 20.12
C ARG C 430 10.25 1.78 19.43
N TYR C 431 9.58 0.67 19.14
CA TYR C 431 8.28 0.73 18.49
C TYR C 431 8.38 1.33 17.10
N ASP D 2 40.46 -38.45 17.86
CA ASP D 2 39.54 -38.39 19.03
C ASP D 2 38.32 -37.51 18.73
N LYS D 3 38.53 -36.20 18.77
CA LYS D 3 37.47 -35.23 18.48
C LYS D 3 37.37 -35.17 16.96
N LEU D 4 36.24 -34.71 16.45
CA LEU D 4 36.06 -34.61 15.02
C LEU D 4 36.54 -33.24 14.57
N PRO D 5 37.03 -33.14 13.32
CA PRO D 5 37.52 -31.87 12.75
C PRO D 5 36.36 -30.93 12.37
N TYR D 6 35.26 -31.55 11.95
CA TYR D 6 34.07 -30.83 11.56
C TYR D 6 33.03 -31.90 11.27
N LYS D 7 31.77 -31.49 11.21
CA LYS D 7 30.71 -32.42 10.90
C LYS D 7 29.64 -31.74 10.04
N VAL D 8 29.49 -32.21 8.81
CA VAL D 8 28.50 -31.66 7.90
C VAL D 8 27.81 -32.77 7.12
N ALA D 9 26.75 -32.44 6.37
CA ALA D 9 26.01 -33.42 5.58
C ALA D 9 26.80 -34.00 4.43
N ASP D 10 27.14 -33.17 3.44
CA ASP D 10 27.88 -33.62 2.25
C ASP D 10 28.88 -32.55 1.80
N ILE D 11 30.15 -32.73 2.17
CA ILE D 11 31.17 -31.74 1.82
C ILE D 11 31.38 -31.57 0.31
N GLY D 12 30.71 -32.39 -0.47
CA GLY D 12 30.81 -32.30 -1.91
C GLY D 12 29.93 -31.17 -2.39
N LEU D 13 29.24 -30.51 -1.45
CA LEU D 13 28.37 -29.39 -1.77
C LEU D 13 29.15 -28.08 -1.72
N ALA D 14 30.43 -28.19 -1.40
CA ALA D 14 31.33 -27.03 -1.29
C ALA D 14 31.34 -26.11 -2.52
N ALA D 15 31.63 -26.69 -3.69
CA ALA D 15 31.70 -25.92 -4.93
C ALA D 15 30.50 -25.01 -5.12
N TRP D 16 29.31 -25.58 -4.98
CA TRP D 16 28.07 -24.84 -5.13
C TRP D 16 27.93 -23.80 -4.03
N GLY D 17 28.24 -24.19 -2.80
CA GLY D 17 28.17 -23.26 -1.68
C GLY D 17 29.08 -22.07 -1.94
N ARG D 18 30.33 -22.34 -2.30
CA ARG D 18 31.28 -21.27 -2.58
C ARG D 18 30.72 -20.23 -3.55
N LYS D 19 30.09 -20.68 -4.63
CA LYS D 19 29.51 -19.75 -5.60
C LYS D 19 28.44 -18.93 -4.90
N ALA D 20 27.66 -19.60 -4.07
CA ALA D 20 26.61 -18.96 -3.32
C ALA D 20 27.21 -17.89 -2.41
N LEU D 21 28.31 -18.24 -1.74
CA LEU D 21 28.94 -17.32 -0.81
C LEU D 21 29.42 -16.08 -1.54
N ASP D 22 30.07 -16.30 -2.68
CA ASP D 22 30.60 -15.21 -3.51
C ASP D 22 29.49 -14.29 -4.00
N ILE D 23 28.38 -14.86 -4.45
CA ILE D 23 27.28 -14.03 -4.92
C ILE D 23 26.76 -13.17 -3.77
N ALA D 24 26.69 -13.78 -2.59
CA ALA D 24 26.19 -13.11 -1.38
C ALA D 24 27.12 -12.02 -0.88
N GLU D 25 28.41 -12.28 -0.95
CA GLU D 25 29.39 -11.30 -0.51
C GLU D 25 29.12 -9.96 -1.20
N ASN D 26 28.77 -10.03 -2.49
CA ASN D 26 28.47 -8.84 -3.29
C ASN D 26 27.24 -8.13 -2.75
N GLU D 27 26.42 -8.83 -1.99
CA GLU D 27 25.22 -8.23 -1.44
C GLU D 27 25.41 -7.74 -0.01
N MET D 28 26.48 -8.16 0.66
CA MET D 28 26.73 -7.72 2.03
C MET D 28 27.84 -6.69 2.11
N PRO D 29 27.52 -5.42 1.83
CA PRO D 29 28.53 -4.36 1.87
C PRO D 29 29.21 -4.21 3.24
N GLY D 30 28.40 -4.09 4.29
CA GLY D 30 28.95 -3.93 5.62
C GLY D 30 30.00 -4.97 5.95
N LEU D 31 29.65 -6.23 5.75
CA LEU D 31 30.58 -7.31 6.05
C LEU D 31 31.88 -7.18 5.29
N MET D 32 31.78 -6.92 3.99
CA MET D 32 32.98 -6.76 3.19
C MET D 32 33.77 -5.51 3.58
N ARG D 33 33.06 -4.47 4.01
CA ARG D 33 33.72 -3.23 4.42
C ARG D 33 34.50 -3.48 5.73
N MET D 34 34.01 -4.40 6.57
CA MET D 34 34.70 -4.71 7.83
C MET D 34 35.98 -5.46 7.51
N ARG D 35 35.92 -6.22 6.41
CA ARG D 35 37.07 -7.02 5.95
C ARG D 35 38.15 -6.11 5.34
N GLU D 36 37.72 -5.18 4.51
CA GLU D 36 38.66 -4.27 3.86
C GLU D 36 39.28 -3.25 4.80
N MET D 37 38.79 -3.20 6.04
CA MET D 37 39.32 -2.24 6.99
C MET D 37 40.07 -2.86 8.17
N TYR D 38 39.70 -4.07 8.57
CA TYR D 38 40.37 -4.70 9.72
C TYR D 38 41.05 -6.04 9.49
N SER D 39 41.33 -6.35 8.23
CA SER D 39 42.01 -7.59 7.83
C SER D 39 43.49 -7.58 8.24
N ALA D 40 44.17 -6.48 8.01
CA ALA D 40 45.58 -6.35 8.37
C ALA D 40 45.77 -6.23 9.89
N SER D 41 45.07 -5.28 10.51
CA SER D 41 45.18 -5.09 11.94
C SER D 41 44.80 -6.35 12.70
N LYS D 42 43.88 -7.13 12.13
CA LYS D 42 43.43 -8.37 12.77
C LYS D 42 43.02 -8.09 14.22
N PRO D 43 42.04 -7.19 14.42
CA PRO D 43 41.58 -6.82 15.77
C PRO D 43 41.07 -7.96 16.62
N LEU D 44 40.66 -9.04 15.98
CA LEU D 44 40.14 -10.20 16.70
C LEU D 44 41.23 -11.23 16.92
N LYS D 45 42.49 -10.79 16.80
CA LYS D 45 43.63 -11.68 16.99
C LYS D 45 43.63 -12.21 18.40
N GLY D 46 43.81 -13.52 18.53
CA GLY D 46 43.84 -14.11 19.85
C GLY D 46 42.46 -14.57 20.29
N ALA D 47 41.45 -14.21 19.51
CA ALA D 47 40.08 -14.58 19.83
C ALA D 47 39.73 -16.02 19.44
N ARG D 48 38.97 -16.69 20.29
CA ARG D 48 38.52 -18.06 20.04
C ARG D 48 37.01 -18.06 20.21
N ILE D 49 36.32 -17.71 19.13
CA ILE D 49 34.87 -17.58 19.14
C ILE D 49 34.06 -18.84 18.88
N ALA D 50 33.05 -19.04 19.71
CA ALA D 50 32.13 -20.16 19.59
C ALA D 50 30.84 -19.45 19.24
N GLY D 51 30.22 -19.87 18.15
CA GLY D 51 28.98 -19.23 17.75
C GLY D 51 27.87 -20.24 17.55
N CYS D 52 26.65 -19.82 17.89
CA CYS D 52 25.46 -20.66 17.73
C CYS D 52 24.51 -19.80 16.90
N LEU D 53 24.58 -20.00 15.57
CA LEU D 53 23.76 -19.25 14.65
C LEU D 53 23.47 -20.11 13.43
N HIS D 54 22.28 -19.95 12.85
CA HIS D 54 21.86 -20.76 11.69
C HIS D 54 22.95 -20.74 10.64
N MET D 55 23.53 -21.90 10.39
CA MET D 55 24.59 -22.00 9.41
C MET D 55 24.06 -21.82 8.00
N THR D 56 24.00 -20.57 7.57
CA THR D 56 23.51 -20.25 6.25
C THR D 56 24.62 -19.65 5.41
N VAL D 57 24.31 -19.33 4.16
CA VAL D 57 25.27 -18.70 3.28
C VAL D 57 25.63 -17.37 3.92
N GLU D 58 24.61 -16.62 4.37
CA GLU D 58 24.83 -15.33 5.03
C GLU D 58 25.79 -15.46 6.23
N THR D 59 25.66 -16.55 6.97
CA THR D 59 26.49 -16.79 8.16
C THR D 59 27.92 -17.19 7.82
N ALA D 60 28.12 -17.76 6.63
CA ALA D 60 29.46 -18.15 6.20
C ALA D 60 30.25 -16.89 5.92
N VAL D 61 29.59 -15.89 5.35
CA VAL D 61 30.25 -14.62 5.04
C VAL D 61 30.61 -13.92 6.33
N LEU D 62 29.85 -14.21 7.39
CA LEU D 62 30.11 -13.63 8.71
C LEU D 62 31.35 -14.33 9.29
N ILE D 63 31.26 -15.65 9.38
CA ILE D 63 32.36 -16.48 9.89
C ILE D 63 33.69 -16.17 9.19
N GLU D 64 33.66 -16.10 7.86
CA GLU D 64 34.86 -15.82 7.09
C GLU D 64 35.39 -14.43 7.37
N THR D 65 34.48 -13.49 7.65
CA THR D 65 34.86 -12.13 7.94
C THR D 65 35.53 -12.08 9.29
N LEU D 66 35.04 -12.92 10.21
CA LEU D 66 35.61 -12.97 11.55
C LEU D 66 37.01 -13.60 11.49
N VAL D 67 37.19 -14.58 10.62
CA VAL D 67 38.50 -15.22 10.49
C VAL D 67 39.45 -14.26 9.79
N ALA D 68 38.91 -13.44 8.89
CA ALA D 68 39.73 -12.46 8.18
C ALA D 68 40.29 -11.45 9.20
N LEU D 69 39.51 -11.14 10.23
CA LEU D 69 39.93 -10.19 11.24
C LEU D 69 40.84 -10.81 12.30
N GLY D 70 41.36 -12.00 12.02
CA GLY D 70 42.25 -12.65 12.96
C GLY D 70 41.68 -13.63 13.98
N ALA D 71 40.36 -13.80 13.99
CA ALA D 71 39.70 -14.72 14.93
C ALA D 71 39.86 -16.18 14.56
N GLU D 72 39.60 -17.04 15.54
CA GLU D 72 39.63 -18.49 15.37
C GLU D 72 38.18 -18.83 15.64
N VAL D 73 37.52 -19.50 14.70
CA VAL D 73 36.11 -19.82 14.87
C VAL D 73 35.72 -21.29 14.82
N ARG D 74 34.73 -21.64 15.62
CA ARG D 74 34.17 -22.98 15.68
C ARG D 74 32.66 -22.72 15.67
N TRP D 75 31.96 -23.21 14.66
CA TRP D 75 30.53 -22.97 14.52
C TRP D 75 29.53 -24.12 14.71
N SER D 76 28.29 -23.73 14.91
CA SER D 76 27.17 -24.64 15.12
C SER D 76 25.88 -23.86 14.83
N SER D 77 24.86 -24.57 14.34
CA SER D 77 23.59 -23.92 14.03
C SER D 77 22.72 -23.88 15.29
N CYS D 78 21.93 -22.83 15.43
CA CYS D 78 21.05 -22.71 16.57
C CYS D 78 19.66 -23.20 16.21
N ASN D 79 19.58 -24.08 15.19
CA ASN D 79 18.32 -24.64 14.75
C ASN D 79 18.60 -25.96 14.05
N ILE D 80 17.75 -26.94 14.24
CA ILE D 80 17.98 -28.23 13.63
C ILE D 80 17.58 -28.26 12.15
N PHE D 81 16.86 -27.24 11.69
CA PHE D 81 16.42 -27.20 10.29
C PHE D 81 16.91 -25.97 9.51
N SER D 82 17.50 -25.00 10.19
CA SER D 82 17.97 -23.78 9.56
C SER D 82 19.21 -23.90 8.72
N THR D 83 20.03 -24.91 9.01
CA THR D 83 21.26 -25.11 8.25
C THR D 83 21.11 -25.16 6.74
N GLN D 84 22.11 -24.63 6.03
CA GLN D 84 22.11 -24.64 4.58
C GLN D 84 23.35 -25.46 4.23
N ASP D 85 23.12 -26.75 4.02
CA ASP D 85 24.18 -27.72 3.75
C ASP D 85 25.26 -27.36 2.75
N HIS D 86 24.97 -26.54 1.75
CA HIS D 86 26.05 -26.20 0.83
C HIS D 86 26.93 -25.14 1.45
N ALA D 87 26.34 -24.25 2.26
CA ALA D 87 27.09 -23.18 2.91
C ALA D 87 27.93 -23.74 4.05
N ALA D 88 27.46 -24.82 4.65
CA ALA D 88 28.18 -25.46 5.74
C ALA D 88 29.37 -26.27 5.21
N ALA D 89 29.21 -26.89 4.03
CA ALA D 89 30.27 -27.69 3.42
C ALA D 89 31.33 -26.79 2.78
N ALA D 90 31.01 -25.50 2.68
CA ALA D 90 31.95 -24.55 2.12
C ALA D 90 32.85 -24.07 3.26
N ILE D 91 32.25 -23.89 4.44
CA ILE D 91 33.00 -23.45 5.62
C ILE D 91 33.92 -24.56 6.12
N ALA D 92 33.44 -25.80 6.00
CA ALA D 92 34.23 -26.95 6.41
C ALA D 92 35.43 -27.08 5.50
N LYS D 93 35.19 -27.02 4.20
CA LYS D 93 36.28 -27.11 3.23
C LYS D 93 37.27 -25.94 3.43
N ALA D 94 36.74 -24.75 3.67
CA ALA D 94 37.59 -23.59 3.87
C ALA D 94 38.55 -23.91 5.00
N GLY D 95 38.29 -25.01 5.69
CA GLY D 95 39.15 -25.42 6.79
C GLY D 95 38.62 -25.03 8.15
N ILE D 96 37.43 -24.43 8.21
CA ILE D 96 36.86 -24.03 9.49
C ILE D 96 36.03 -25.15 10.09
N PRO D 97 36.25 -25.45 11.38
CA PRO D 97 35.45 -26.53 11.96
C PRO D 97 33.99 -26.15 12.08
N VAL D 98 33.15 -26.85 11.32
CA VAL D 98 31.72 -26.64 11.34
C VAL D 98 31.03 -27.95 11.68
N PHE D 99 30.12 -27.90 12.63
CA PHE D 99 29.36 -29.07 13.01
C PHE D 99 27.91 -28.69 12.85
N ALA D 100 27.38 -28.88 11.64
CA ALA D 100 25.99 -28.54 11.38
C ALA D 100 25.42 -29.11 10.08
N TRP D 101 24.16 -29.51 10.13
CA TRP D 101 23.46 -30.03 8.96
C TRP D 101 21.97 -29.80 9.12
N LYS D 102 21.25 -29.92 8.03
CA LYS D 102 19.81 -29.72 8.07
C LYS D 102 19.14 -31.02 8.52
N GLY D 103 18.31 -30.93 9.56
CA GLY D 103 17.62 -32.08 10.08
C GLY D 103 18.36 -32.90 11.13
N GLU D 104 18.89 -32.25 12.16
CA GLU D 104 19.59 -33.00 13.19
C GLU D 104 18.59 -33.40 14.25
N THR D 105 18.85 -34.50 14.94
CA THR D 105 17.96 -34.90 16.02
C THR D 105 18.32 -33.99 17.21
N ASP D 106 17.34 -33.63 18.03
CA ASP D 106 17.61 -32.76 19.15
C ASP D 106 18.91 -33.15 19.86
N GLU D 107 19.18 -34.46 19.89
CA GLU D 107 20.37 -34.98 20.54
C GLU D 107 21.66 -34.56 19.83
N GLU D 108 21.63 -34.57 18.49
CA GLU D 108 22.80 -34.17 17.74
C GLU D 108 22.97 -32.67 17.85
N TYR D 109 21.85 -31.97 17.98
CA TYR D 109 21.88 -30.53 18.09
C TYR D 109 22.74 -30.09 19.27
N LEU D 110 22.78 -30.90 20.32
CA LEU D 110 23.58 -30.57 21.50
C LEU D 110 25.06 -30.93 21.28
N TRP D 111 25.30 -32.14 20.78
CA TRP D 111 26.66 -32.59 20.52
C TRP D 111 27.38 -31.57 19.65
N CYS D 112 26.65 -31.03 18.68
CA CYS D 112 27.22 -30.06 17.77
C CYS D 112 27.74 -28.84 18.52
N ILE D 113 26.94 -28.30 19.42
CA ILE D 113 27.38 -27.14 20.18
C ILE D 113 28.59 -27.47 21.06
N GLU D 114 28.58 -28.64 21.66
CA GLU D 114 29.66 -29.09 22.54
C GLU D 114 30.99 -29.17 21.81
N GLN D 115 30.95 -29.48 20.52
CA GLN D 115 32.18 -29.57 19.75
C GLN D 115 32.88 -28.21 19.69
N THR D 116 32.11 -27.15 19.57
CA THR D 116 32.67 -25.81 19.45
C THR D 116 33.13 -25.17 20.74
N LEU D 117 33.24 -25.97 21.81
CA LEU D 117 33.64 -25.41 23.11
C LEU D 117 35.14 -25.41 23.40
N HIS D 118 35.89 -26.27 22.72
CA HIS D 118 37.33 -26.33 22.95
C HIS D 118 38.13 -26.20 21.69
N PHE D 119 39.02 -25.23 21.70
CA PHE D 119 39.89 -24.99 20.55
C PHE D 119 41.27 -25.56 20.82
N LYS D 120 42.13 -25.48 19.79
CA LYS D 120 43.51 -25.96 19.84
C LYS D 120 44.24 -25.36 21.03
N ASP D 121 44.26 -24.04 21.05
CA ASP D 121 44.91 -23.25 22.08
C ASP D 121 44.15 -23.30 23.41
N GLY D 122 43.07 -24.08 23.46
CA GLY D 122 42.30 -24.15 24.68
C GLY D 122 40.86 -23.79 24.42
N PRO D 123 40.03 -23.70 25.48
CA PRO D 123 38.60 -23.36 25.36
C PRO D 123 38.32 -21.98 24.77
N LEU D 124 37.03 -21.73 24.52
CA LEU D 124 36.56 -20.47 23.97
C LEU D 124 36.83 -19.30 24.90
N ASN D 125 36.81 -18.09 24.36
CA ASN D 125 37.02 -16.89 25.14
C ASN D 125 36.06 -15.80 24.67
N MET D 126 35.18 -16.19 23.74
CA MET D 126 34.20 -15.28 23.14
C MET D 126 32.97 -16.06 22.68
N ILE D 127 31.78 -15.50 22.90
CA ILE D 127 30.54 -16.16 22.51
C ILE D 127 29.70 -15.32 21.56
N LEU D 128 29.37 -15.91 20.41
CA LEU D 128 28.51 -15.27 19.39
C LEU D 128 27.23 -16.11 19.36
N ASP D 129 26.18 -15.63 20.01
CA ASP D 129 24.94 -16.40 20.10
C ASP D 129 23.70 -15.83 19.43
N ASP D 130 22.78 -16.73 19.11
CA ASP D 130 21.50 -16.39 18.50
C ASP D 130 20.48 -17.34 19.13
N GLY D 131 19.63 -16.82 20.00
CA GLY D 131 18.65 -17.67 20.67
C GLY D 131 18.90 -17.88 22.17
N GLY D 132 20.18 -17.90 22.55
CA GLY D 132 20.55 -18.07 23.96
C GLY D 132 21.09 -19.44 24.37
N ASP D 133 20.96 -20.43 23.50
CA ASP D 133 21.39 -21.78 23.83
C ASP D 133 22.86 -21.93 24.22
N LEU D 134 23.75 -21.21 23.55
CA LEU D 134 25.18 -21.31 23.84
C LEU D 134 25.58 -20.67 25.16
N THR D 135 25.10 -19.46 25.41
CA THR D 135 25.44 -18.76 26.65
C THR D 135 24.76 -19.39 27.84
N ASN D 136 23.83 -20.28 27.59
CA ASN D 136 23.12 -20.97 28.66
C ASN D 136 23.68 -22.37 28.89
N LEU D 137 24.12 -23.01 27.82
CA LEU D 137 24.70 -24.35 27.91
C LEU D 137 25.88 -24.25 28.86
N ILE D 138 26.67 -23.18 28.72
CA ILE D 138 27.85 -22.96 29.53
C ILE D 138 27.51 -22.46 30.92
N HIS D 139 26.64 -21.47 31.01
CA HIS D 139 26.27 -20.92 32.32
C HIS D 139 25.73 -21.98 33.27
N THR D 140 25.04 -22.98 32.71
CA THR D 140 24.43 -24.04 33.48
C THR D 140 25.08 -25.42 33.40
N LYS D 141 25.70 -25.75 32.28
CA LYS D 141 26.34 -27.06 32.14
C LYS D 141 27.84 -27.01 32.36
N HIS D 142 28.50 -26.00 31.81
CA HIS D 142 29.95 -25.85 31.98
C HIS D 142 30.28 -24.50 32.54
N PRO D 143 30.02 -24.29 33.84
CA PRO D 143 30.28 -23.01 34.49
C PRO D 143 31.75 -22.70 34.67
N GLN D 144 32.59 -23.73 34.61
CA GLN D 144 34.03 -23.55 34.76
C GLN D 144 34.64 -22.77 33.61
N LEU D 145 33.88 -22.58 32.54
CA LEU D 145 34.41 -21.87 31.38
C LEU D 145 34.08 -20.39 31.39
N LEU D 146 33.09 -20.00 32.19
CA LEU D 146 32.68 -18.60 32.31
C LEU D 146 33.85 -17.66 32.54
N SER D 147 34.85 -18.13 33.27
CA SER D 147 36.05 -17.33 33.58
C SER D 147 36.87 -17.00 32.34
N GLY D 148 36.94 -17.93 31.39
CA GLY D 148 37.71 -17.72 30.17
C GLY D 148 37.01 -17.01 29.02
N ILE D 149 35.74 -16.65 29.22
CA ILE D 149 34.98 -15.96 28.18
C ILE D 149 34.92 -14.45 28.46
N ARG D 150 35.41 -13.67 27.50
CA ARG D 150 35.47 -12.22 27.63
C ARG D 150 34.17 -11.47 27.33
N GLY D 151 33.28 -12.07 26.55
CA GLY D 151 32.03 -11.40 26.21
C GLY D 151 31.01 -12.25 25.48
N ILE D 152 29.82 -11.67 25.29
CA ILE D 152 28.74 -12.36 24.59
C ILE D 152 28.09 -11.43 23.56
N SER D 153 27.67 -12.02 22.43
CA SER D 153 27.01 -11.28 21.35
C SER D 153 25.68 -11.99 21.09
N GLU D 154 24.57 -11.30 21.35
CA GLU D 154 23.26 -11.89 21.16
C GLU D 154 22.54 -11.31 19.95
N GLU D 155 22.16 -12.21 19.06
CA GLU D 155 21.50 -11.90 17.80
C GLU D 155 20.02 -11.55 17.87
N THR D 156 19.23 -12.40 18.51
CA THR D 156 17.79 -12.21 18.54
C THR D 156 17.05 -11.84 19.83
N THR D 157 15.88 -11.23 19.66
CA THR D 157 15.04 -10.78 20.76
C THR D 157 14.91 -11.78 21.91
N THR D 158 14.54 -13.01 21.58
CA THR D 158 14.38 -14.04 22.60
C THR D 158 15.68 -14.23 23.37
N GLY D 159 16.81 -14.16 22.67
CA GLY D 159 18.10 -14.33 23.31
C GLY D 159 18.39 -13.18 24.26
N VAL D 160 18.11 -11.96 23.80
CA VAL D 160 18.34 -10.74 24.57
C VAL D 160 17.40 -10.61 25.76
N HIS D 161 16.23 -11.21 25.66
CA HIS D 161 15.23 -11.16 26.74
C HIS D 161 15.73 -12.03 27.89
N ASN D 162 16.43 -13.10 27.56
CA ASN D 162 16.94 -13.99 28.57
C ASN D 162 18.16 -13.42 29.25
N LEU D 163 18.90 -12.58 28.52
CA LEU D 163 20.09 -11.96 29.08
C LEU D 163 19.68 -11.01 30.20
N TYR D 164 18.72 -10.15 29.89
CA TYR D 164 18.17 -9.19 30.85
C TYR D 164 17.59 -9.94 32.07
N LYS D 165 17.19 -11.19 31.85
CA LYS D 165 16.62 -12.06 32.88
C LYS D 165 17.74 -12.64 33.77
N MET D 166 18.71 -13.28 33.14
CA MET D 166 19.84 -13.85 33.87
C MET D 166 20.41 -12.79 34.79
N MET D 167 20.63 -11.61 34.22
CA MET D 167 21.17 -10.48 34.96
C MET D 167 20.24 -10.13 36.13
N ALA D 168 18.95 -10.10 35.85
CA ALA D 168 17.96 -9.78 36.88
C ALA D 168 18.09 -10.72 38.08
N ASN D 169 18.38 -11.99 37.85
CA ASN D 169 18.52 -12.92 38.96
C ASN D 169 19.97 -13.24 39.23
N GLY D 170 20.84 -12.31 38.89
CA GLY D 170 22.25 -12.53 39.13
C GLY D 170 22.80 -13.85 38.64
N ILE D 171 22.44 -14.23 37.42
CA ILE D 171 22.93 -15.47 36.82
C ILE D 171 23.99 -15.21 35.74
N LEU D 172 24.00 -14.00 35.18
CA LEU D 172 24.97 -13.64 34.15
C LEU D 172 26.36 -13.41 34.70
N LYS D 173 27.31 -14.26 34.33
CA LYS D 173 28.69 -14.12 34.81
C LYS D 173 29.67 -13.51 33.80
N VAL D 174 29.18 -13.13 32.62
CA VAL D 174 30.02 -12.51 31.60
C VAL D 174 29.23 -11.42 30.86
N PRO D 175 29.93 -10.38 30.37
CA PRO D 175 29.29 -9.28 29.63
C PRO D 175 28.66 -9.69 28.30
N ALA D 176 27.61 -8.99 27.90
CA ALA D 176 26.95 -9.29 26.65
C ALA D 176 26.46 -8.00 25.99
N ILE D 177 26.44 -8.01 24.67
CA ILE D 177 25.97 -6.85 23.92
C ILE D 177 24.66 -7.22 23.23
N ASN D 178 23.63 -6.43 23.48
CA ASN D 178 22.32 -6.62 22.88
C ASN D 178 22.45 -6.15 21.44
N VAL D 179 22.72 -7.08 20.51
CA VAL D 179 22.89 -6.75 19.08
C VAL D 179 21.53 -6.56 18.42
N ASN D 180 20.53 -7.32 18.87
CA ASN D 180 19.19 -7.22 18.31
C ASN D 180 18.61 -5.81 18.40
N ASP D 181 18.69 -5.20 19.57
CA ASP D 181 18.14 -3.88 19.79
C ASP D 181 18.86 -2.78 19.01
N SER D 182 19.83 -3.16 18.19
CA SER D 182 20.53 -2.17 17.38
C SER D 182 19.50 -1.68 16.34
N VAL D 183 19.32 -0.37 16.21
CA VAL D 183 18.33 0.15 15.27
C VAL D 183 18.45 -0.46 13.90
N THR D 184 19.68 -0.56 13.41
CA THR D 184 19.94 -1.12 12.09
C THR D 184 19.80 -2.63 12.08
N LYS D 185 19.38 -3.20 13.21
CA LYS D 185 19.19 -4.64 13.32
C LYS D 185 17.70 -4.95 13.51
N SER D 186 17.08 -4.32 14.49
CA SER D 186 15.68 -4.56 14.76
C SER D 186 14.77 -3.97 13.71
N LYS D 187 15.06 -2.76 13.26
CA LYS D 187 14.20 -2.11 12.28
C LYS D 187 14.45 -2.54 10.85
N PHE D 188 15.46 -3.37 10.61
CA PHE D 188 15.76 -3.80 9.25
C PHE D 188 15.70 -5.32 9.11
N ASP D 189 16.34 -6.02 10.02
CA ASP D 189 16.36 -7.48 10.01
C ASP D 189 15.00 -8.02 10.47
N ASN D 190 14.59 -7.63 11.68
CA ASN D 190 13.32 -8.08 12.23
C ASN D 190 12.08 -7.69 11.42
N LEU D 191 12.04 -6.45 10.93
CA LEU D 191 10.90 -5.94 10.16
C LEU D 191 10.96 -6.25 8.66
N TYR D 192 11.96 -5.72 7.96
CA TYR D 192 12.10 -5.96 6.52
C TYR D 192 12.51 -7.40 6.15
N GLY D 193 13.36 -8.02 6.96
CA GLY D 193 13.78 -9.37 6.64
C GLY D 193 12.59 -10.31 6.62
N CYS D 194 11.73 -10.20 7.64
CA CYS D 194 10.56 -11.04 7.77
C CYS D 194 9.52 -10.73 6.71
N ARG D 195 9.44 -9.48 6.32
CA ARG D 195 8.46 -9.08 5.31
C ARG D 195 8.71 -9.81 3.99
N GLU D 196 9.94 -10.30 3.79
CA GLU D 196 10.28 -10.99 2.56
C GLU D 196 10.49 -12.48 2.78
N SER D 197 11.16 -12.85 3.86
CA SER D 197 11.46 -14.24 4.15
C SER D 197 10.37 -15.09 4.78
N LEU D 198 9.27 -14.50 5.27
CA LEU D 198 8.21 -15.30 5.89
C LEU D 198 7.47 -16.07 4.80
N ILE D 199 6.93 -15.31 3.85
CA ILE D 199 6.20 -15.89 2.72
C ILE D 199 7.07 -16.86 1.90
N ASP D 200 8.36 -16.59 1.81
CA ASP D 200 9.27 -17.46 1.06
C ASP D 200 9.13 -18.85 1.66
N GLY D 201 9.04 -18.89 2.99
CA GLY D 201 8.90 -20.15 3.70
C GLY D 201 7.53 -20.77 3.47
N ILE D 202 6.47 -19.98 3.62
CA ILE D 202 5.12 -20.49 3.42
C ILE D 202 4.96 -21.03 2.01
N LYS D 203 5.27 -20.19 1.04
CA LYS D 203 5.17 -20.55 -0.37
C LYS D 203 5.98 -21.77 -0.73
N ARG D 204 7.29 -21.73 -0.54
CA ARG D 204 8.12 -22.88 -0.88
C ARG D 204 7.60 -24.19 -0.35
N ALA D 205 7.01 -24.16 0.83
CA ALA D 205 6.47 -25.35 1.47
C ALA D 205 5.07 -25.74 0.98
N THR D 206 4.15 -24.76 0.99
CA THR D 206 2.77 -25.00 0.59
C THR D 206 2.41 -24.59 -0.82
N ASP D 207 3.05 -23.55 -1.31
CA ASP D 207 2.78 -23.01 -2.67
C ASP D 207 1.38 -22.43 -2.66
N VAL D 208 0.89 -22.12 -1.47
CA VAL D 208 -0.45 -21.58 -1.29
C VAL D 208 -0.60 -20.19 -1.90
N MET D 209 -1.83 -19.85 -2.25
CA MET D 209 -2.15 -18.55 -2.81
C MET D 209 -2.40 -17.65 -1.61
N ILE D 210 -1.74 -16.50 -1.53
CA ILE D 210 -1.94 -15.61 -0.41
C ILE D 210 -3.18 -14.74 -0.59
N ALA D 211 -3.39 -14.23 -1.79
CA ALA D 211 -4.54 -13.36 -2.04
C ALA D 211 -5.85 -14.06 -1.74
N GLY D 212 -6.76 -13.35 -1.09
CA GLY D 212 -8.05 -13.93 -0.76
C GLY D 212 -8.12 -14.69 0.55
N LYS D 213 -6.98 -14.99 1.17
CA LYS D 213 -7.02 -15.72 2.43
C LYS D 213 -7.08 -14.78 3.63
N VAL D 214 -7.32 -15.37 4.79
CA VAL D 214 -7.36 -14.61 6.04
C VAL D 214 -6.12 -15.04 6.82
N ALA D 215 -5.24 -14.09 7.12
CA ALA D 215 -4.01 -14.40 7.84
C ALA D 215 -4.02 -13.84 9.26
N VAL D 216 -3.80 -14.71 10.25
CA VAL D 216 -3.77 -14.30 11.64
C VAL D 216 -2.32 -14.26 12.10
N VAL D 217 -1.88 -13.08 12.56
CA VAL D 217 -0.51 -12.91 13.03
C VAL D 217 -0.56 -12.54 14.50
N ALA D 218 0.07 -13.35 15.34
CA ALA D 218 0.08 -13.11 16.78
C ALA D 218 1.31 -12.30 17.17
N GLY D 219 1.08 -11.10 17.70
CA GLY D 219 2.17 -10.23 18.10
C GLY D 219 2.46 -9.19 17.05
N TYR D 220 2.49 -7.92 17.45
CA TYR D 220 2.76 -6.83 16.51
C TYR D 220 4.11 -6.15 16.72
N GLY D 221 5.13 -6.94 17.02
CA GLY D 221 6.45 -6.40 17.19
C GLY D 221 6.98 -6.12 15.80
N ASP D 222 8.28 -5.88 15.69
CA ASP D 222 8.86 -5.60 14.40
C ASP D 222 8.59 -6.78 13.49
N VAL D 223 8.73 -7.99 14.03
CA VAL D 223 8.47 -9.17 13.21
C VAL D 223 7.01 -9.21 12.78
N GLY D 224 6.11 -8.94 13.73
CA GLY D 224 4.69 -8.93 13.41
C GLY D 224 4.32 -7.91 12.33
N LYS D 225 4.82 -6.69 12.50
CA LYS D 225 4.54 -5.62 11.54
C LYS D 225 5.02 -6.03 10.13
N GLY D 226 6.17 -6.67 10.07
CA GLY D 226 6.72 -7.09 8.79
C GLY D 226 5.93 -8.23 8.17
N CYS D 227 5.51 -9.19 8.99
CA CYS D 227 4.74 -10.32 8.47
C CYS D 227 3.36 -9.86 8.04
N ALA D 228 2.74 -8.99 8.84
CA ALA D 228 1.42 -8.46 8.50
C ALA D 228 1.45 -7.71 7.19
N GLN D 229 2.41 -6.81 7.01
CA GLN D 229 2.51 -6.04 5.78
C GLN D 229 2.76 -6.93 4.58
N ALA D 230 3.50 -8.01 4.77
CA ALA D 230 3.77 -8.93 3.67
C ALA D 230 2.45 -9.54 3.22
N LEU D 231 1.86 -10.34 4.10
CA LEU D 231 0.60 -11.01 3.82
C LEU D 231 -0.43 -10.04 3.25
N ARG D 232 -0.68 -8.99 4.02
CA ARG D 232 -1.65 -7.97 3.65
C ARG D 232 -1.34 -7.40 2.26
N GLY D 233 -0.07 -7.35 1.92
CA GLY D 233 0.30 -6.80 0.63
C GLY D 233 0.07 -7.71 -0.55
N PHE D 234 -0.29 -8.96 -0.27
CA PHE D 234 -0.53 -9.95 -1.33
C PHE D 234 -2.02 -10.12 -1.61
N GLY D 235 -2.85 -9.50 -0.79
CA GLY D 235 -4.29 -9.60 -0.98
C GLY D 235 -4.97 -10.37 0.14
N ALA D 236 -4.20 -10.73 1.17
CA ALA D 236 -4.75 -11.48 2.28
C ALA D 236 -5.38 -10.50 3.27
N ARG D 237 -6.30 -11.00 4.10
CA ARG D 237 -6.91 -10.15 5.12
C ARG D 237 -6.26 -10.52 6.45
N VAL D 238 -5.51 -9.58 7.01
CA VAL D 238 -4.76 -9.79 8.25
C VAL D 238 -5.41 -9.37 9.57
N ILE D 239 -5.53 -10.33 10.49
CA ILE D 239 -6.11 -10.08 11.80
C ILE D 239 -4.92 -10.16 12.74
N ILE D 240 -4.87 -9.30 13.75
CA ILE D 240 -3.74 -9.30 14.68
C ILE D 240 -4.20 -9.41 16.11
N THR D 241 -3.45 -10.18 16.89
CA THR D 241 -3.73 -10.37 18.31
C THR D 241 -2.51 -9.82 19.08
N GLU D 242 -2.76 -9.05 20.13
CA GLU D 242 -1.66 -8.49 20.91
C GLU D 242 -2.02 -8.37 22.38
N ILE D 243 -1.00 -8.18 23.23
CA ILE D 243 -1.24 -8.03 24.66
C ILE D 243 -0.84 -6.62 25.10
N GLU D 244 -0.19 -5.88 24.20
CA GLU D 244 0.28 -4.52 24.46
C GLU D 244 -0.66 -3.46 23.89
N PRO D 245 -1.03 -2.46 24.70
CA PRO D 245 -1.93 -1.38 24.25
C PRO D 245 -1.42 -0.62 23.06
N ILE D 246 -0.19 -0.11 23.18
CA ILE D 246 0.44 0.67 22.13
C ILE D 246 0.49 -0.12 20.82
N ASN D 247 1.22 -1.24 20.84
CA ASN D 247 1.35 -2.09 19.66
C ASN D 247 0.00 -2.36 19.03
N ALA D 248 -1.01 -2.59 19.86
CA ALA D 248 -2.36 -2.90 19.38
C ALA D 248 -2.96 -1.65 18.76
N LEU D 249 -2.84 -0.50 19.41
CA LEU D 249 -3.36 0.72 18.84
C LEU D 249 -2.70 0.96 17.47
N GLN D 250 -1.47 0.46 17.34
CA GLN D 250 -0.73 0.61 16.09
C GLN D 250 -1.39 -0.23 14.98
N ALA D 251 -1.61 -1.52 15.26
CA ALA D 251 -2.22 -2.43 14.32
C ALA D 251 -3.57 -1.85 13.92
N ALA D 252 -4.26 -1.28 14.88
CA ALA D 252 -5.57 -0.70 14.60
C ALA D 252 -5.48 0.51 13.71
N MET D 253 -4.47 1.36 13.94
CA MET D 253 -4.29 2.58 13.15
C MET D 253 -3.74 2.30 11.75
N GLU D 254 -3.59 1.01 11.43
CA GLU D 254 -3.09 0.55 10.15
C GLU D 254 -4.16 -0.20 9.33
N GLY D 255 -5.37 -0.27 9.88
CA GLY D 255 -6.46 -0.95 9.21
C GLY D 255 -6.61 -2.41 9.60
N TYR D 256 -5.72 -2.91 10.45
CA TYR D 256 -5.76 -4.31 10.89
C TYR D 256 -6.75 -4.52 12.02
N GLU D 257 -7.50 -5.61 11.96
CA GLU D 257 -8.45 -5.93 13.00
C GLU D 257 -7.70 -6.64 14.12
N VAL D 258 -7.88 -6.17 15.35
CA VAL D 258 -7.20 -6.77 16.51
C VAL D 258 -8.22 -7.41 17.42
N THR D 259 -7.99 -8.70 17.72
CA THR D 259 -8.86 -9.47 18.61
C THR D 259 -8.05 -10.61 19.16
N THR D 260 -8.75 -11.49 19.87
CA THR D 260 -8.13 -12.65 20.49
C THR D 260 -8.00 -13.82 19.53
N MET D 261 -7.06 -14.72 19.82
CA MET D 261 -6.87 -15.90 18.99
C MET D 261 -8.10 -16.75 19.12
N ASP D 262 -8.69 -16.71 20.31
CA ASP D 262 -9.88 -17.50 20.59
C ASP D 262 -10.97 -17.24 19.58
N GLU D 263 -11.13 -15.98 19.19
CA GLU D 263 -12.15 -15.62 18.23
C GLU D 263 -11.65 -15.77 16.79
N ALA D 264 -10.39 -15.38 16.56
CA ALA D 264 -9.78 -15.42 15.24
C ALA D 264 -9.52 -16.80 14.64
N CYS D 265 -9.18 -17.77 15.49
CA CYS D 265 -8.90 -19.13 15.00
C CYS D 265 -10.03 -19.69 14.12
N LYS D 266 -11.21 -19.09 14.23
CA LYS D 266 -12.36 -19.52 13.46
C LYS D 266 -12.38 -18.94 12.05
N GLU D 267 -11.69 -17.82 11.83
CA GLU D 267 -11.71 -17.20 10.53
C GLU D 267 -10.46 -17.38 9.64
N GLY D 268 -9.27 -17.33 10.24
CA GLY D 268 -8.03 -17.45 9.50
C GLY D 268 -7.72 -18.74 8.74
N ASN D 269 -6.88 -18.61 7.71
CA ASN D 269 -6.46 -19.73 6.87
C ASN D 269 -4.97 -19.96 7.04
N ILE D 270 -4.25 -18.90 7.38
CA ILE D 270 -2.80 -18.96 7.59
C ILE D 270 -2.58 -18.37 8.97
N PHE D 271 -1.90 -19.11 9.83
CA PHE D 271 -1.63 -18.63 11.17
C PHE D 271 -0.11 -18.51 11.35
N VAL D 272 0.32 -17.32 11.77
CA VAL D 272 1.73 -17.04 11.97
C VAL D 272 2.00 -16.44 13.36
N THR D 273 2.76 -17.15 14.17
CA THR D 273 3.09 -16.66 15.50
C THR D 273 4.42 -15.93 15.44
N THR D 274 4.41 -14.68 15.89
CA THR D 274 5.60 -13.84 15.92
C THR D 274 5.92 -13.44 17.36
N THR D 275 4.98 -13.69 18.27
CA THR D 275 5.18 -13.38 19.68
C THR D 275 6.31 -14.28 20.11
N GLY D 276 6.99 -13.94 21.20
CA GLY D 276 8.08 -14.78 21.67
C GLY D 276 7.72 -15.56 22.91
N CYS D 277 6.43 -15.87 23.08
CA CYS D 277 5.95 -16.61 24.25
C CYS D 277 5.13 -17.86 23.90
N VAL D 278 4.99 -18.76 24.87
CA VAL D 278 4.28 -20.05 24.73
C VAL D 278 2.77 -20.06 24.69
N ASP D 279 2.24 -21.15 24.15
CA ASP D 279 0.79 -21.39 24.05
C ASP D 279 0.02 -20.32 23.30
N ILE D 280 0.47 -19.98 22.11
CA ILE D 280 -0.22 -18.97 21.33
C ILE D 280 -1.34 -19.64 20.54
N ILE D 281 -1.08 -20.86 20.11
CA ILE D 281 -2.04 -21.66 19.35
C ILE D 281 -2.19 -23.01 20.07
N LEU D 282 -3.41 -23.28 20.56
CA LEU D 282 -3.68 -24.52 21.29
C LEU D 282 -4.63 -25.45 20.56
N GLY D 283 -4.83 -26.64 21.12
CA GLY D 283 -5.76 -27.58 20.53
C GLY D 283 -7.15 -26.99 20.45
N ARG D 284 -7.52 -26.24 21.48
CA ARG D 284 -8.83 -25.62 21.56
C ARG D 284 -9.06 -24.77 20.34
N HIS D 285 -7.97 -24.44 19.66
CA HIS D 285 -8.03 -23.62 18.46
C HIS D 285 -8.06 -24.53 17.24
N PHE D 286 -7.09 -25.43 17.15
CA PHE D 286 -7.02 -26.34 16.03
C PHE D 286 -8.37 -26.95 15.71
N GLU D 287 -9.21 -27.09 16.72
CA GLU D 287 -10.53 -27.67 16.54
C GLU D 287 -11.53 -26.72 15.90
N GLN D 288 -11.13 -25.48 15.69
CA GLN D 288 -12.03 -24.50 15.09
C GLN D 288 -11.56 -24.00 13.74
N MET D 289 -10.32 -24.31 13.40
CA MET D 289 -9.73 -23.86 12.14
C MET D 289 -10.40 -24.44 10.89
N LYS D 290 -10.44 -23.62 9.82
CA LYS D 290 -11.01 -24.04 8.55
C LYS D 290 -10.13 -25.17 8.01
N ASP D 291 -10.72 -26.04 7.18
CA ASP D 291 -10.00 -27.18 6.61
C ASP D 291 -8.72 -26.76 5.93
N ASP D 292 -7.69 -27.57 6.11
CA ASP D 292 -6.38 -27.32 5.52
C ASP D 292 -5.73 -25.98 5.92
N ALA D 293 -6.01 -25.51 7.12
CA ALA D 293 -5.41 -24.26 7.57
C ALA D 293 -3.90 -24.42 7.65
N ILE D 294 -3.15 -23.38 7.29
CA ILE D 294 -1.70 -23.45 7.35
C ILE D 294 -1.23 -22.77 8.62
N VAL D 295 -0.52 -23.51 9.46
CA VAL D 295 -0.03 -22.95 10.72
C VAL D 295 1.49 -23.00 10.75
N CYS D 296 2.09 -21.85 11.02
CA CYS D 296 3.53 -21.72 11.11
C CYS D 296 3.92 -20.70 12.16
N ASN D 297 5.17 -20.79 12.63
CA ASN D 297 5.69 -19.90 13.66
C ASN D 297 7.01 -19.32 13.20
N ILE D 298 7.19 -18.03 13.43
CA ILE D 298 8.41 -17.35 13.04
C ILE D 298 9.14 -16.82 14.27
N GLY D 299 8.54 -16.97 15.45
CA GLY D 299 9.19 -16.53 16.67
C GLY D 299 10.47 -17.36 16.77
N HIS D 300 11.33 -17.12 17.76
CA HIS D 300 12.56 -17.91 17.81
C HIS D 300 12.47 -19.39 18.19
N PHE D 301 11.69 -19.76 19.21
CA PHE D 301 11.62 -21.17 19.60
C PHE D 301 10.32 -21.83 19.21
N ASP D 302 10.25 -23.15 19.37
CA ASP D 302 9.09 -23.94 18.94
C ASP D 302 7.94 -24.32 19.91
N VAL D 303 7.57 -23.41 20.82
CA VAL D 303 6.48 -23.72 21.75
C VAL D 303 5.31 -22.77 21.67
N GLU D 304 5.28 -21.94 20.62
CA GLU D 304 4.20 -20.99 20.44
C GLU D 304 2.97 -21.76 19.98
N ILE D 305 3.22 -22.77 19.15
CA ILE D 305 2.17 -23.63 18.64
C ILE D 305 2.26 -24.94 19.41
N ASP D 306 1.15 -25.41 19.97
CA ASP D 306 1.20 -26.66 20.72
C ASP D 306 1.17 -27.82 19.73
N VAL D 307 2.35 -28.21 19.28
CA VAL D 307 2.50 -29.29 18.32
C VAL D 307 2.24 -30.64 18.99
N LYS D 308 2.59 -30.76 20.26
CA LYS D 308 2.38 -32.00 21.02
C LYS D 308 0.91 -32.38 20.98
N TRP D 309 0.05 -31.41 21.18
CA TRP D 309 -1.38 -31.65 21.15
C TRP D 309 -1.75 -32.33 19.84
N LEU D 310 -1.41 -31.66 18.73
CA LEU D 310 -1.68 -32.17 17.39
C LEU D 310 -1.14 -33.59 17.34
N ASN D 311 0.13 -33.72 17.70
CA ASN D 311 0.77 -35.01 17.70
C ASN D 311 0.03 -36.06 18.50
N GLU D 312 -0.61 -35.63 19.59
CA GLU D 312 -1.31 -36.56 20.47
C GLU D 312 -2.86 -36.56 20.32
N ASN D 313 -3.39 -35.80 19.36
CA ASN D 313 -4.85 -35.75 19.17
C ASN D 313 -5.37 -35.92 17.73
N ALA D 314 -4.47 -35.91 16.75
CA ALA D 314 -4.90 -36.05 15.37
C ALA D 314 -5.07 -37.52 14.98
N VAL D 315 -6.08 -37.79 14.16
CA VAL D 315 -6.35 -39.13 13.70
C VAL D 315 -5.14 -39.74 12.99
N GLU D 316 -4.42 -38.91 12.24
CA GLU D 316 -3.25 -39.36 11.49
C GLU D 316 -2.43 -38.18 11.00
N LYS D 317 -1.14 -38.43 10.79
CA LYS D 317 -0.26 -37.38 10.33
C LYS D 317 0.50 -37.90 9.12
N VAL D 318 0.40 -37.18 8.00
CA VAL D 318 1.07 -37.59 6.77
C VAL D 318 2.06 -36.54 6.32
N ASN D 319 3.31 -36.92 6.17
CA ASN D 319 4.32 -35.96 5.75
C ASN D 319 4.35 -35.76 4.24
N ILE D 320 3.94 -34.58 3.79
CA ILE D 320 3.94 -34.25 2.36
C ILE D 320 5.36 -34.23 1.80
N LYS D 321 6.26 -33.54 2.49
CA LYS D 321 7.66 -33.42 2.09
C LYS D 321 8.38 -32.87 3.32
N PRO D 322 9.73 -32.89 3.33
CA PRO D 322 10.48 -32.38 4.48
C PRO D 322 9.93 -31.09 5.08
N GLN D 323 9.72 -31.09 6.39
CA GLN D 323 9.19 -29.95 7.13
C GLN D 323 7.79 -29.49 6.74
N VAL D 324 6.98 -30.43 6.26
CA VAL D 324 5.60 -30.13 5.88
C VAL D 324 4.74 -31.33 6.23
N ASP D 325 3.86 -31.15 7.21
CA ASP D 325 2.98 -32.23 7.63
C ASP D 325 1.50 -31.83 7.55
N ARG D 326 0.68 -32.77 7.08
CA ARG D 326 -0.75 -32.58 6.98
C ARG D 326 -1.39 -33.53 8.01
N TYR D 327 -2.09 -32.96 8.97
CA TYR D 327 -2.75 -33.72 10.02
C TYR D 327 -4.24 -33.86 9.74
N LEU D 328 -4.79 -35.00 10.15
CA LEU D 328 -6.21 -35.24 10.00
C LEU D 328 -6.82 -35.18 11.41
N LEU D 329 -7.57 -34.13 11.69
CA LEU D 329 -8.21 -33.99 12.99
C LEU D 329 -9.42 -34.95 13.09
N LYS D 330 -10.08 -34.99 14.24
CA LYS D 330 -11.22 -35.89 14.38
C LYS D 330 -12.47 -35.32 13.74
N ASN D 331 -12.51 -34.01 13.57
CA ASN D 331 -13.69 -33.40 12.95
C ASN D 331 -13.58 -33.47 11.45
N GLY D 332 -12.49 -34.10 10.98
CA GLY D 332 -12.28 -34.24 9.55
C GLY D 332 -11.43 -33.21 8.84
N HIS D 333 -11.29 -32.01 9.45
CA HIS D 333 -10.48 -30.94 8.87
C HIS D 333 -9.03 -31.36 8.89
N ARG D 334 -8.23 -30.76 8.02
CA ARG D 334 -6.79 -31.06 7.97
C ARG D 334 -5.98 -29.83 8.37
N ILE D 335 -4.85 -30.05 9.02
CA ILE D 335 -4.01 -28.94 9.45
C ILE D 335 -2.60 -29.11 8.95
N ILE D 336 -2.21 -28.24 8.03
CA ILE D 336 -0.88 -28.29 7.45
C ILE D 336 0.05 -27.53 8.36
N LEU D 337 0.93 -28.26 9.05
CA LEU D 337 1.89 -27.68 9.99
C LEU D 337 3.24 -27.50 9.28
N LEU D 338 3.87 -26.33 9.45
CA LEU D 338 5.16 -26.09 8.81
C LEU D 338 6.39 -26.13 9.73
N ALA D 339 7.35 -26.97 9.36
CA ALA D 339 8.59 -27.12 10.12
C ALA D 339 8.40 -27.54 11.58
N GLU D 340 7.34 -28.28 11.87
CA GLU D 340 7.05 -28.75 13.23
C GLU D 340 7.07 -27.63 14.25
N GLY D 341 6.42 -26.52 13.91
CA GLY D 341 6.35 -25.38 14.81
C GLY D 341 7.63 -24.59 14.89
N ARG D 342 8.65 -25.04 14.18
CA ARG D 342 9.96 -24.37 14.16
C ARG D 342 9.93 -23.15 13.23
N LEU D 343 11.03 -22.40 13.24
CA LEU D 343 11.16 -21.18 12.42
C LEU D 343 10.86 -21.49 10.96
N VAL D 344 9.76 -20.90 10.47
CA VAL D 344 9.31 -21.14 9.11
C VAL D 344 10.19 -20.62 7.99
N ASN D 345 10.63 -19.35 8.09
CA ASN D 345 11.47 -18.77 7.05
C ASN D 345 12.78 -19.53 6.89
N LEU D 346 13.36 -19.94 8.01
CA LEU D 346 14.63 -20.67 7.98
C LEU D 346 14.44 -22.18 7.83
N GLY D 347 13.32 -22.70 8.32
CA GLY D 347 13.08 -24.13 8.22
C GLY D 347 12.61 -24.56 6.83
N CYS D 348 11.70 -23.78 6.25
CA CYS D 348 11.15 -24.08 4.93
C CYS D 348 11.70 -23.26 3.78
N ALA D 349 12.46 -22.21 4.10
CA ALA D 349 13.06 -21.34 3.09
C ALA D 349 14.53 -21.09 3.43
N MET D 350 15.12 -20.06 2.84
CA MET D 350 16.52 -19.72 3.06
C MET D 350 16.81 -18.60 4.05
N GLY D 351 15.81 -18.19 4.85
CA GLY D 351 15.98 -17.13 5.82
C GLY D 351 15.94 -15.74 5.18
N HIS D 352 16.37 -14.73 5.93
CA HIS D 352 16.40 -13.34 5.42
C HIS D 352 17.38 -13.25 4.27
N PRO D 353 17.16 -12.29 3.38
CA PRO D 353 18.04 -12.08 2.22
C PRO D 353 19.38 -11.49 2.66
N SER D 354 20.41 -11.73 1.87
CA SER D 354 21.75 -11.25 2.18
C SER D 354 21.83 -9.80 2.65
N PHE D 355 21.46 -8.87 1.77
CA PHE D 355 21.53 -7.45 2.10
C PHE D 355 21.07 -7.05 3.49
N VAL D 356 20.02 -7.68 4.00
CA VAL D 356 19.53 -7.29 5.31
C VAL D 356 20.36 -7.95 6.39
N MET D 357 20.80 -9.18 6.13
CA MET D 357 21.60 -9.91 7.10
C MET D 357 22.93 -9.19 7.27
N SER D 358 23.37 -8.52 6.22
CA SER D 358 24.62 -7.77 6.27
C SER D 358 24.56 -6.72 7.40
N ASN D 359 23.40 -6.09 7.58
CA ASN D 359 23.26 -5.08 8.61
C ASN D 359 23.48 -5.70 9.98
N SER D 360 22.77 -6.80 10.23
CA SER D 360 22.84 -7.52 11.50
C SER D 360 24.22 -8.12 11.80
N PHE D 361 24.83 -8.73 10.79
CA PHE D 361 26.13 -9.34 10.98
C PHE D 361 27.26 -8.35 11.13
N THR D 362 27.08 -7.14 10.60
CA THR D 362 28.11 -6.11 10.73
C THR D 362 28.10 -5.67 12.21
N ASN D 363 26.89 -5.56 12.77
CA ASN D 363 26.71 -5.18 14.17
C ASN D 363 27.34 -6.28 15.03
N GLN D 364 27.24 -7.49 14.53
CA GLN D 364 27.76 -8.66 15.23
C GLN D 364 29.29 -8.66 15.27
N VAL D 365 29.93 -8.22 14.19
CA VAL D 365 31.39 -8.17 14.14
C VAL D 365 31.88 -6.97 14.98
N MET D 366 31.19 -5.86 14.85
CA MET D 366 31.53 -4.67 15.61
C MET D 366 31.54 -5.04 17.09
N ALA D 367 30.50 -5.73 17.55
CA ALA D 367 30.34 -6.14 18.94
C ALA D 367 31.51 -6.99 19.44
N GLN D 368 31.88 -8.03 18.70
CA GLN D 368 33.00 -8.86 19.10
C GLN D 368 34.24 -7.98 19.29
N ILE D 369 34.46 -7.04 18.38
CA ILE D 369 35.61 -6.16 18.48
C ILE D 369 35.55 -5.27 19.74
N GLU D 370 34.35 -4.88 20.14
CA GLU D 370 34.19 -4.04 21.33
C GLU D 370 34.50 -4.85 22.59
N LEU D 371 33.91 -6.04 22.67
CA LEU D 371 34.07 -6.93 23.82
C LEU D 371 35.50 -7.45 23.98
N TRP D 372 36.08 -7.88 22.87
CA TRP D 372 37.41 -8.44 22.90
C TRP D 372 38.54 -7.42 22.92
N THR D 373 38.22 -6.15 22.67
CA THR D 373 39.28 -5.13 22.64
C THR D 373 39.15 -4.00 23.67
N HIS D 374 37.91 -3.71 24.06
CA HIS D 374 37.64 -2.67 25.05
C HIS D 374 36.90 -3.24 26.27
N PRO D 375 37.30 -4.44 26.76
CA PRO D 375 36.65 -5.06 27.92
C PRO D 375 36.22 -4.11 29.04
N ASP D 376 36.98 -3.03 29.22
CA ASP D 376 36.71 -2.04 30.27
C ASP D 376 35.32 -1.46 30.16
N LYS D 377 34.97 -1.04 28.96
CA LYS D 377 33.69 -0.39 28.73
C LYS D 377 32.51 -1.34 28.91
N TYR D 378 32.81 -2.63 29.01
CA TYR D 378 31.75 -3.62 29.15
C TYR D 378 31.88 -4.52 30.37
N PRO D 379 31.35 -4.05 31.51
CA PRO D 379 31.37 -4.79 32.77
C PRO D 379 30.23 -5.79 32.74
N VAL D 380 30.30 -6.84 33.55
CA VAL D 380 29.24 -7.84 33.54
C VAL D 380 27.89 -7.16 33.53
N GLY D 381 27.06 -7.57 32.57
CA GLY D 381 25.72 -7.02 32.40
C GLY D 381 25.35 -7.17 30.94
N VAL D 382 24.41 -6.36 30.46
CA VAL D 382 24.01 -6.43 29.06
C VAL D 382 23.93 -5.03 28.46
N HIS D 383 24.79 -4.75 27.50
CA HIS D 383 24.87 -3.41 26.90
C HIS D 383 24.45 -3.28 25.44
N PHE D 384 24.22 -2.04 25.02
CA PHE D 384 23.84 -1.75 23.65
C PHE D 384 25.13 -1.45 22.89
N LEU D 385 25.08 -1.55 21.57
CA LEU D 385 26.25 -1.24 20.77
C LEU D 385 26.24 0.27 20.55
N PRO D 386 27.42 0.91 20.67
CA PRO D 386 27.52 2.36 20.49
C PRO D 386 26.70 2.92 19.33
N LYS D 387 25.88 3.91 19.62
CA LYS D 387 25.05 4.55 18.61
C LYS D 387 25.91 4.89 17.41
N LYS D 388 27.15 5.28 17.65
CA LYS D 388 28.05 5.64 16.57
C LYS D 388 28.32 4.43 15.68
N LEU D 389 28.59 3.28 16.29
CA LEU D 389 28.84 2.06 15.54
C LEU D 389 27.56 1.62 14.84
N ASP D 390 26.43 1.88 15.50
CA ASP D 390 25.14 1.52 14.96
C ASP D 390 24.94 2.31 13.67
N GLU D 391 24.96 3.63 13.78
CA GLU D 391 24.77 4.49 12.61
C GLU D 391 25.82 4.22 11.54
N ALA D 392 26.84 3.46 11.88
CA ALA D 392 27.91 3.13 10.93
C ALA D 392 27.49 2.03 9.97
N VAL D 393 26.68 1.10 10.47
CA VAL D 393 26.17 -0.03 9.66
C VAL D 393 25.29 0.56 8.56
N ALA D 394 24.30 1.34 8.95
CA ALA D 394 23.40 1.98 8.00
C ALA D 394 24.23 2.71 6.96
N GLU D 395 25.11 3.58 7.44
CA GLU D 395 25.96 4.36 6.55
C GLU D 395 26.73 3.51 5.53
N ALA D 396 27.23 2.36 5.96
CA ALA D 396 28.00 1.48 5.08
C ALA D 396 27.20 0.72 4.01
N HIS D 397 25.89 0.91 3.98
CA HIS D 397 25.04 0.22 3.01
C HIS D 397 24.34 1.19 2.07
N LEU D 398 24.58 2.48 2.28
CA LEU D 398 23.95 3.51 1.46
C LEU D 398 24.45 3.49 0.01
N GLY D 399 25.73 3.21 -0.18
CA GLY D 399 26.31 3.20 -1.51
C GLY D 399 25.73 2.18 -2.45
N LYS D 400 25.62 0.94 -1.98
CA LYS D 400 25.07 -0.14 -2.80
C LYS D 400 23.67 0.23 -3.31
N LEU D 401 22.91 0.96 -2.49
CA LEU D 401 21.56 1.39 -2.83
C LEU D 401 21.55 2.70 -3.60
N ASN D 402 22.72 3.26 -3.89
CA ASN D 402 22.77 4.51 -4.63
C ASN D 402 22.12 5.63 -3.85
N VAL D 403 22.17 5.54 -2.54
CA VAL D 403 21.57 6.57 -1.70
C VAL D 403 22.52 7.76 -1.59
N LYS D 404 22.01 8.96 -1.85
CA LYS D 404 22.79 10.21 -1.78
C LYS D 404 22.36 11.04 -0.59
N LEU D 405 23.15 10.98 0.48
CA LEU D 405 22.83 11.74 1.67
C LEU D 405 23.04 13.22 1.39
N THR D 406 22.39 14.09 2.14
CA THR D 406 22.54 15.52 1.98
C THR D 406 23.60 15.99 2.99
N LYS D 407 24.08 17.22 2.83
CA LYS D 407 25.07 17.76 3.75
C LYS D 407 24.66 19.13 4.26
N LEU D 408 24.67 19.28 5.57
CA LEU D 408 24.30 20.54 6.21
C LEU D 408 25.39 21.54 5.88
N THR D 409 25.05 22.83 5.89
CA THR D 409 26.03 23.88 5.64
C THR D 409 26.44 24.41 7.02
N GLU D 410 27.57 25.09 7.11
CA GLU D 410 27.99 25.60 8.40
C GLU D 410 26.79 26.34 9.02
N LYS D 411 26.10 27.11 8.19
CA LYS D 411 24.94 27.87 8.63
C LYS D 411 23.86 26.98 9.27
N GLN D 412 23.55 25.85 8.62
CA GLN D 412 22.54 24.92 9.10
C GLN D 412 23.07 24.24 10.36
N ALA D 413 24.22 23.58 10.25
CA ALA D 413 24.83 22.92 11.40
C ALA D 413 24.77 23.83 12.62
N GLN D 414 24.80 25.12 12.37
CA GLN D 414 24.71 26.10 13.44
C GLN D 414 23.26 26.13 13.93
N TYR D 415 22.35 26.53 13.04
CA TYR D 415 20.93 26.62 13.35
C TYR D 415 20.51 25.55 14.37
N LEU D 416 20.72 24.29 14.00
CA LEU D 416 20.36 23.14 14.81
C LEU D 416 21.23 23.02 16.05
N GLY D 417 22.51 23.24 15.85
CA GLY D 417 23.43 23.14 16.96
C GLY D 417 24.15 21.81 16.86
N MET D 418 23.92 21.11 15.74
CA MET D 418 24.56 19.82 15.52
C MET D 418 25.83 20.02 14.70
N PRO D 419 26.62 18.95 14.52
CA PRO D 419 27.86 19.06 13.76
C PRO D 419 27.61 18.76 12.29
N ILE D 420 27.86 19.78 11.50
CA ILE D 420 27.68 19.72 10.07
C ILE D 420 28.10 18.35 9.53
N ASN D 421 29.11 17.77 10.15
CA ASN D 421 29.63 16.48 9.73
C ASN D 421 29.46 15.45 10.86
N GLY D 422 29.09 15.94 12.04
CA GLY D 422 28.90 15.06 13.18
C GLY D 422 27.46 14.64 13.44
N PRO D 423 27.20 13.85 14.50
CA PRO D 423 25.86 13.34 14.88
C PRO D 423 24.89 14.38 15.42
N PHE D 424 23.61 14.15 15.18
CA PHE D 424 22.59 15.09 15.61
C PHE D 424 21.38 14.35 16.20
N LYS D 425 21.40 13.03 16.14
CA LYS D 425 20.27 12.26 16.65
C LYS D 425 20.39 11.86 18.12
N PRO D 426 19.45 12.32 18.94
CA PRO D 426 19.45 11.99 20.37
C PRO D 426 19.11 10.51 20.53
N ASP D 427 19.35 9.98 21.73
CA ASP D 427 19.09 8.57 22.02
C ASP D 427 17.65 8.26 22.38
N HIS D 428 16.78 9.28 22.33
CA HIS D 428 15.36 9.09 22.59
C HIS D 428 14.74 8.68 21.27
N TYR D 429 15.40 9.05 20.18
CA TYR D 429 14.94 8.72 18.84
C TYR D 429 14.62 7.24 18.82
N ARG D 430 13.45 6.89 18.30
CA ARG D 430 13.09 5.48 18.26
C ARG D 430 13.12 4.91 16.83
N TYR D 431 12.93 5.78 15.83
CA TYR D 431 12.93 5.38 14.43
C TYR D 431 11.72 4.51 14.11
PA NAI E . -20.77 0.79 -11.09
O1A NAI E . -22.00 0.33 -11.78
O2A NAI E . -19.47 0.36 -11.73
O5B NAI E . -20.69 0.16 -9.64
C5B NAI E . -21.74 0.27 -8.68
C4B NAI E . -21.68 -1.12 -8.12
O4B NAI E . -22.68 -1.31 -7.10
C3B NAI E . -21.94 -2.23 -9.16
O3B NAI E . -20.78 -3.12 -9.30
C2B NAI E . -23.20 -2.91 -8.63
O2B NAI E . -23.12 -4.32 -8.97
C1B NAI E . -23.12 -2.62 -7.12
N9A NAI E . -24.41 -2.56 -6.46
C8A NAI E . -25.62 -2.21 -7.00
N7A NAI E . -26.61 -2.25 -6.12
C5A NAI E . -25.99 -2.64 -4.95
C6A NAI E . -26.48 -2.86 -3.63
N6A NAI E . -27.75 -2.71 -3.26
N1A NAI E . -25.59 -3.25 -2.67
C2A NAI E . -24.27 -3.40 -3.03
N3A NAI E . -23.73 -3.22 -4.22
C4A NAI E . -24.63 -2.84 -5.14
O3 NAI E . -20.89 2.37 -10.99
PN NAI E . -19.69 3.49 -10.98
O1N NAI E . -19.16 3.91 -12.29
O2N NAI E . -18.60 2.98 -10.05
O5D NAI E . -20.63 4.69 -10.43
C5D NAI E . -21.59 4.42 -9.34
C4D NAI E . -22.37 5.68 -9.04
O4D NAI E . -21.46 6.74 -8.69
C3D NAI E . -23.23 6.21 -10.16
O3D NAI E . -24.47 6.73 -9.61
C2D NAI E . -22.38 7.35 -10.72
O2D NAI E . -23.19 8.33 -11.39
C1D NAI E . -21.70 7.88 -9.50
N1N NAI E . -20.42 8.56 -9.71
C2N NAI E . -20.11 9.68 -8.89
C3N NAI E . -18.84 10.40 -9.02
C7N NAI E . -18.63 11.57 -8.09
O7N NAI E . -17.54 12.14 -8.25
N7N NAI E . -19.53 11.98 -7.14
C4N NAI E . -17.86 9.95 -10.04
C5N NAI E . -18.26 8.76 -10.89
C6N NAI E . -19.44 8.16 -10.70
O5' ADY F . -22.38 13.62 -11.01
C5' ADY F . -21.44 12.56 -11.19
C4' ADY F . -20.27 13.24 -11.91
O4' ADY F . -19.61 14.22 -11.06
C3' ADY F . -19.15 12.57 -12.65
O3' ADY F . -19.33 11.71 -13.52
C2' ADY F . -17.84 13.22 -12.19
O2' ADY F . -17.03 13.21 -13.38
C1' ADY F . -18.49 14.57 -11.84
N9 ADY F . -17.59 15.53 -11.15
C8 ADY F . -16.75 15.29 -10.02
N7 ADY F . -16.06 16.33 -9.61
C5 ADY F . -16.43 17.34 -10.52
C6 ADY F . -16.07 18.74 -10.65
N6 ADY F . -15.21 19.35 -9.85
N1 ADY F . -16.65 19.43 -11.67
C2 ADY F . -17.53 18.82 -12.50
N3 ADY F . -17.94 17.56 -12.47
C4 ADY F . -17.36 16.86 -11.46
PA NAI G . -0.94 -7.03 -22.36
O1A NAI G . -1.15 -6.94 -23.83
O2A NAI G . -2.12 -6.63 -21.55
O5B NAI G . 0.22 -6.04 -21.90
C5B NAI G . 1.56 -6.07 -22.47
C4B NAI G . 1.83 -4.60 -22.62
O4B NAI G . 3.14 -4.39 -23.19
C3B NAI G . 0.86 -3.87 -23.54
O3B NAI G . 0.08 -2.89 -22.81
C2B NAI G . 1.78 -3.28 -24.60
O2B NAI G . 1.28 -2.00 -24.98
C1B NAI G . 3.14 -3.20 -23.87
N9A NAI G . 4.28 -3.27 -24.75
C8A NAI G . 4.36 -3.93 -25.95
N7A NAI G . 5.57 -3.81 -26.53
C5A NAI G . 6.27 -3.03 -25.63
C6A NAI G . 7.59 -2.55 -25.64
N6A NAI G . 8.48 -2.78 -26.60
N1A NAI G . 8.01 -1.79 -24.58
C2A NAI G . 7.11 -1.55 -23.58
N3A NAI G . 5.87 -1.94 -23.49
C4A NAI G . 5.50 -2.69 -24.53
O3 NAI G . -0.51 -8.53 -22.05
PN NAI G . -0.80 -9.39 -20.70
O1N NAI G . -2.16 -9.93 -20.60
O2N NAI G . -0.44 -8.54 -19.54
O5D NAI G . 0.22 -10.59 -21.04
C5D NAI G . 1.54 -10.21 -21.56
C4D NAI G . 2.34 -11.44 -21.85
O4D NAI G . 2.47 -12.21 -20.67
C3D NAI G . 1.75 -12.37 -22.92
O3D NAI G . 2.81 -12.90 -23.75
C2D NAI G . 1.13 -13.48 -22.10
O2D NAI G . 1.11 -14.71 -22.86
C1D NAI G . 2.04 -13.55 -20.90
N1N NAI G . 1.44 -14.05 -19.66
C2N NAI G . 2.21 -14.86 -18.80
C3N NAI G . 1.68 -15.38 -17.55
C7N NAI G . 2.62 -16.22 -16.75
O7N NAI G . 2.09 -16.63 -15.68
N7N NAI G . 3.91 -16.53 -17.11
C4N NAI G . 0.30 -15.06 -17.17
C5N NAI G . -0.49 -14.18 -18.13
C6N NAI G . 0.08 -13.75 -19.26
O5' ADY H . 1.78 -19.57 -20.73
C5' ADY H . 1.08 -18.44 -20.24
C4' ADY H . 0.08 -19.07 -19.30
O4' ADY H . 0.74 -19.68 -18.15
C3' ADY H . -1.11 -18.39 -18.71
O3' ADY H . -1.98 -17.87 -19.44
C2' ADY H . -1.15 -18.68 -17.22
O2' ADY H . -2.54 -18.77 -16.94
C1' ADY H . -0.37 -19.99 -17.32
N9 ADY H . 0.02 -20.60 -16.01
C8 ADY H . 0.64 -19.96 -14.92
N7 ADY H . 0.87 -20.75 -13.88
C5 ADY H . 0.39 -21.98 -14.30
C6 ADY H . 0.31 -23.29 -13.67
N6 ADY H . 0.76 -23.54 -12.45
N1 ADY H . -0.25 -24.30 -14.39
C2 ADY H . -0.71 -24.07 -15.64
N3 ADY H . -0.70 -22.91 -16.33
C4 ADY H . -0.13 -21.91 -15.61
PA NAI I . 12.76 14.30 13.27
O1A NAI I . 13.98 14.81 13.96
O2A NAI I . 12.36 12.92 13.67
O5B NAI I . 13.03 14.21 11.71
C5B NAI I . 13.48 15.34 10.97
C4B NAI I . 14.51 14.71 10.08
O4B NAI I . 15.12 15.72 9.24
C3B NAI I . 15.68 14.07 10.84
O3B NAI I . 15.71 12.62 10.63
C2B NAI I . 16.87 14.84 10.28
O2B NAI I . 18.04 14.01 10.19
C1B NAI I . 16.38 15.32 8.91
N9A NAI I . 17.04 16.52 8.44
C8A NAI I . 17.55 17.54 9.19
N7A NAI I . 18.10 18.51 8.45
C5A NAI I . 17.92 18.06 7.16
C6A NAI I . 18.26 18.63 5.90
N6A NAI I . 18.90 19.79 5.73
N1A NAI I . 17.94 17.91 4.76
C2A NAI I . 17.28 16.71 4.92
N3A NAI I . 16.93 16.13 6.04
C4A NAI I . 17.26 16.84 7.13
O3 NAI I . 11.60 15.33 13.52
PN NAI I . 10.02 15.03 13.59
O1N NAI I . 9.49 14.51 14.88
O2N NAI I . 9.70 14.12 12.45
O5D NAI I . 9.55 16.54 13.44
C5D NAI I . 10.23 17.40 12.49
C4D NAI I . 9.62 18.77 12.58
O4D NAI I . 8.22 18.69 12.36
C3D NAI I . 9.81 19.50 13.91
O3D NAI I . 10.10 20.89 13.65
C2D NAI I . 8.47 19.35 14.59
O2D NAI I . 8.18 20.45 15.50
C1D NAI I . 7.53 19.33 13.42
N1N NAI I . 6.25 18.63 13.65
C2N NAI I . 5.09 19.19 13.07
C3N NAI I . 3.78 18.59 13.24
C7N NAI I . 2.64 19.30 12.57
O7N NAI I . 1.54 18.75 12.73
N7N NAI I . 2.79 20.44 11.84
C4N NAI I . 3.67 17.35 14.03
C5N NAI I . 4.96 16.80 14.63
C6N NAI I . 6.11 17.43 14.44
O5' ADY J . 3.51 22.73 16.41
C5' ADY J . 3.86 21.37 16.24
C4' ADY J . 2.71 20.64 16.94
O4' ADY J . 1.44 20.84 16.28
C3' ADY J . 2.63 19.23 17.30
O3' ADY J . 3.59 18.67 18.02
C2' ADY J . 1.34 18.62 16.92
O2' ADY J . 1.04 17.69 17.97
C1' ADY J . 0.59 19.96 16.96
N9 ADY J . -0.79 19.96 16.42
C8 ADY J . -1.20 19.43 15.19
N7 ADY J . -2.49 19.57 14.96
C5 ADY J . -2.97 20.22 16.10
C6 ADY J . -4.30 20.68 16.52
N6 ADY J . -5.40 20.53 15.78
N1 ADY J . -4.39 21.30 17.73
C2 ADY J . -3.29 21.46 18.49
N3 ADY J . -2.03 21.07 18.22
C4 ADY J . -1.94 20.46 17.00
PA NAI K . 8.65 -8.15 20.07
O1A NAI K . 8.82 -8.26 21.52
O2A NAI K . 8.90 -6.78 19.52
O5B NAI K . 7.16 -8.43 19.65
C5B NAI K . 6.49 -9.64 19.99
C4B NAI K . 5.16 -9.08 20.41
O4B NAI K . 4.30 -10.15 20.84
C3B NAI K . 5.25 -8.10 21.59
O3B NAI K . 4.84 -6.77 21.18
C2B NAI K . 4.35 -8.78 22.63
O2B NAI K . 3.62 -7.80 23.39
C1B NAI K . 3.44 -9.67 21.77
N9A NAI K . 2.95 -10.83 22.49
C8A NAI K . 3.59 -11.52 23.50
N7A NAI K . 2.87 -12.54 23.96
C5A NAI K . 1.72 -12.49 23.20
C6A NAI K . 0.55 -13.29 23.18
N6A NAI K . 0.35 -14.32 24.00
N1A NAI K . -0.44 -12.98 22.28
C2A NAI K . -0.24 -11.91 21.45
N3A NAI K . 0.81 -11.11 21.40
C4A NAI K . 1.75 -11.45 22.29
O3 NAI K . 9.59 -9.25 19.39
PN NAI K . 10.27 -9.21 17.91
O1N NAI K . 11.54 -8.45 17.81
O2N NAI K . 9.23 -8.72 16.96
O5D NAI K . 10.65 -10.76 17.85
C5D NAI K . 9.66 -11.75 18.28
C4D NAI K . 10.27 -13.13 18.17
O4D NAI K . 10.69 -13.37 16.82
C3D NAI K . 11.48 -13.40 19.05
O3D NAI K . 11.41 -14.71 19.62
C2D NAI K . 12.64 -13.31 18.10
O2D NAI K . 13.74 -14.12 18.53
C1D NAI K . 12.04 -13.79 16.82
N1N NAI K . 12.68 -13.28 15.60
C2N NAI K . 12.77 -14.16 14.49
C3N NAI K . 13.37 -13.73 13.23
C7N NAI K . 13.42 -14.76 12.16
O7N NAI K . 13.94 -14.36 11.11
N7N NAI K . 12.92 -16.03 12.27
C4N NAI K . 13.90 -12.36 13.11
C5N NAI K . 13.76 -11.48 14.35
C6N NAI K . 13.19 -11.94 15.46
O5' ADY L . 16.96 -16.89 15.19
C5' ADY L . 16.39 -15.58 15.10
C4' ADY L . 17.38 -14.88 14.21
O4' ADY L . 17.36 -15.45 12.89
C3' ADY L . 17.55 -13.46 13.93
O3' ADY L . 17.68 -12.60 14.91
C2' ADY L . 17.65 -13.20 12.47
O2' ADY L . 18.56 -12.11 12.35
C1' ADY L . 18.23 -14.60 12.19
N9 ADY L . 18.36 -14.97 10.76
C8 ADY L . 17.36 -14.86 9.75
N7 ADY L . 17.75 -15.26 8.57
C5 ADY L . 19.09 -15.66 8.78
C6 ADY L . 20.12 -16.20 7.93
N6 ADY L . 19.94 -16.44 6.62
N1 ADY L . 21.34 -16.48 8.48
C2 ADY L . 21.55 -16.26 9.79
N3 ADY L . 20.69 -15.76 10.69
C4 ADY L . 19.47 -15.48 10.12
#